data_7SOL
#
_entry.id   7SOL
#
_cell.length_a   248.572
_cell.length_b   101.317
_cell.length_c   122.921
_cell.angle_alpha   90.000
_cell.angle_beta   117.996
_cell.angle_gamma   90.000
#
_symmetry.space_group_name_H-M   'C 1 2 1'
#
loop_
_entity.id
_entity.type
_entity.pdbx_description
1 polymer 'Ubiquitin-like modifier-activating enzyme 6'
2 polymer Ubiquitin
3 non-polymer 'INOSITOL HEXAKISPHOSPHATE'
4 non-polymer 'ADENOSINE MONOPHOSPHATE'
5 water water
#
loop_
_entity_poly.entity_id
_entity_poly.type
_entity_poly.pdbx_seq_one_letter_code
_entity_poly.pdbx_strand_id
1 'polypeptide(L)'
;GAMGVEIDDALYSRQRYVLGDTAMQKMAKSHVFLSGMGGLGLEIAKNLVLAGIKAVTIHDTEKCQAWDLGTNFFLSEDDV
VNKRNRAEAVLKHIAELNPYVHVTSSSVPFNETTDLSFLDKYQCVVLTEMKLPLQKKINDFCRSQCPPIKFISADVHGIW
SRLFCDFGDEFEVLDTTGEEPKEIFISNITQANPGIVTCLENHPHKLETGQFLTFREINGMTGLNGSIQQITVISPFSFS
IGDTTELEPYLHGGIAVQVKTPKTVFFESLERQLKHPKCLIVDFSNPEAPLEIHTAMLALDQFQEKYSRKPNVGCQQDSE
ELLKLATSISETLEEKPDVNADIVHWLSWTAQGFLSPLAAAVGGVASQEVLKAVTGKFSPLCQWLYLEAADIVESLGKPE
CEEFLPRGDRYDALRACIGDTLCQKLQNLNIFLVGCGAIGCEMLKNFALLGVGTSKEKGMITVTDPDLIEKSNLNRQFLF
RPHHIQKPKSYTAADATLKINSQIKIDAHLNKVCPTTETIYNDEFYTKQDVIITALDNVEARRYVDSRCLANLRPLLDSG
TMGTKGHTEVIVPHLTESYNSHRDPPEEEIPFATLKSFPAAIEHTIQWARDKFESSFSHKPSLFNKFWQTYSSAEEVLQK
IQSGHSLEGCFQVIKLLSRRPRNWSQCVELARLKFEKYFNHKALQLLHCFPLDIRLKDGSLFWQSPKRPPSPIKFDLNEP
LHLSFLQNAAKLYATVYCIPFAEEDLSADALLNILSEVKIQEFKPSNKVVQTDETARKPDHVPISSEDERNAIFQLEKAI
LSNEATKSDLQMAVLSFEKDDDHNGHIDFITAASNLRAKMYSIEPADRFKTKRIAGKIIPAIATTTATVSGLVALEMIKV
TGGYPFEAYKNCFLNLAIPIVVFTETTEVRKTKIRNGISFTIWDRWTVHGKEDFTLLDFINAVKEKYGIEPTMVVQGVKM
LYVPVMPGHAKRLKLTMHKLVKPTTEKKYVDLTVSFAPDIDGDEDLPGPPVRYYFSHDTD
;
A,C
2 'polypeptide(L)'
;MHHHHHHMQIFVRTLTGRTITLEVESSDTIDNVRARIQDREGIPPDQQRLIFAGRQLEDGRTLADYNIQRESTLHLVLRL
RGG
;
B,D
#
# COMPACT_ATOMS: atom_id res chain seq x y z
N ASP A 8 45.84 -3.88 -24.54
CA ASP A 8 47.27 -3.68 -24.67
C ASP A 8 48.06 -4.57 -23.70
N ASP A 9 47.79 -4.43 -22.41
CA ASP A 9 48.62 -5.02 -21.36
C ASP A 9 47.82 -6.05 -20.57
N ALA A 10 48.55 -6.83 -19.76
CA ALA A 10 47.96 -7.68 -18.74
C ALA A 10 47.48 -6.90 -17.53
N LEU A 11 47.89 -5.63 -17.39
CA LEU A 11 47.32 -4.76 -16.39
C LEU A 11 45.90 -4.35 -16.76
N TYR A 12 45.59 -4.31 -18.06
CA TYR A 12 44.32 -3.81 -18.56
C TYR A 12 43.36 -4.91 -18.98
N SER A 13 43.69 -6.18 -18.72
CA SER A 13 42.92 -7.29 -19.26
C SER A 13 41.44 -7.17 -18.92
N ARG A 14 41.11 -7.15 -17.63
CA ARG A 14 39.70 -7.20 -17.23
C ARG A 14 38.89 -6.04 -17.81
N GLN A 15 39.48 -4.86 -17.92
CA GLN A 15 38.73 -3.70 -18.40
C GLN A 15 38.76 -3.56 -19.92
N ARG A 16 39.71 -4.22 -20.59
CA ARG A 16 39.69 -4.29 -22.05
C ARG A 16 38.39 -4.93 -22.55
N TYR A 17 37.86 -5.89 -21.80
CA TYR A 17 36.61 -6.53 -22.16
C TYR A 17 35.42 -5.61 -21.96
N VAL A 18 35.56 -4.56 -21.17
CA VAL A 18 34.48 -3.59 -20.99
C VAL A 18 34.45 -2.60 -22.14
N LEU A 19 35.58 -2.01 -22.47
CA LEU A 19 35.63 -0.89 -23.40
C LEU A 19 35.92 -1.28 -24.84
N GLY A 20 36.72 -2.32 -25.07
CA GLY A 20 37.11 -2.68 -26.41
C GLY A 20 38.39 -1.98 -26.84
N ASP A 21 39.07 -2.60 -27.82
CA ASP A 21 40.38 -2.10 -28.23
C ASP A 21 40.29 -0.70 -28.82
N THR A 22 39.25 -0.42 -29.59
CA THR A 22 39.13 0.90 -30.21
C THR A 22 39.02 2.00 -29.15
N ALA A 23 38.23 1.76 -28.11
CA ALA A 23 38.07 2.78 -27.07
C ALA A 23 39.35 2.94 -26.25
N MET A 24 40.04 1.83 -25.96
CA MET A 24 41.29 1.90 -25.19
C MET A 24 42.31 2.79 -25.89
N GLN A 25 42.42 2.66 -27.23
CA GLN A 25 43.42 3.42 -27.96
C GLN A 25 43.15 4.92 -27.88
N LYS A 26 41.88 5.33 -27.91
CA LYS A 26 41.56 6.74 -27.74
C LYS A 26 41.93 7.21 -26.34
N MET A 27 41.75 6.35 -25.33
CA MET A 27 42.20 6.70 -23.99
C MET A 27 43.71 6.83 -23.92
N ALA A 28 44.44 6.04 -24.71
CA ALA A 28 45.89 6.19 -24.72
C ALA A 28 46.34 7.49 -25.38
N LYS A 29 45.43 8.26 -25.97
CA LYS A 29 45.76 9.52 -26.61
C LYS A 29 45.09 10.72 -25.96
N SER A 30 44.41 10.54 -24.83
CA SER A 30 43.61 11.59 -24.24
C SER A 30 44.31 12.30 -23.09
N HIS A 31 44.12 13.62 -23.03
CA HIS A 31 44.60 14.48 -21.96
C HIS A 31 43.40 15.07 -21.24
N VAL A 32 43.27 14.80 -19.93
CA VAL A 32 42.15 15.30 -19.14
C VAL A 32 42.66 16.35 -18.17
N PHE A 33 41.90 17.43 -18.02
CA PHE A 33 42.17 18.49 -17.05
C PHE A 33 41.15 18.40 -15.92
N LEU A 34 41.64 18.25 -14.69
CA LEU A 34 40.82 18.10 -13.50
C LEU A 34 41.19 19.18 -12.50
N SER A 35 40.23 20.04 -12.16
CA SER A 35 40.46 21.14 -11.23
C SER A 35 39.73 20.90 -9.92
N GLY A 36 40.40 21.24 -8.82
CA GLY A 36 39.85 21.02 -7.49
C GLY A 36 40.23 19.66 -6.98
N MET A 37 41.13 19.62 -6.00
CA MET A 37 41.59 18.34 -5.47
C MET A 37 41.19 18.17 -4.01
N GLY A 38 39.91 18.38 -3.73
CA GLY A 38 39.30 17.90 -2.51
C GLY A 38 38.98 16.43 -2.64
N GLY A 39 38.06 15.97 -1.80
CA GLY A 39 37.73 14.55 -1.78
C GLY A 39 37.19 14.04 -3.10
N LEU A 40 36.36 14.85 -3.78
CA LEU A 40 35.75 14.37 -5.00
C LEU A 40 36.73 14.37 -6.17
N GLY A 41 37.57 15.40 -6.29
CA GLY A 41 38.59 15.39 -7.32
C GLY A 41 39.59 14.26 -7.15
N LEU A 42 39.93 13.95 -5.90
CA LEU A 42 40.84 12.83 -5.65
C LEU A 42 40.23 11.50 -6.11
N GLU A 43 38.96 11.26 -5.76
CA GLU A 43 38.29 10.05 -6.20
C GLU A 43 38.29 9.95 -7.73
N ILE A 44 37.97 11.06 -8.40
CA ILE A 44 37.93 11.05 -9.86
C ILE A 44 39.31 10.77 -10.42
N ALA A 45 40.33 11.44 -9.89
CA ALA A 45 41.69 11.25 -10.38
C ALA A 45 42.16 9.82 -10.16
N LYS A 46 41.83 9.24 -9.00
CA LYS A 46 42.18 7.84 -8.74
C LYS A 46 41.55 6.91 -9.76
N ASN A 47 40.27 7.13 -10.09
CA ASN A 47 39.59 6.27 -11.05
C ASN A 47 40.19 6.41 -12.45
N LEU A 48 40.41 7.65 -12.89
CA LEU A 48 40.91 7.86 -14.26
C LEU A 48 42.29 7.27 -14.45
N VAL A 49 43.17 7.44 -13.46
CA VAL A 49 44.52 6.90 -13.57
C VAL A 49 44.49 5.38 -13.55
N LEU A 50 43.64 4.78 -12.71
CA LEU A 50 43.49 3.33 -12.73
C LEU A 50 42.93 2.84 -14.06
N ALA A 51 41.95 3.55 -14.62
CA ALA A 51 41.34 3.18 -15.89
C ALA A 51 42.28 3.37 -17.09
N GLY A 52 43.39 4.09 -16.92
CA GLY A 52 44.36 4.19 -17.99
C GLY A 52 44.20 5.37 -18.93
N ILE A 53 43.63 6.48 -18.46
CA ILE A 53 43.73 7.71 -19.24
C ILE A 53 45.20 8.04 -19.39
N LYS A 54 45.61 8.53 -20.56
CA LYS A 54 47.04 8.64 -20.82
C LYS A 54 47.64 9.77 -20.00
N ALA A 55 46.95 10.91 -19.89
CA ALA A 55 47.49 12.06 -19.20
C ALA A 55 46.40 12.73 -18.41
N VAL A 56 46.71 13.09 -17.17
CA VAL A 56 45.82 13.81 -16.27
C VAL A 56 46.61 14.96 -15.69
N THR A 57 46.04 16.15 -15.75
CA THR A 57 46.55 17.30 -15.00
C THR A 57 45.62 17.54 -13.82
N ILE A 58 46.17 17.50 -12.61
CA ILE A 58 45.40 17.80 -11.41
C ILE A 58 45.75 19.21 -10.98
N HIS A 59 44.74 20.06 -10.88
CA HIS A 59 44.93 21.47 -10.62
C HIS A 59 44.26 21.83 -9.30
N ASP A 60 44.94 22.64 -8.50
CA ASP A 60 44.38 23.11 -7.25
C ASP A 60 45.21 24.30 -6.77
N THR A 61 44.53 25.27 -6.16
CA THR A 61 45.15 26.50 -5.71
C THR A 61 45.20 26.63 -4.19
N GLU A 62 44.78 25.61 -3.46
CA GLU A 62 44.63 25.67 -2.02
C GLU A 62 45.74 24.91 -1.32
N LYS A 63 46.03 25.32 -0.09
CA LYS A 63 46.98 24.63 0.77
C LYS A 63 46.28 23.57 1.61
N CYS A 64 47.07 22.62 2.09
CA CYS A 64 46.56 21.58 2.97
C CYS A 64 46.04 22.18 4.28
N GLN A 65 45.09 21.48 4.87
CA GLN A 65 44.43 21.94 6.08
C GLN A 65 44.03 20.68 6.85
N ALA A 66 44.02 20.78 8.18
CA ALA A 66 43.72 19.60 8.99
C ALA A 66 42.40 18.97 8.59
N TRP A 67 41.39 19.80 8.30
CA TRP A 67 40.08 19.32 7.86
C TRP A 67 40.20 18.37 6.67
N ASP A 68 41.14 18.65 5.76
CA ASP A 68 41.28 17.84 4.54
C ASP A 68 41.66 16.40 4.84
N LEU A 69 42.29 16.12 5.98
CA LEU A 69 42.64 14.75 6.32
C LEU A 69 41.40 13.87 6.45
N GLY A 70 40.23 14.47 6.70
CA GLY A 70 39.02 13.68 6.84
C GLY A 70 38.41 13.19 5.54
N THR A 71 38.71 13.86 4.42
CA THR A 71 38.13 13.50 3.13
C THR A 71 39.14 13.09 2.07
N ASN A 72 40.43 13.16 2.36
CA ASN A 72 41.49 12.91 1.37
C ASN A 72 42.31 11.71 1.85
N PHE A 73 42.22 10.59 1.12
CA PHE A 73 42.88 9.36 1.57
C PHE A 73 44.36 9.28 1.21
N PHE A 74 44.93 10.26 0.51
CA PHE A 74 46.36 10.26 0.24
C PHE A 74 47.12 11.31 1.05
N LEU A 75 46.44 12.17 1.79
CA LEU A 75 47.08 13.24 2.53
C LEU A 75 47.57 12.73 3.89
N SER A 76 48.71 13.26 4.33
CA SER A 76 49.29 12.91 5.62
C SER A 76 49.40 14.15 6.48
N GLU A 77 49.62 13.95 7.79
CA GLU A 77 49.74 15.09 8.70
C GLU A 77 50.99 15.89 8.42
N ASP A 78 52.04 15.26 7.89
CA ASP A 78 53.22 16.00 7.48
C ASP A 78 52.90 16.98 6.36
N ASP A 79 51.98 16.62 5.46
CA ASP A 79 51.56 17.56 4.42
C ASP A 79 50.91 18.80 5.03
N VAL A 80 50.22 18.65 6.16
CA VAL A 80 49.51 19.77 6.76
C VAL A 80 50.46 20.71 7.48
N VAL A 81 51.45 20.15 8.21
CA VAL A 81 52.38 21.02 8.93
C VAL A 81 53.25 21.81 7.96
N ASN A 82 53.52 21.27 6.78
CA ASN A 82 54.28 21.98 5.76
C ASN A 82 53.40 22.77 4.81
N LYS A 83 52.08 22.76 5.01
CA LYS A 83 51.14 23.55 4.22
C LYS A 83 51.40 23.38 2.73
N ARG A 84 51.50 22.13 2.29
CA ARG A 84 51.74 21.85 0.89
C ARG A 84 50.47 22.09 0.07
N ASN A 85 50.66 22.41 -1.21
CA ASN A 85 49.53 22.49 -2.13
C ASN A 85 48.86 21.14 -2.27
N ARG A 86 47.52 21.15 -2.31
CA ARG A 86 46.76 19.90 -2.25
C ARG A 86 47.02 19.01 -3.45
N ALA A 87 47.13 19.60 -4.65
CA ALA A 87 47.41 18.79 -5.83
C ALA A 87 48.84 18.26 -5.82
N GLU A 88 49.80 19.09 -5.40
CA GLU A 88 51.19 18.66 -5.39
C GLU A 88 51.46 17.64 -4.31
N ALA A 89 50.69 17.67 -3.22
CA ALA A 89 50.93 16.74 -2.11
C ALA A 89 50.56 15.32 -2.48
N VAL A 90 49.48 15.15 -3.26
CA VAL A 90 49.01 13.82 -3.62
C VAL A 90 49.57 13.34 -4.95
N LEU A 91 50.37 14.17 -5.62
CA LEU A 91 50.76 13.87 -7.00
C LEU A 91 51.48 12.53 -7.11
N LYS A 92 52.46 12.29 -6.23
CA LYS A 92 53.25 11.07 -6.31
C LYS A 92 52.41 9.84 -5.96
N HIS A 93 51.48 9.98 -5.01
CA HIS A 93 50.61 8.85 -4.67
C HIS A 93 49.70 8.49 -5.84
N ILE A 94 49.17 9.50 -6.52
CA ILE A 94 48.31 9.23 -7.68
C ILE A 94 49.14 8.64 -8.82
N ALA A 95 50.34 9.18 -9.05
CA ALA A 95 51.19 8.67 -10.12
C ALA A 95 51.48 7.18 -9.95
N GLU A 96 51.65 6.73 -8.70
CA GLU A 96 51.97 5.34 -8.42
C GLU A 96 50.85 4.38 -8.84
N LEU A 97 49.62 4.87 -9.02
CA LEU A 97 48.52 3.97 -9.34
C LEU A 97 48.78 3.21 -10.64
N ASN A 98 49.52 3.79 -11.59
CA ASN A 98 50.09 3.02 -12.70
C ASN A 98 51.07 3.88 -13.49
N PRO A 99 52.34 3.46 -13.54
CA PRO A 99 53.39 4.30 -14.13
C PRO A 99 53.27 4.54 -15.63
N TYR A 100 52.25 4.01 -16.33
CA TYR A 100 52.05 4.39 -17.73
C TYR A 100 51.38 5.75 -17.89
N VAL A 101 50.76 6.27 -16.86
CA VAL A 101 49.99 7.51 -16.94
C VAL A 101 50.88 8.68 -16.57
N HIS A 102 50.72 9.78 -17.31
CA HIS A 102 51.40 11.04 -17.02
C HIS A 102 50.51 11.88 -16.13
N VAL A 103 50.93 12.11 -14.89
CA VAL A 103 50.18 12.93 -13.95
C VAL A 103 50.99 14.20 -13.68
N THR A 104 50.37 15.35 -13.92
CA THR A 104 51.00 16.64 -13.69
C THR A 104 50.14 17.46 -12.75
N SER A 105 50.79 18.33 -11.98
CA SER A 105 50.09 19.23 -11.08
C SER A 105 50.13 20.65 -11.62
N SER A 106 49.13 21.44 -11.26
CA SER A 106 49.11 22.86 -11.55
C SER A 106 48.55 23.58 -10.34
N SER A 107 49.16 24.71 -10.00
CA SER A 107 48.73 25.54 -8.89
C SER A 107 48.59 27.00 -9.28
N VAL A 108 48.56 27.28 -10.58
CA VAL A 108 48.46 28.64 -11.09
C VAL A 108 47.09 29.20 -10.73
N PRO A 109 46.95 30.51 -10.53
CA PRO A 109 45.63 31.09 -10.25
C PRO A 109 44.65 30.79 -11.37
N PHE A 110 43.37 30.86 -11.04
CA PHE A 110 42.32 30.46 -11.98
C PHE A 110 41.05 31.23 -11.61
N ASN A 111 40.87 32.37 -12.25
CA ASN A 111 39.73 33.25 -11.97
C ASN A 111 39.18 33.75 -13.30
N GLU A 112 38.27 34.73 -13.22
CA GLU A 112 37.53 35.17 -14.40
C GLU A 112 38.36 36.03 -15.36
N THR A 113 39.57 36.43 -14.97
CA THR A 113 40.47 37.13 -15.88
C THR A 113 41.51 36.20 -16.51
N THR A 114 41.54 34.93 -16.11
CA THR A 114 42.49 33.99 -16.67
C THR A 114 42.18 33.74 -18.14
N ASP A 115 43.22 33.83 -18.97
CA ASP A 115 43.10 33.45 -20.37
C ASP A 115 42.91 31.93 -20.45
N LEU A 116 41.76 31.48 -20.95
CA LEU A 116 41.45 30.04 -20.98
C LEU A 116 42.07 29.32 -22.17
N SER A 117 42.94 29.96 -22.95
CA SER A 117 43.44 29.32 -24.16
C SER A 117 44.26 28.06 -23.84
N PHE A 118 44.91 28.02 -22.68
CA PHE A 118 45.70 26.85 -22.32
C PHE A 118 44.86 25.56 -22.27
N LEU A 119 43.54 25.69 -22.15
CA LEU A 119 42.69 24.51 -22.02
C LEU A 119 42.53 23.73 -23.33
N ASP A 120 42.88 24.33 -24.48
CA ASP A 120 42.65 23.60 -25.72
C ASP A 120 43.65 22.46 -25.94
N LYS A 121 44.59 22.25 -25.02
CA LYS A 121 45.43 21.06 -25.03
C LYS A 121 44.69 19.82 -24.53
N TYR A 122 43.48 19.97 -24.00
CA TYR A 122 42.78 18.89 -23.31
C TYR A 122 41.53 18.47 -24.08
N GLN A 123 41.19 17.19 -23.96
CA GLN A 123 39.97 16.68 -24.58
C GLN A 123 38.78 16.75 -23.66
N CYS A 124 39.00 16.77 -22.35
CA CYS A 124 37.91 16.84 -21.39
C CYS A 124 38.35 17.68 -20.20
N VAL A 125 37.43 18.52 -19.71
CA VAL A 125 37.67 19.36 -18.55
C VAL A 125 36.68 18.97 -17.47
N VAL A 126 37.19 18.70 -16.27
CA VAL A 126 36.40 18.29 -15.11
C VAL A 126 36.64 19.31 -14.01
N LEU A 127 35.56 19.92 -13.50
CA LEU A 127 35.65 21.01 -12.54
C LEU A 127 34.93 20.64 -11.26
N THR A 128 35.66 20.67 -10.13
CA THR A 128 35.07 20.53 -8.81
C THR A 128 35.46 21.72 -7.94
N GLU A 129 34.61 22.03 -6.96
CA GLU A 129 34.85 23.10 -5.98
C GLU A 129 35.08 24.47 -6.64
N MET A 130 34.45 24.72 -7.78
CA MET A 130 34.63 25.95 -8.53
C MET A 130 33.38 26.82 -8.50
N LYS A 131 33.57 28.13 -8.35
CA LYS A 131 32.43 29.04 -8.33
C LYS A 131 31.62 28.93 -9.61
N LEU A 132 30.29 28.99 -9.46
CA LEU A 132 29.41 28.82 -10.61
C LEU A 132 29.66 29.84 -11.73
N PRO A 133 29.85 31.13 -11.46
CA PRO A 133 30.09 32.05 -12.59
C PRO A 133 31.29 31.63 -13.43
N LEU A 134 32.37 31.20 -12.79
CA LEU A 134 33.55 30.75 -13.54
C LEU A 134 33.27 29.45 -14.29
N GLN A 135 32.47 28.55 -13.71
CA GLN A 135 32.10 27.33 -14.41
C GLN A 135 31.44 27.67 -15.75
N LYS A 136 30.52 28.64 -15.74
CA LYS A 136 29.81 29.00 -16.97
C LYS A 136 30.75 29.60 -17.99
N LYS A 137 31.70 30.42 -17.54
CA LYS A 137 32.68 31.00 -18.45
C LYS A 137 33.55 29.91 -19.08
N ILE A 138 34.02 28.95 -18.27
CA ILE A 138 34.81 27.86 -18.82
C ILE A 138 33.96 26.98 -19.74
N ASN A 139 32.70 26.75 -19.35
CA ASN A 139 31.80 25.94 -20.18
C ASN A 139 31.56 26.60 -21.54
N ASP A 140 31.33 27.91 -21.56
CA ASP A 140 31.13 28.59 -22.83
C ASP A 140 32.38 28.49 -23.71
N PHE A 141 33.56 28.64 -23.13
CA PHE A 141 34.79 28.47 -23.88
C PHE A 141 34.92 27.06 -24.43
N CYS A 142 34.72 26.04 -23.57
CA CYS A 142 34.97 24.67 -23.96
C CYS A 142 34.06 24.24 -25.12
N ARG A 143 32.75 24.49 -24.99
CA ARG A 143 31.80 23.95 -25.95
C ARG A 143 31.90 24.62 -27.32
N SER A 144 32.56 25.77 -27.42
CA SER A 144 32.64 26.49 -28.69
C SER A 144 34.01 26.36 -29.35
N GLN A 145 34.86 25.43 -28.90
CA GLN A 145 36.11 25.20 -29.61
C GLN A 145 35.86 24.44 -30.91
N CYS A 146 36.83 24.53 -31.82
CA CYS A 146 36.62 24.00 -33.19
C CYS A 146 36.33 22.51 -33.19
N PRO A 147 37.11 21.63 -32.57
CA PRO A 147 36.50 20.49 -31.91
C PRO A 147 36.15 20.85 -30.48
N PRO A 148 34.93 20.59 -30.05
CA PRO A 148 34.54 20.95 -28.67
C PRO A 148 35.35 20.21 -27.62
N ILE A 149 35.72 20.93 -26.57
CA ILE A 149 36.29 20.35 -25.37
C ILE A 149 35.15 19.90 -24.47
N LYS A 150 35.11 18.60 -24.15
CA LYS A 150 34.02 18.08 -23.34
C LYS A 150 34.15 18.59 -21.91
N PHE A 151 32.99 18.89 -21.31
CA PHE A 151 32.93 19.63 -20.05
C PHE A 151 32.13 18.83 -19.03
N ILE A 152 32.68 18.67 -17.84
CA ILE A 152 32.03 17.97 -16.74
C ILE A 152 32.18 18.81 -15.48
N SER A 153 31.08 18.96 -14.73
CA SER A 153 31.07 19.70 -13.48
C SER A 153 30.48 18.80 -12.41
N ALA A 154 31.13 18.73 -11.24
CA ALA A 154 30.71 17.83 -10.18
C ALA A 154 31.04 18.42 -8.82
N ASP A 155 30.16 18.19 -7.86
CA ASP A 155 30.33 18.76 -6.53
C ASP A 155 29.56 17.95 -5.50
N VAL A 156 30.11 17.88 -4.29
CA VAL A 156 29.42 17.36 -3.13
C VAL A 156 29.40 18.47 -2.10
N HIS A 157 28.21 18.78 -1.58
CA HIS A 157 28.05 19.73 -0.48
C HIS A 157 27.24 19.02 0.59
N GLY A 158 27.89 18.75 1.73
CA GLY A 158 27.22 18.01 2.78
C GLY A 158 26.75 16.67 2.26
N ILE A 159 25.45 16.41 2.39
CA ILE A 159 24.87 15.15 1.98
C ILE A 159 24.27 15.24 0.56
N TRP A 160 24.61 16.27 -0.21
CA TRP A 160 24.04 16.50 -1.52
C TRP A 160 25.15 16.54 -2.57
N SER A 161 24.80 16.20 -3.82
CA SER A 161 25.78 16.23 -4.89
C SER A 161 25.11 16.67 -6.19
N ARG A 162 25.93 17.12 -7.13
CA ARG A 162 25.47 17.61 -8.43
C ARG A 162 26.49 17.23 -9.49
N LEU A 163 26.05 16.49 -10.51
CA LEU A 163 26.91 16.08 -11.61
C LEU A 163 26.30 16.57 -12.92
N PHE A 164 27.13 17.20 -13.76
CA PHE A 164 26.68 17.81 -15.01
C PHE A 164 27.65 17.50 -16.15
N CYS A 165 27.11 17.12 -17.30
CA CYS A 165 27.90 16.86 -18.50
C CYS A 165 27.46 17.77 -19.64
N ASP A 166 28.42 18.27 -20.42
CA ASP A 166 28.14 19.04 -21.64
C ASP A 166 29.24 18.67 -22.62
N PHE A 167 28.94 17.74 -23.52
CA PHE A 167 29.91 17.24 -24.49
C PHE A 167 29.82 17.98 -25.84
N GLY A 168 29.19 19.16 -25.86
CA GLY A 168 29.08 19.95 -27.07
C GLY A 168 27.81 19.72 -27.86
N ASP A 169 27.59 20.61 -28.84
CA ASP A 169 26.28 20.69 -29.51
C ASP A 169 25.88 19.35 -30.11
N GLU A 170 26.81 18.67 -30.77
CA GLU A 170 26.56 17.38 -31.38
C GLU A 170 27.69 16.43 -31.02
N PHE A 171 27.36 15.38 -30.29
CA PHE A 171 28.30 14.37 -29.81
C PHE A 171 27.90 13.01 -30.37
N GLU A 172 28.86 12.33 -31.00
CA GLU A 172 28.60 11.04 -31.62
C GLU A 172 28.83 9.91 -30.61
N VAL A 173 27.81 9.09 -30.40
CA VAL A 173 27.91 7.87 -29.59
C VAL A 173 28.07 6.69 -30.55
N LEU A 174 29.19 5.97 -30.43
CA LEU A 174 29.46 4.88 -31.35
C LEU A 174 28.76 3.58 -30.93
N ASP A 175 28.57 3.39 -29.62
CA ASP A 175 27.86 2.22 -29.08
C ASP A 175 26.99 2.74 -27.94
N THR A 176 25.66 2.62 -28.11
CA THR A 176 24.73 3.25 -27.19
C THR A 176 24.37 2.41 -25.98
N THR A 177 24.56 1.10 -26.04
CA THR A 177 24.11 0.20 -24.98
C THR A 177 25.22 -0.64 -24.36
N GLY A 178 26.30 -0.91 -25.09
CA GLY A 178 27.30 -1.84 -24.60
C GLY A 178 26.93 -3.30 -24.73
N GLU A 179 25.84 -3.61 -25.43
CA GLU A 179 25.38 -4.99 -25.62
C GLU A 179 25.76 -5.47 -27.01
N GLU A 180 26.19 -6.74 -27.08
CA GLU A 180 26.59 -7.35 -28.33
C GLU A 180 25.38 -7.63 -29.22
N PRO A 181 25.51 -7.49 -30.55
CA PRO A 181 24.39 -7.81 -31.44
C PRO A 181 23.98 -9.27 -31.31
N LYS A 182 22.68 -9.49 -31.12
CA LYS A 182 22.12 -10.85 -31.06
C LYS A 182 21.98 -11.45 -32.45
N GLU A 183 22.00 -12.78 -32.50
CA GLU A 183 21.79 -13.53 -33.73
C GLU A 183 20.46 -14.27 -33.66
N ILE A 184 19.73 -14.26 -34.77
CA ILE A 184 18.41 -14.87 -34.89
C ILE A 184 18.45 -15.89 -36.01
N PHE A 185 17.93 -17.09 -35.76
CA PHE A 185 17.80 -18.10 -36.80
C PHE A 185 16.44 -17.97 -37.47
N ILE A 186 16.44 -18.05 -38.79
CA ILE A 186 15.24 -17.86 -39.58
C ILE A 186 14.61 -19.23 -39.83
N SER A 187 13.27 -19.27 -39.72
CA SER A 187 12.50 -20.48 -39.97
C SER A 187 11.68 -20.41 -41.25
N ASN A 188 11.20 -19.23 -41.63
CA ASN A 188 10.45 -19.06 -42.87
C ASN A 188 10.42 -17.59 -43.24
N ILE A 189 10.38 -17.32 -44.55
CA ILE A 189 10.15 -15.98 -45.08
C ILE A 189 9.12 -16.07 -46.20
N THR A 190 8.09 -15.22 -46.13
CA THR A 190 7.03 -15.23 -47.13
C THR A 190 7.34 -14.25 -48.24
N GLN A 191 6.75 -14.51 -49.41
CA GLN A 191 6.83 -13.62 -50.57
C GLN A 191 5.63 -12.69 -50.54
N ALA A 192 5.81 -11.49 -50.00
CA ALA A 192 4.68 -10.58 -49.83
C ALA A 192 5.21 -9.15 -49.72
N ASN A 193 4.29 -8.21 -49.62
CA ASN A 193 4.63 -6.80 -49.40
C ASN A 193 3.84 -6.24 -48.24
N PRO A 194 4.47 -6.19 -47.05
CA PRO A 194 5.85 -6.59 -46.75
C PRO A 194 6.01 -8.09 -46.53
N GLY A 195 7.23 -8.60 -46.76
CA GLY A 195 7.52 -9.99 -46.44
C GLY A 195 7.58 -10.20 -44.93
N ILE A 196 7.16 -11.40 -44.51
CA ILE A 196 7.09 -11.74 -43.09
C ILE A 196 8.14 -12.81 -42.79
N VAL A 197 9.00 -12.51 -41.81
CA VAL A 197 10.03 -13.44 -41.35
C VAL A 197 9.54 -14.11 -40.07
N THR A 198 9.72 -15.42 -39.99
CA THR A 198 9.43 -16.20 -38.78
C THR A 198 10.72 -16.81 -38.28
N CYS A 199 10.99 -16.68 -36.98
CA CYS A 199 12.21 -17.22 -36.42
C CYS A 199 11.96 -18.62 -35.85
N LEU A 200 13.05 -19.25 -35.39
CA LEU A 200 13.00 -20.63 -34.93
C LEU A 200 12.00 -20.80 -33.79
N GLU A 201 11.41 -21.99 -33.73
CA GLU A 201 10.42 -22.27 -32.70
C GLU A 201 11.08 -22.28 -31.33
N ASN A 202 10.34 -21.80 -30.32
CA ASN A 202 10.78 -21.71 -28.93
C ASN A 202 11.92 -20.71 -28.72
N HIS A 203 12.22 -19.88 -29.71
CA HIS A 203 13.28 -18.87 -29.59
C HIS A 203 12.74 -17.52 -30.06
N PRO A 204 12.12 -16.75 -29.16
CA PRO A 204 11.65 -15.41 -29.55
C PRO A 204 12.82 -14.53 -29.99
N HIS A 205 12.57 -13.71 -31.03
CA HIS A 205 13.66 -12.91 -31.59
C HIS A 205 14.09 -11.78 -30.66
N LYS A 206 13.22 -11.32 -29.77
CA LYS A 206 13.55 -10.28 -28.78
C LYS A 206 13.96 -8.97 -29.44
N LEU A 207 13.42 -8.69 -30.63
CA LEU A 207 13.72 -7.47 -31.36
C LEU A 207 12.57 -6.48 -31.21
N GLU A 208 12.88 -5.21 -31.45
CA GLU A 208 11.90 -4.14 -31.37
C GLU A 208 11.78 -3.41 -32.71
N THR A 209 10.58 -2.90 -32.97
CA THR A 209 10.30 -2.23 -34.23
C THR A 209 11.27 -1.06 -34.45
N GLY A 210 11.78 -0.96 -35.67
CA GLY A 210 12.70 0.08 -36.03
C GLY A 210 14.14 -0.37 -36.14
N GLN A 211 14.48 -1.50 -35.53
CA GLN A 211 15.85 -1.98 -35.57
C GLN A 211 16.21 -2.49 -36.96
N PHE A 212 17.50 -2.44 -37.28
CA PHE A 212 18.01 -2.88 -38.58
C PHE A 212 18.72 -4.22 -38.44
N LEU A 213 18.55 -5.07 -39.45
CA LEU A 213 19.13 -6.40 -39.50
C LEU A 213 19.86 -6.62 -40.81
N THR A 214 20.92 -7.41 -40.77
CA THR A 214 21.53 -7.96 -41.96
C THR A 214 21.31 -9.47 -41.99
N PHE A 215 21.52 -10.08 -43.15
CA PHE A 215 21.16 -11.48 -43.35
C PHE A 215 22.29 -12.25 -44.01
N ARG A 216 22.33 -13.54 -43.74
CA ARG A 216 23.29 -14.42 -44.38
C ARG A 216 22.75 -15.84 -44.36
N GLU A 217 23.29 -16.67 -45.24
CA GLU A 217 23.04 -18.11 -45.31
C GLU A 217 21.61 -18.47 -45.65
N ILE A 218 20.80 -17.51 -46.11
CA ILE A 218 19.46 -17.85 -46.59
C ILE A 218 19.59 -18.68 -47.86
N ASN A 219 18.90 -19.81 -47.90
CA ASN A 219 18.87 -20.68 -49.07
C ASN A 219 17.55 -20.53 -49.79
N GLY A 220 17.60 -20.27 -51.09
CA GLY A 220 16.38 -20.08 -51.84
C GLY A 220 16.09 -18.65 -52.26
N MET A 221 15.73 -17.82 -51.28
CA MET A 221 15.32 -16.43 -51.54
C MET A 221 16.56 -15.55 -51.73
N THR A 222 17.06 -15.57 -52.96
CA THR A 222 18.28 -14.83 -53.31
C THR A 222 17.95 -13.34 -53.45
N GLY A 223 18.66 -12.52 -52.69
CA GLY A 223 18.46 -11.08 -52.70
C GLY A 223 18.43 -10.49 -51.29
N LEU A 224 18.17 -11.33 -50.29
CA LEU A 224 18.18 -10.86 -48.91
C LEU A 224 19.55 -10.96 -48.27
N ASN A 225 20.36 -11.94 -48.69
CA ASN A 225 21.71 -12.07 -48.19
C ASN A 225 22.53 -10.84 -48.55
N GLY A 226 23.18 -10.26 -47.54
CA GLY A 226 23.96 -9.06 -47.76
C GLY A 226 23.16 -7.77 -47.76
N SER A 227 21.85 -7.84 -47.55
CA SER A 227 21.00 -6.67 -47.52
C SER A 227 20.79 -6.21 -46.08
N ILE A 228 20.26 -5.00 -45.94
CA ILE A 228 19.87 -4.47 -44.65
C ILE A 228 18.37 -4.18 -44.69
N GLN A 229 17.66 -4.63 -43.65
CA GLN A 229 16.21 -4.50 -43.57
C GLN A 229 15.82 -3.86 -42.24
N GLN A 230 14.90 -2.90 -42.29
CA GLN A 230 14.30 -2.37 -41.07
C GLN A 230 13.03 -3.14 -40.77
N ILE A 231 12.90 -3.62 -39.54
CA ILE A 231 11.87 -4.57 -39.18
C ILE A 231 10.71 -3.87 -38.49
N THR A 232 9.56 -4.53 -38.52
CA THR A 232 8.39 -4.15 -37.75
C THR A 232 7.89 -5.42 -37.05
N VAL A 233 7.87 -5.40 -35.71
CA VAL A 233 7.51 -6.60 -34.97
C VAL A 233 6.03 -6.89 -35.15
N ILE A 234 5.71 -8.14 -35.47
CA ILE A 234 4.33 -8.60 -35.59
C ILE A 234 3.92 -9.44 -34.39
N SER A 235 4.80 -10.31 -33.94
CA SER A 235 4.55 -11.20 -32.82
C SER A 235 5.90 -11.51 -32.17
N PRO A 236 5.92 -12.22 -31.04
CA PRO A 236 7.22 -12.58 -30.47
C PRO A 236 8.09 -13.42 -31.38
N PHE A 237 7.52 -14.00 -32.44
CA PHE A 237 8.27 -14.89 -33.32
C PHE A 237 8.31 -14.43 -34.76
N SER A 238 7.73 -13.28 -35.09
CA SER A 238 7.69 -12.86 -36.49
C SER A 238 7.79 -11.34 -36.59
N PHE A 239 8.37 -10.88 -37.71
CA PHE A 239 8.47 -9.46 -38.01
C PHE A 239 8.46 -9.29 -39.53
N SER A 240 8.06 -8.09 -39.97
CA SER A 240 8.00 -7.80 -41.39
C SER A 240 9.25 -7.03 -41.82
N ILE A 241 9.66 -7.24 -43.07
CA ILE A 241 10.80 -6.54 -43.66
C ILE A 241 10.32 -5.78 -44.89
N GLY A 242 11.16 -5.69 -45.91
CA GLY A 242 10.80 -5.04 -47.15
C GLY A 242 9.92 -5.91 -48.03
N ASP A 243 9.76 -5.46 -49.28
CA ASP A 243 8.96 -6.18 -50.27
C ASP A 243 9.75 -7.36 -50.81
N THR A 244 9.21 -8.58 -50.63
CA THR A 244 9.82 -9.80 -51.16
C THR A 244 8.96 -10.47 -52.22
N THR A 245 7.96 -9.76 -52.76
CA THR A 245 7.01 -10.38 -53.69
C THR A 245 7.71 -10.95 -54.92
N GLU A 246 8.73 -10.26 -55.43
CA GLU A 246 9.36 -10.59 -56.70
C GLU A 246 10.51 -11.57 -56.57
N LEU A 247 10.88 -11.95 -55.35
CA LEU A 247 12.06 -12.78 -55.10
C LEU A 247 11.75 -14.27 -55.22
N GLU A 248 12.81 -15.07 -55.32
CA GLU A 248 12.66 -16.51 -55.34
C GLU A 248 12.08 -17.00 -54.01
N PRO A 249 11.42 -18.15 -54.01
CA PRO A 249 10.83 -18.65 -52.75
C PRO A 249 11.87 -19.00 -51.71
N TYR A 250 11.51 -18.82 -50.44
CA TYR A 250 12.38 -19.20 -49.34
C TYR A 250 12.39 -20.73 -49.20
N LEU A 251 13.59 -21.29 -49.04
CA LEU A 251 13.71 -22.74 -48.89
C LEU A 251 13.99 -23.13 -47.45
N HIS A 252 15.14 -22.73 -46.91
CA HIS A 252 15.52 -23.08 -45.54
C HIS A 252 16.71 -22.23 -45.13
N GLY A 253 17.07 -22.34 -43.84
CA GLY A 253 18.26 -21.69 -43.32
C GLY A 253 18.12 -20.17 -43.17
N GLY A 254 19.24 -19.54 -42.85
CA GLY A 254 19.25 -18.11 -42.71
C GLY A 254 19.54 -17.65 -41.29
N ILE A 255 20.43 -16.67 -41.16
CA ILE A 255 20.75 -16.05 -39.87
C ILE A 255 20.65 -14.54 -40.04
N ALA A 256 19.99 -13.88 -39.09
CA ALA A 256 19.86 -12.43 -39.09
C ALA A 256 20.58 -11.86 -37.87
N VAL A 257 21.27 -10.73 -38.08
CA VAL A 257 22.10 -10.11 -37.04
C VAL A 257 21.68 -8.66 -36.88
N GLN A 258 21.50 -8.23 -35.63
CA GLN A 258 21.23 -6.81 -35.37
C GLN A 258 22.40 -5.96 -35.84
N VAL A 259 22.09 -4.85 -36.51
CA VAL A 259 23.09 -3.83 -36.77
C VAL A 259 22.94 -2.74 -35.71
N LYS A 260 24.08 -2.30 -35.18
CA LYS A 260 24.11 -1.23 -34.20
C LYS A 260 24.46 0.06 -34.94
N THR A 261 23.58 1.03 -34.85
CA THR A 261 23.77 2.30 -35.55
C THR A 261 24.33 3.34 -34.60
N PRO A 262 25.34 4.10 -35.00
CA PRO A 262 25.77 5.23 -34.17
C PRO A 262 24.62 6.21 -34.00
N LYS A 263 24.58 6.84 -32.83
CA LYS A 263 23.55 7.82 -32.51
C LYS A 263 24.22 9.15 -32.16
N THR A 264 23.50 10.24 -32.39
CA THR A 264 23.97 11.57 -32.05
C THR A 264 23.20 12.08 -30.84
N VAL A 265 23.93 12.62 -29.86
CA VAL A 265 23.34 13.22 -28.66
C VAL A 265 23.61 14.71 -28.70
N PHE A 266 22.59 15.50 -28.37
N PHE A 266 22.61 15.50 -28.32
CA PHE A 266 22.69 16.94 -28.33
CA PHE A 266 22.71 16.95 -28.34
C PHE A 266 22.82 17.42 -26.89
C PHE A 266 22.77 17.46 -26.91
N PHE A 267 23.73 18.37 -26.66
CA PHE A 267 23.96 18.93 -25.34
C PHE A 267 23.76 20.44 -25.40
N GLU A 268 23.24 20.99 -24.31
CA GLU A 268 23.07 22.43 -24.17
C GLU A 268 24.07 22.96 -23.16
N SER A 269 24.27 24.28 -23.21
CA SER A 269 25.25 24.92 -22.34
C SER A 269 24.84 24.80 -20.87
N LEU A 270 25.82 24.96 -19.98
CA LEU A 270 25.51 24.99 -18.56
C LEU A 270 24.53 26.11 -18.24
N GLU A 271 24.74 27.28 -18.83
CA GLU A 271 23.86 28.42 -18.62
C GLU A 271 22.41 28.07 -18.97
N ARG A 272 22.19 27.49 -20.15
CA ARG A 272 20.84 27.15 -20.55
C ARG A 272 20.29 26.00 -19.71
N GLN A 273 21.11 24.99 -19.44
CA GLN A 273 20.64 23.83 -18.68
C GLN A 273 20.27 24.18 -17.24
N LEU A 274 20.84 25.26 -16.68
CA LEU A 274 20.44 25.67 -15.34
C LEU A 274 18.99 26.12 -15.31
N LYS A 275 18.46 26.61 -16.43
CA LYS A 275 17.09 27.10 -16.49
C LYS A 275 16.10 26.06 -16.97
N HIS A 276 16.55 25.08 -17.75
CA HIS A 276 15.70 23.98 -18.22
C HIS A 276 16.47 22.67 -18.10
N PRO A 277 16.57 22.12 -16.88
CA PRO A 277 17.45 20.97 -16.66
C PRO A 277 16.82 19.64 -17.11
N LYS A 278 17.61 18.85 -17.83
CA LYS A 278 17.28 17.44 -18.08
C LYS A 278 17.96 16.58 -17.03
N CYS A 279 17.17 15.87 -16.22
CA CYS A 279 17.67 15.15 -15.06
C CYS A 279 17.42 13.65 -15.21
N LEU A 280 18.44 12.85 -14.89
CA LEU A 280 18.26 11.41 -14.77
C LEU A 280 17.49 11.11 -13.49
N ILE A 281 16.37 10.41 -13.62
CA ILE A 281 15.51 10.08 -12.49
C ILE A 281 15.99 8.76 -11.90
N VAL A 282 16.53 8.81 -10.67
CA VAL A 282 17.13 7.62 -10.07
C VAL A 282 16.22 6.97 -9.03
N ASP A 283 15.11 7.59 -8.67
CA ASP A 283 14.14 7.01 -7.74
C ASP A 283 12.75 7.37 -8.24
N PHE A 284 12.08 6.41 -8.90
CA PHE A 284 10.78 6.71 -9.46
C PHE A 284 9.65 6.73 -8.42
N SER A 285 9.92 6.54 -7.12
CA SER A 285 8.90 6.89 -6.15
C SER A 285 8.79 8.40 -5.97
N ASN A 286 9.83 9.15 -6.35
CA ASN A 286 9.87 10.61 -6.23
C ASN A 286 10.44 11.20 -7.51
N PRO A 287 9.71 11.08 -8.63
CA PRO A 287 10.26 11.57 -9.91
C PRO A 287 10.47 13.07 -9.94
N GLU A 288 9.87 13.81 -9.02
CA GLU A 288 10.01 15.27 -8.95
C GLU A 288 11.19 15.72 -8.11
N ALA A 289 11.90 14.79 -7.45
CA ALA A 289 12.96 15.18 -6.53
C ALA A 289 14.17 15.82 -7.22
N PRO A 290 14.65 15.32 -8.38
CA PRO A 290 15.84 15.96 -8.97
C PRO A 290 15.66 17.43 -9.32
N LEU A 291 14.48 17.82 -9.81
CA LEU A 291 14.25 19.25 -10.04
C LEU A 291 14.20 20.02 -8.74
N GLU A 292 13.65 19.42 -7.67
CA GLU A 292 13.64 20.08 -6.38
C GLU A 292 15.05 20.26 -5.83
N ILE A 293 15.94 19.29 -6.06
CA ILE A 293 17.32 19.41 -5.63
C ILE A 293 18.06 20.44 -6.48
N HIS A 294 17.85 20.37 -7.80
CA HIS A 294 18.42 21.37 -8.71
C HIS A 294 18.15 22.78 -8.22
N THR A 295 16.91 23.06 -7.86
CA THR A 295 16.54 24.37 -7.33
C THR A 295 17.34 24.70 -6.08
N ALA A 296 17.30 23.81 -5.08
CA ALA A 296 18.00 24.08 -3.83
C ALA A 296 19.49 24.32 -4.06
N MET A 297 20.11 23.51 -4.92
CA MET A 297 21.56 23.64 -5.09
C MET A 297 21.93 24.86 -5.92
N LEU A 298 21.07 25.30 -6.84
CA LEU A 298 21.30 26.60 -7.46
C LEU A 298 21.16 27.73 -6.45
N ALA A 299 20.25 27.59 -5.48
CA ALA A 299 20.12 28.60 -4.44
C ALA A 299 21.40 28.73 -3.63
N LEU A 300 22.08 27.60 -3.38
CA LEU A 300 23.34 27.63 -2.63
C LEU A 300 24.44 28.36 -3.40
N ASP A 301 24.51 28.13 -4.72
CA ASP A 301 25.46 28.89 -5.54
C ASP A 301 25.16 30.38 -5.50
N GLN A 302 23.88 30.76 -5.50
CA GLN A 302 23.53 32.17 -5.41
C GLN A 302 23.86 32.72 -4.04
N PHE A 303 23.73 31.90 -2.99
CA PHE A 303 24.12 32.30 -1.65
C PHE A 303 25.62 32.55 -1.57
N GLN A 304 26.42 31.63 -2.12
CA GLN A 304 27.86 31.82 -2.12
C GLN A 304 28.26 33.07 -2.90
N GLU A 305 27.56 33.37 -3.99
CA GLU A 305 27.90 34.57 -4.74
C GLU A 305 27.49 35.82 -3.97
N LYS A 306 26.31 35.81 -3.36
CA LYS A 306 25.82 37.01 -2.68
C LYS A 306 26.65 37.34 -1.43
N TYR A 307 26.97 36.33 -0.62
CA TYR A 307 27.60 36.56 0.68
C TYR A 307 29.05 36.11 0.74
N SER A 308 29.58 35.49 -0.31
CA SER A 308 30.98 35.03 -0.38
C SER A 308 31.28 33.98 0.70
N ARG A 309 30.27 33.20 1.08
CA ARG A 309 30.44 32.14 2.07
C ARG A 309 29.27 31.18 1.94
N LYS A 310 29.44 30.00 2.55
CA LYS A 310 28.34 29.05 2.67
C LYS A 310 27.51 29.37 3.91
N PRO A 311 26.26 28.91 3.96
CA PRO A 311 25.47 29.10 5.18
C PRO A 311 26.09 28.39 6.36
N ASN A 312 25.86 28.94 7.56
CA ASN A 312 26.36 28.38 8.80
C ASN A 312 25.28 27.51 9.44
N VAL A 313 25.69 26.35 9.97
CA VAL A 313 24.73 25.43 10.57
C VAL A 313 24.08 26.08 11.77
N GLY A 314 22.76 25.95 11.88
CA GLY A 314 22.01 26.50 12.98
C GLY A 314 21.68 27.98 12.88
N CYS A 315 22.20 28.69 11.88
CA CYS A 315 21.94 30.12 11.72
C CYS A 315 20.60 30.29 11.00
N GLN A 316 19.58 30.71 11.76
CA GLN A 316 18.21 30.77 11.22
C GLN A 316 18.12 31.77 10.06
N GLN A 317 18.85 32.87 10.14
CA GLN A 317 18.78 33.86 9.06
C GLN A 317 19.35 33.32 7.76
N ASP A 318 20.42 32.53 7.85
CA ASP A 318 21.02 31.97 6.63
C ASP A 318 20.06 31.02 5.93
N SER A 319 19.43 30.12 6.70
CA SER A 319 18.53 29.15 6.08
C SER A 319 17.24 29.81 5.59
N GLU A 320 16.76 30.83 6.28
CA GLU A 320 15.62 31.59 5.77
C GLU A 320 15.98 32.28 4.45
N GLU A 321 17.23 32.75 4.32
CA GLU A 321 17.66 33.37 3.07
C GLU A 321 17.79 32.34 1.96
N LEU A 322 18.33 31.16 2.27
CA LEU A 322 18.43 30.11 1.26
C LEU A 322 17.04 29.69 0.78
N LEU A 323 16.10 29.57 1.71
CA LEU A 323 14.70 29.31 1.32
C LEU A 323 14.17 30.41 0.42
N LYS A 324 14.48 31.68 0.73
CA LYS A 324 13.99 32.78 -0.10
C LYS A 324 14.60 32.74 -1.49
N LEU A 325 15.90 32.45 -1.59
CA LEU A 325 16.51 32.28 -2.90
C LEU A 325 15.91 31.10 -3.64
N ALA A 326 15.70 29.99 -2.95
CA ALA A 326 15.10 28.82 -3.58
C ALA A 326 13.70 29.14 -4.09
N THR A 327 12.92 29.89 -3.31
CA THR A 327 11.56 30.23 -3.72
C THR A 327 11.57 31.10 -4.98
N SER A 328 12.49 32.07 -5.06
CA SER A 328 12.54 32.93 -6.23
C SER A 328 12.99 32.16 -7.46
N ILE A 329 13.95 31.25 -7.30
CA ILE A 329 14.38 30.43 -8.43
C ILE A 329 13.24 29.59 -8.96
N SER A 330 12.42 29.04 -8.06
CA SER A 330 11.32 28.18 -8.48
C SER A 330 10.35 28.92 -9.39
N GLU A 331 10.15 30.23 -9.15
CA GLU A 331 9.24 31.01 -9.99
C GLU A 331 9.78 31.17 -11.40
N THR A 332 11.10 31.14 -11.59
CA THR A 332 11.68 31.31 -12.91
C THR A 332 11.75 30.01 -13.71
N LEU A 333 11.44 28.87 -13.08
CA LEU A 333 11.44 27.61 -13.81
C LEU A 333 10.12 27.41 -14.53
N GLU A 334 10.15 26.54 -15.54
CA GLU A 334 9.00 26.40 -16.44
C GLU A 334 7.79 25.83 -15.72
N GLU A 335 8.00 24.78 -14.92
CA GLU A 335 6.89 24.07 -14.30
C GLU A 335 6.30 24.79 -13.09
N LYS A 336 6.99 25.79 -12.56
CA LYS A 336 6.66 26.44 -11.30
C LYS A 336 6.64 25.43 -10.16
N PRO A 337 7.70 24.63 -9.99
CA PRO A 337 7.65 23.56 -9.00
C PRO A 337 7.67 24.12 -7.59
N ASP A 338 6.82 23.59 -6.72
CA ASP A 338 6.85 23.95 -5.32
C ASP A 338 8.24 23.69 -4.75
N VAL A 339 8.68 24.58 -3.86
CA VAL A 339 9.95 24.39 -3.19
C VAL A 339 9.81 23.30 -2.15
N ASN A 340 10.80 22.42 -2.09
CA ASN A 340 10.87 21.37 -1.06
C ASN A 340 11.61 21.94 0.14
N ALA A 341 10.86 22.29 1.18
CA ALA A 341 11.48 22.95 2.33
C ALA A 341 12.42 22.02 3.10
N ASP A 342 12.15 20.70 3.07
CA ASP A 342 13.04 19.76 3.75
C ASP A 342 14.41 19.71 3.09
N ILE A 343 14.45 19.68 1.75
CA ILE A 343 15.72 19.65 1.04
C ILE A 343 16.52 20.92 1.35
N VAL A 344 15.85 22.09 1.26
CA VAL A 344 16.53 23.36 1.52
C VAL A 344 17.07 23.40 2.95
N HIS A 345 16.27 22.97 3.92
CA HIS A 345 16.73 22.98 5.31
C HIS A 345 17.98 22.13 5.48
N TRP A 346 17.97 20.90 4.98
CA TRP A 346 19.12 20.03 5.20
C TRP A 346 20.33 20.44 4.35
N LEU A 347 20.11 21.15 3.24
CA LEU A 347 21.22 21.70 2.48
C LEU A 347 21.89 22.85 3.23
N SER A 348 21.08 23.75 3.80
CA SER A 348 21.61 24.81 4.64
C SER A 348 22.30 24.26 5.87
N TRP A 349 21.80 23.14 6.40
CA TRP A 349 22.36 22.55 7.61
C TRP A 349 23.75 21.98 7.34
N THR A 350 23.91 21.22 6.27
CA THR A 350 25.10 20.43 6.03
C THR A 350 26.04 21.02 4.97
N ALA A 351 25.74 22.22 4.46
CA ALA A 351 26.46 22.74 3.30
C ALA A 351 27.98 22.71 3.49
N GLN A 352 28.45 22.98 4.70
CA GLN A 352 29.90 23.07 4.93
C GLN A 352 30.54 21.72 5.22
N GLY A 353 29.75 20.68 5.41
CA GLY A 353 30.28 19.33 5.55
C GLY A 353 30.53 18.69 4.20
N PHE A 354 30.96 17.42 4.26
CA PHE A 354 31.33 16.68 3.06
C PHE A 354 31.22 15.19 3.37
N LEU A 355 30.36 14.49 2.63
CA LEU A 355 30.09 13.07 2.87
C LEU A 355 30.94 12.23 1.92
N SER A 356 32.00 11.63 2.47
CA SER A 356 32.97 10.90 1.65
C SER A 356 32.39 9.74 0.86
N PRO A 357 31.53 8.86 1.41
CA PRO A 357 30.99 7.79 0.58
C PRO A 357 30.11 8.28 -0.56
N LEU A 358 29.42 9.41 -0.40
CA LEU A 358 28.69 10.00 -1.52
C LEU A 358 29.64 10.48 -2.60
N ALA A 359 30.74 11.15 -2.21
CA ALA A 359 31.77 11.52 -3.18
C ALA A 359 32.36 10.28 -3.85
N ALA A 360 32.51 9.19 -3.10
CA ALA A 360 32.98 7.94 -3.71
C ALA A 360 32.06 7.52 -4.84
N ALA A 361 30.74 7.57 -4.60
CA ALA A 361 29.77 7.12 -5.60
C ALA A 361 29.69 8.08 -6.78
N VAL A 362 29.61 9.38 -6.49
CA VAL A 362 29.60 10.38 -7.55
C VAL A 362 30.89 10.31 -8.36
N GLY A 363 32.01 10.11 -7.68
CA GLY A 363 33.29 10.05 -8.37
C GLY A 363 33.38 8.88 -9.33
N GLY A 364 32.78 7.75 -8.97
CA GLY A 364 32.72 6.63 -9.91
C GLY A 364 31.93 6.98 -11.16
N VAL A 365 30.73 7.55 -10.99
CA VAL A 365 29.89 7.89 -12.13
C VAL A 365 30.58 8.93 -12.99
N ALA A 366 31.11 9.98 -12.35
CA ALA A 366 31.73 11.07 -13.11
C ALA A 366 32.94 10.58 -13.90
N SER A 367 33.69 9.63 -13.34
CA SER A 367 34.86 9.09 -14.04
C SER A 367 34.46 8.30 -15.28
N GLN A 368 33.40 7.51 -15.16
CA GLN A 368 32.87 6.81 -16.32
C GLN A 368 32.40 7.80 -17.39
N GLU A 369 31.89 8.96 -16.96
CA GLU A 369 31.47 9.97 -17.93
C GLU A 369 32.67 10.57 -18.66
N VAL A 370 33.79 10.76 -17.96
CA VAL A 370 35.03 11.17 -18.63
C VAL A 370 35.42 10.17 -19.69
N LEU A 371 35.33 8.87 -19.36
CA LEU A 371 35.67 7.84 -20.33
C LEU A 371 34.75 7.90 -21.55
N LYS A 372 33.45 8.12 -21.34
CA LYS A 372 32.54 8.27 -22.47
C LYS A 372 32.91 9.48 -23.32
N ALA A 373 33.40 10.56 -22.68
CA ALA A 373 33.69 11.78 -23.42
C ALA A 373 34.85 11.62 -24.38
N VAL A 374 35.85 10.79 -24.04
CA VAL A 374 37.03 10.66 -24.88
C VAL A 374 36.99 9.42 -25.76
N THR A 375 35.98 8.57 -25.62
CA THR A 375 35.90 7.35 -26.41
C THR A 375 34.69 7.27 -27.34
N GLY A 376 33.59 7.96 -27.01
CA GLY A 376 32.37 7.71 -27.72
C GLY A 376 31.74 6.36 -27.43
N LYS A 377 32.21 5.67 -26.39
CA LYS A 377 31.66 4.38 -25.99
C LYS A 377 30.67 4.61 -24.85
N PHE A 378 29.42 4.18 -25.05
CA PHE A 378 28.29 4.31 -24.12
C PHE A 378 27.64 5.68 -24.24
N SER A 379 26.33 5.77 -23.95
CA SER A 379 25.61 7.02 -24.07
C SER A 379 25.81 7.85 -22.81
N PRO A 380 26.26 9.10 -22.93
CA PRO A 380 26.58 9.89 -21.74
C PRO A 380 25.33 10.37 -20.99
N LEU A 381 25.56 10.74 -19.73
CA LEU A 381 24.55 11.44 -18.95
C LEU A 381 24.10 12.71 -19.68
N CYS A 382 22.81 12.98 -19.64
CA CYS A 382 22.23 14.07 -20.41
C CYS A 382 21.06 14.73 -19.69
N GLN A 383 21.32 15.72 -18.81
CA GLN A 383 22.66 16.22 -18.53
C GLN A 383 23.01 16.32 -17.02
N TRP A 384 22.05 16.03 -16.13
CA TRP A 384 22.24 16.24 -14.70
C TRP A 384 21.98 14.95 -13.93
N LEU A 385 22.75 14.76 -12.85
CA LEU A 385 22.53 13.67 -11.91
C LEU A 385 22.64 14.22 -10.49
N TYR A 386 21.64 13.92 -9.66
CA TYR A 386 21.56 14.46 -8.30
C TYR A 386 21.50 13.33 -7.28
N LEU A 387 22.59 12.56 -7.17
CA LEU A 387 22.67 11.56 -6.10
C LEU A 387 22.68 12.26 -4.75
N GLU A 388 21.93 11.71 -3.80
CA GLU A 388 21.78 12.36 -2.50
C GLU A 388 21.74 11.33 -1.38
N ALA A 389 21.98 11.80 -0.16
CA ALA A 389 21.99 10.94 1.02
C ALA A 389 20.99 11.43 2.07
N ALA A 390 19.85 11.94 1.61
CA ALA A 390 18.83 12.43 2.53
C ALA A 390 18.33 11.34 3.47
N ASP A 391 18.28 10.08 3.02
CA ASP A 391 17.83 8.99 3.87
C ASP A 391 18.73 8.75 5.07
N ILE A 392 19.90 9.38 5.11
CA ILE A 392 20.77 9.27 6.27
C ILE A 392 20.34 10.22 7.39
N VAL A 393 19.69 11.34 7.06
CA VAL A 393 19.37 12.34 8.09
C VAL A 393 17.89 12.39 8.44
N GLU A 394 16.99 11.91 7.58
CA GLU A 394 15.56 12.10 7.84
C GLU A 394 15.17 11.54 9.20
N SER A 395 15.72 10.38 9.57
CA SER A 395 15.43 9.77 10.87
C SER A 395 15.92 10.60 12.04
N LEU A 396 16.88 11.51 11.82
CA LEU A 396 17.36 12.34 12.92
C LEU A 396 16.30 13.32 13.40
N GLY A 397 15.26 13.58 12.59
CA GLY A 397 14.28 14.58 12.93
C GLY A 397 14.79 15.97 12.62
N LYS A 398 14.83 16.83 13.64
CA LYS A 398 15.36 18.19 13.54
C LYS A 398 16.29 18.40 14.73
N PRO A 399 17.50 17.83 14.70
CA PRO A 399 18.35 17.87 15.88
C PRO A 399 18.91 19.26 16.12
N GLU A 400 19.49 19.43 17.30
CA GLU A 400 20.20 20.66 17.61
C GLU A 400 21.56 20.65 16.93
N CYS A 401 22.12 21.84 16.71
CA CYS A 401 23.33 21.92 15.90
C CYS A 401 24.60 21.69 16.71
N GLU A 402 24.52 21.65 18.04
CA GLU A 402 25.72 21.37 18.84
C GLU A 402 26.39 20.07 18.38
N GLU A 403 25.59 19.06 18.04
CA GLU A 403 26.11 17.76 17.63
C GLU A 403 26.79 17.79 16.28
N PHE A 404 26.64 18.86 15.50
CA PHE A 404 27.23 18.94 14.17
C PHE A 404 28.41 19.91 14.07
N LEU A 405 28.72 20.62 15.15
CA LEU A 405 29.78 21.62 15.11
C LEU A 405 31.15 20.95 15.07
N PRO A 406 32.13 21.58 14.41
CA PRO A 406 33.48 21.01 14.36
C PRO A 406 34.10 20.90 15.75
N ARG A 407 34.94 19.88 15.92
CA ARG A 407 35.67 19.65 17.16
C ARG A 407 37.19 19.68 16.98
N GLY A 408 37.68 19.92 15.77
CA GLY A 408 39.11 19.93 15.54
C GLY A 408 39.74 18.59 15.25
N ASP A 409 38.96 17.58 14.86
CA ASP A 409 39.52 16.29 14.49
C ASP A 409 39.24 16.01 13.01
N ARG A 410 39.70 14.86 12.54
CA ARG A 410 39.54 14.54 11.13
C ARG A 410 38.10 14.22 10.75
N TYR A 411 37.21 14.03 11.71
CA TYR A 411 35.84 13.67 11.43
C TYR A 411 34.90 14.87 11.32
N ASP A 412 35.44 16.09 11.38
CA ASP A 412 34.61 17.29 11.28
C ASP A 412 33.75 17.30 10.01
N ALA A 413 34.33 16.90 8.88
CA ALA A 413 33.58 16.91 7.62
C ALA A 413 32.39 15.97 7.69
N LEU A 414 32.57 14.78 8.28
CA LEU A 414 31.49 13.83 8.40
C LEU A 414 30.48 14.25 9.45
N ARG A 415 30.98 14.65 10.64
CA ARG A 415 30.12 15.09 11.73
C ARG A 415 29.17 16.20 11.29
N ALA A 416 29.65 17.11 10.44
CA ALA A 416 28.79 18.17 9.91
C ALA A 416 27.71 17.64 8.98
N CYS A 417 27.80 16.37 8.57
CA CYS A 417 26.75 15.74 7.78
C CYS A 417 25.76 14.96 8.64
N ILE A 418 26.26 14.16 9.59
CA ILE A 418 25.43 13.18 10.27
C ILE A 418 25.38 13.36 11.79
N GLY A 419 26.19 14.24 12.36
CA GLY A 419 26.08 14.41 13.81
C GLY A 419 27.02 13.49 14.57
N ASP A 420 27.43 13.95 15.75
CA ASP A 420 28.49 13.24 16.46
C ASP A 420 28.03 11.90 17.03
N THR A 421 26.75 11.79 17.41
CA THR A 421 26.26 10.52 17.93
C THR A 421 26.48 9.40 16.93
N LEU A 422 26.08 9.61 15.68
CA LEU A 422 26.23 8.58 14.66
C LEU A 422 27.70 8.33 14.32
N CYS A 423 28.54 9.37 14.38
CA CYS A 423 29.97 9.19 14.15
C CYS A 423 30.56 8.21 15.17
N GLN A 424 30.22 8.38 16.44
CA GLN A 424 30.78 7.52 17.47
C GLN A 424 30.27 6.09 17.32
N LYS A 425 29.01 5.92 16.92
CA LYS A 425 28.51 4.57 16.63
C LYS A 425 29.30 3.92 15.51
N LEU A 426 29.70 4.69 14.49
CA LEU A 426 30.55 4.13 13.46
C LEU A 426 31.91 3.73 14.02
N GLN A 427 32.48 4.59 14.87
CA GLN A 427 33.79 4.29 15.46
C GLN A 427 33.75 3.01 16.31
N ASN A 428 32.59 2.65 16.83
CA ASN A 428 32.44 1.50 17.73
C ASN A 428 32.04 0.22 17.00
N LEU A 429 31.94 0.25 15.68
CA LEU A 429 31.44 -0.89 14.91
C LEU A 429 32.44 -2.04 14.92
N ASN A 430 31.90 -3.25 15.05
CA ASN A 430 32.56 -4.47 14.60
C ASN A 430 31.94 -4.88 13.28
N ILE A 431 32.74 -4.97 12.22
CA ILE A 431 32.22 -5.39 10.94
C ILE A 431 33.13 -6.46 10.34
N PHE A 432 32.53 -7.35 9.54
CA PHE A 432 33.18 -8.50 8.93
C PHE A 432 33.17 -8.29 7.42
N LEU A 433 34.35 -8.08 6.83
CA LEU A 433 34.49 -7.81 5.40
C LEU A 433 34.99 -9.09 4.73
N VAL A 434 34.14 -9.72 3.92
CA VAL A 434 34.42 -11.02 3.33
C VAL A 434 34.89 -10.79 1.90
N GLY A 435 36.17 -11.04 1.65
CA GLY A 435 36.76 -10.78 0.36
C GLY A 435 37.52 -9.47 0.35
N CYS A 436 38.64 -9.40 -0.35
CA CYS A 436 39.50 -8.22 -0.30
C CYS A 436 40.12 -7.95 -1.67
N GLY A 437 39.29 -7.95 -2.70
CA GLY A 437 39.71 -7.55 -4.02
C GLY A 437 39.32 -6.12 -4.35
N ALA A 438 38.71 -5.91 -5.51
CA ALA A 438 38.42 -4.55 -5.98
C ALA A 438 37.41 -3.86 -5.07
N ILE A 439 36.23 -4.47 -4.90
CA ILE A 439 35.24 -3.91 -3.97
C ILE A 439 35.82 -3.82 -2.57
N GLY A 440 36.52 -4.86 -2.12
CA GLY A 440 37.02 -4.88 -0.76
C GLY A 440 38.02 -3.77 -0.50
N CYS A 441 38.85 -3.44 -1.50
CA CYS A 441 39.80 -2.34 -1.31
C CYS A 441 39.08 -1.00 -1.23
N GLU A 442 38.06 -0.80 -2.08
CA GLU A 442 37.28 0.42 -1.99
C GLU A 442 36.55 0.52 -0.65
N MET A 443 36.04 -0.60 -0.13
CA MET A 443 35.34 -0.58 1.14
C MET A 443 36.25 -0.19 2.30
N LEU A 444 37.46 -0.76 2.34
CA LEU A 444 38.38 -0.44 3.42
C LEU A 444 38.72 1.04 3.44
N LYS A 445 38.94 1.63 2.27
CA LYS A 445 39.19 3.07 2.19
C LYS A 445 37.96 3.86 2.64
N ASN A 446 36.77 3.39 2.27
CA ASN A 446 35.55 4.06 2.71
C ASN A 446 35.36 3.92 4.23
N PHE A 447 35.67 2.75 4.79
CA PHE A 447 35.60 2.57 6.25
C PHE A 447 36.54 3.56 6.95
N ALA A 448 37.77 3.67 6.44
CA ALA A 448 38.77 4.55 7.04
C ALA A 448 38.31 6.01 7.06
N LEU A 449 37.71 6.48 5.97
CA LEU A 449 37.27 7.87 5.97
C LEU A 449 36.08 8.07 6.91
N LEU A 450 35.32 7.01 7.17
CA LEU A 450 34.19 7.10 8.10
C LEU A 450 34.58 6.88 9.55
N GLY A 451 35.81 6.45 9.83
CA GLY A 451 36.22 6.17 11.19
C GLY A 451 35.79 4.83 11.73
N VAL A 452 35.35 3.90 10.87
CA VAL A 452 34.82 2.62 11.35
C VAL A 452 35.89 1.88 12.15
N GLY A 453 35.52 1.41 13.33
CA GLY A 453 36.38 0.58 14.13
C GLY A 453 37.61 1.26 14.72
N THR A 454 37.59 2.58 14.87
CA THR A 454 38.71 3.33 15.42
C THR A 454 38.56 3.63 16.91
N SER A 455 37.45 3.25 17.53
CA SER A 455 37.25 3.56 18.94
C SER A 455 38.22 2.74 19.79
N LYS A 456 38.80 3.39 20.80
CA LYS A 456 39.74 2.70 21.68
C LYS A 456 39.08 1.54 22.39
N GLU A 457 37.87 1.76 22.91
CA GLU A 457 37.11 0.74 23.63
C GLU A 457 36.73 -0.41 22.71
N LYS A 458 35.74 -0.19 21.85
CA LYS A 458 35.16 -1.24 21.02
C LYS A 458 35.52 -0.98 19.56
N GLY A 459 35.18 -1.92 18.71
CA GLY A 459 35.38 -1.62 17.31
C GLY A 459 36.51 -2.45 16.74
N MET A 460 36.28 -2.98 15.55
CA MET A 460 37.24 -3.87 14.91
C MET A 460 36.74 -4.18 13.51
N ILE A 461 37.62 -4.02 12.51
CA ILE A 461 37.34 -4.52 11.18
C ILE A 461 38.06 -5.84 11.02
N THR A 462 37.30 -6.91 10.78
CA THR A 462 37.86 -8.20 10.43
C THR A 462 37.68 -8.39 8.93
N VAL A 463 38.79 -8.56 8.22
CA VAL A 463 38.76 -8.77 6.77
C VAL A 463 39.52 -10.06 6.46
N THR A 464 38.99 -10.85 5.54
CA THR A 464 39.57 -12.14 5.22
C THR A 464 39.52 -12.37 3.72
N ASP A 465 40.54 -13.06 3.21
CA ASP A 465 40.69 -13.40 1.80
C ASP A 465 41.78 -14.45 1.66
N PRO A 466 41.54 -15.55 0.94
CA PRO A 466 42.54 -16.62 0.83
C PRO A 466 43.64 -16.37 -0.19
N ASP A 467 43.61 -15.26 -0.94
CA ASP A 467 44.43 -15.10 -2.13
C ASP A 467 45.66 -14.23 -1.89
N LEU A 468 46.71 -14.53 -2.65
CA LEU A 468 47.86 -13.65 -2.76
C LEU A 468 47.66 -12.68 -3.93
N ILE A 469 48.40 -11.59 -3.90
CA ILE A 469 48.27 -10.54 -4.92
C ILE A 469 48.94 -11.00 -6.21
N GLU A 470 48.27 -10.79 -7.34
CA GLU A 470 48.76 -11.14 -8.65
C GLU A 470 48.71 -9.93 -9.58
N LYS A 471 49.40 -10.05 -10.70
CA LYS A 471 49.25 -9.06 -11.77
C LYS A 471 47.92 -9.30 -12.50
N SER A 472 47.24 -8.18 -12.79
CA SER A 472 45.90 -8.04 -13.36
C SER A 472 44.91 -7.69 -12.26
N ASN A 473 45.40 -7.68 -11.02
CA ASN A 473 44.64 -7.17 -9.89
C ASN A 473 44.87 -5.68 -9.65
N LEU A 474 46.02 -5.16 -10.06
CA LEU A 474 46.36 -3.75 -9.85
C LEU A 474 45.50 -2.82 -10.69
N ASN A 475 44.57 -3.36 -11.48
CA ASN A 475 43.70 -2.54 -12.32
C ASN A 475 42.59 -1.90 -11.49
N ARG A 476 41.80 -2.72 -10.80
CA ARG A 476 40.63 -2.25 -10.06
C ARG A 476 40.84 -2.23 -8.56
N GLN A 477 42.03 -2.60 -8.07
CA GLN A 477 42.33 -2.70 -6.65
C GLN A 477 43.43 -1.69 -6.37
N PHE A 478 43.03 -0.51 -5.89
CA PHE A 478 43.97 0.61 -5.86
C PHE A 478 44.89 0.60 -4.65
N LEU A 479 44.72 -0.35 -3.72
CA LEU A 479 45.61 -0.47 -2.58
C LEU A 479 46.84 -1.33 -2.85
N PHE A 480 46.90 -2.03 -3.99
CA PHE A 480 47.99 -2.96 -4.26
C PHE A 480 48.94 -2.39 -5.30
N ARG A 481 50.22 -2.62 -5.09
CA ARG A 481 51.30 -2.16 -5.95
C ARG A 481 52.07 -3.35 -6.52
N PRO A 482 52.84 -3.15 -7.59
CA PRO A 482 53.63 -4.26 -8.13
C PRO A 482 54.60 -4.88 -7.13
N HIS A 483 55.15 -4.09 -6.20
CA HIS A 483 56.04 -4.73 -5.22
C HIS A 483 55.30 -5.56 -4.19
N HIS A 484 53.97 -5.60 -4.23
CA HIS A 484 53.16 -6.43 -3.36
C HIS A 484 52.84 -7.79 -3.96
N ILE A 485 53.36 -8.09 -5.17
CA ILE A 485 53.16 -9.40 -5.77
C ILE A 485 53.62 -10.48 -4.80
N GLN A 486 52.85 -11.56 -4.72
CA GLN A 486 53.06 -12.71 -3.84
C GLN A 486 52.81 -12.40 -2.37
N LYS A 487 52.30 -11.21 -2.06
CA LYS A 487 51.89 -10.89 -0.70
C LYS A 487 50.39 -11.06 -0.55
N PRO A 488 49.89 -11.38 0.65
CA PRO A 488 48.45 -11.61 0.81
C PRO A 488 47.66 -10.35 0.56
N LYS A 489 46.46 -10.53 -0.02
CA LYS A 489 45.61 -9.39 -0.30
C LYS A 489 45.14 -8.72 0.98
N SER A 490 44.71 -9.52 1.96
CA SER A 490 44.14 -8.95 3.19
C SER A 490 45.21 -8.22 4.01
N TYR A 491 46.40 -8.82 4.14
CA TYR A 491 47.48 -8.15 4.87
C TYR A 491 47.89 -6.84 4.19
N THR A 492 48.02 -6.86 2.86
CA THR A 492 48.47 -5.67 2.15
C THR A 492 47.43 -4.56 2.25
N ALA A 493 46.16 -4.91 2.04
CA ALA A 493 45.09 -3.92 2.13
C ALA A 493 44.96 -3.37 3.56
N ALA A 494 45.12 -4.24 4.57
CA ALA A 494 45.07 -3.77 5.95
C ALA A 494 46.15 -2.73 6.21
N ASP A 495 47.40 -3.05 5.83
CA ASP A 495 48.49 -2.11 6.03
C ASP A 495 48.23 -0.79 5.31
N ALA A 496 47.65 -0.83 4.11
CA ALA A 496 47.41 0.41 3.39
C ALA A 496 46.34 1.25 4.08
N THR A 497 45.30 0.59 4.60
CA THR A 497 44.23 1.32 5.27
C THR A 497 44.71 2.02 6.53
N LEU A 498 45.67 1.41 7.24
CA LEU A 498 46.25 2.06 8.41
C LEU A 498 46.97 3.35 8.04
N LYS A 499 47.57 3.41 6.84
CA LYS A 499 48.20 4.64 6.38
C LYS A 499 47.16 5.74 6.14
N ILE A 500 45.97 5.36 5.67
CA ILE A 500 44.90 6.34 5.48
C ILE A 500 44.43 6.88 6.82
N ASN A 501 44.27 6.00 7.81
CA ASN A 501 43.75 6.40 9.11
C ASN A 501 44.46 5.54 10.16
N SER A 502 45.34 6.18 10.95
CA SER A 502 46.20 5.47 11.87
C SER A 502 45.47 4.94 13.09
N GLN A 503 44.23 5.37 13.35
CA GLN A 503 43.45 4.86 14.46
C GLN A 503 42.71 3.57 14.15
N ILE A 504 42.73 3.12 12.90
CA ILE A 504 41.86 2.02 12.49
C ILE A 504 42.41 0.71 13.06
N LYS A 505 41.50 -0.12 13.57
CA LYS A 505 41.86 -1.41 14.14
C LYS A 505 41.34 -2.47 13.19
N ILE A 506 42.26 -3.20 12.56
CA ILE A 506 41.92 -4.17 11.54
C ILE A 506 42.57 -5.50 11.90
N ASP A 507 41.81 -6.58 11.73
CA ASP A 507 42.27 -7.94 11.94
C ASP A 507 42.17 -8.65 10.60
N ALA A 508 43.30 -9.00 10.00
CA ALA A 508 43.34 -9.53 8.65
C ALA A 508 43.58 -11.03 8.66
N HIS A 509 42.70 -11.78 8.01
CA HIS A 509 42.79 -13.23 7.93
C HIS A 509 43.06 -13.67 6.49
N LEU A 510 43.50 -14.92 6.37
CA LEU A 510 43.87 -15.52 5.10
C LEU A 510 42.92 -16.66 4.70
N ASN A 511 41.67 -16.60 5.15
CA ASN A 511 40.72 -17.68 5.00
C ASN A 511 39.67 -17.34 3.96
N LYS A 512 39.12 -18.38 3.33
CA LYS A 512 37.87 -18.21 2.62
C LYS A 512 36.73 -18.62 3.54
N VAL A 513 35.59 -17.94 3.39
CA VAL A 513 34.41 -18.22 4.20
C VAL A 513 33.56 -19.24 3.44
N CYS A 514 33.51 -20.46 3.96
CA CYS A 514 32.84 -21.59 3.32
C CYS A 514 32.52 -22.63 4.38
N PRO A 515 31.87 -23.75 4.05
CA PRO A 515 31.59 -24.75 5.10
C PRO A 515 32.83 -25.26 5.82
N THR A 516 33.96 -25.41 5.13
CA THR A 516 35.13 -25.99 5.79
C THR A 516 35.83 -25.03 6.75
N THR A 517 35.42 -23.75 6.82
CA THR A 517 35.95 -22.85 7.84
C THR A 517 34.88 -22.43 8.84
N GLU A 518 33.72 -23.09 8.83
CA GLU A 518 32.63 -22.71 9.74
C GLU A 518 33.02 -22.86 11.21
N THR A 519 34.01 -23.69 11.53
CA THR A 519 34.45 -23.79 12.93
C THR A 519 35.23 -22.54 13.34
N ILE A 520 35.89 -21.88 12.40
CA ILE A 520 36.51 -20.59 12.68
C ILE A 520 35.45 -19.49 12.78
N TYR A 521 34.74 -19.25 11.69
CA TYR A 521 33.67 -18.25 11.68
C TYR A 521 32.36 -18.91 12.12
N ASN A 522 32.31 -19.21 13.42
CA ASN A 522 31.18 -19.90 14.01
C ASN A 522 30.13 -18.88 14.46
N ASP A 523 29.09 -19.36 15.14
CA ASP A 523 27.95 -18.50 15.49
C ASP A 523 28.37 -17.39 16.44
N GLU A 524 29.24 -17.71 17.40
CA GLU A 524 29.74 -16.70 18.33
C GLU A 524 30.48 -15.58 17.59
N PHE A 525 31.19 -15.93 16.51
CA PHE A 525 31.90 -14.90 15.75
C PHE A 525 30.92 -13.92 15.10
N TYR A 526 29.89 -14.44 14.42
CA TYR A 526 28.90 -13.56 13.79
C TYR A 526 28.14 -12.74 14.84
N THR A 527 27.78 -13.37 15.96
CA THR A 527 27.05 -12.68 17.02
C THR A 527 27.81 -11.45 17.50
N LYS A 528 29.13 -11.49 17.47
CA LYS A 528 29.97 -10.35 17.86
C LYS A 528 30.00 -9.25 16.81
N GLN A 529 29.69 -9.56 15.55
CA GLN A 529 29.73 -8.53 14.52
C GLN A 529 28.47 -7.67 14.58
N ASP A 530 28.62 -6.41 14.19
CA ASP A 530 27.46 -5.56 13.99
C ASP A 530 26.87 -5.70 12.59
N VAL A 531 27.73 -5.85 11.57
CA VAL A 531 27.29 -5.95 10.19
C VAL A 531 28.33 -6.73 9.41
N ILE A 532 27.85 -7.50 8.42
CA ILE A 532 28.71 -8.26 7.53
C ILE A 532 28.60 -7.65 6.15
N ILE A 533 29.73 -7.49 5.48
CA ILE A 533 29.78 -6.85 4.16
C ILE A 533 30.57 -7.76 3.24
N THR A 534 29.97 -8.12 2.11
CA THR A 534 30.59 -9.05 1.17
C THR A 534 31.23 -8.28 0.02
N ALA A 535 32.39 -8.75 -0.40
CA ALA A 535 33.13 -8.23 -1.53
C ALA A 535 33.64 -9.43 -2.33
N LEU A 536 32.70 -10.19 -2.89
CA LEU A 536 32.97 -11.51 -3.45
C LEU A 536 32.82 -11.53 -4.96
N ASP A 537 33.37 -12.58 -5.59
CA ASP A 537 33.33 -12.71 -7.04
C ASP A 537 32.56 -13.96 -7.50
N ASN A 538 31.67 -14.49 -6.66
CA ASN A 538 30.90 -15.67 -7.09
C ASN A 538 29.61 -15.76 -6.26
N VAL A 539 28.62 -16.44 -6.84
CA VAL A 539 27.28 -16.50 -6.25
C VAL A 539 27.25 -17.46 -5.06
N GLU A 540 28.00 -18.57 -5.15
CA GLU A 540 28.00 -19.58 -4.10
C GLU A 540 28.46 -18.99 -2.77
N ALA A 541 29.56 -18.26 -2.77
CA ALA A 541 30.03 -17.62 -1.54
C ALA A 541 29.00 -16.66 -0.98
N ARG A 542 28.30 -15.93 -1.86
CA ARG A 542 27.29 -14.98 -1.40
C ARG A 542 26.15 -15.70 -0.67
N ARG A 543 25.63 -16.78 -1.27
CA ARG A 543 24.55 -17.53 -0.64
C ARG A 543 25.00 -18.20 0.65
N TYR A 544 26.26 -18.59 0.74
CA TYR A 544 26.73 -19.20 1.97
C TYR A 544 26.80 -18.18 3.10
N VAL A 545 27.50 -17.06 2.86
CA VAL A 545 27.57 -16.00 3.85
C VAL A 545 26.17 -15.56 4.27
N ASP A 546 25.26 -15.46 3.31
CA ASP A 546 23.90 -15.06 3.64
C ASP A 546 23.24 -16.04 4.60
N SER A 547 23.46 -17.33 4.40
CA SER A 547 22.87 -18.32 5.29
C SER A 547 23.43 -18.21 6.70
N ARG A 548 24.68 -17.76 6.83
CA ARG A 548 25.28 -17.58 8.16
C ARG A 548 24.75 -16.33 8.85
N CYS A 549 24.59 -15.24 8.11
CA CYS A 549 24.03 -14.02 8.70
C CYS A 549 22.59 -14.23 9.11
N LEU A 550 21.81 -14.91 8.27
CA LEU A 550 20.44 -15.22 8.61
C LEU A 550 20.36 -16.08 9.88
N ALA A 551 21.22 -17.09 9.98
CA ALA A 551 21.17 -17.97 11.14
C ALA A 551 21.51 -17.23 12.43
N ASN A 552 22.29 -16.16 12.34
CA ASN A 552 22.73 -15.44 13.54
C ASN A 552 22.10 -14.06 13.67
N LEU A 553 21.06 -13.76 12.89
CA LEU A 553 20.30 -12.52 13.01
C LEU A 553 21.20 -11.29 12.89
N ARG A 554 22.03 -11.30 11.85
CA ARG A 554 22.93 -10.18 11.62
C ARG A 554 22.69 -9.60 10.22
N PRO A 555 22.79 -8.28 10.06
CA PRO A 555 22.59 -7.67 8.75
C PRO A 555 23.75 -7.90 7.81
N LEU A 556 23.45 -7.91 6.52
CA LEU A 556 24.42 -8.18 5.47
C LEU A 556 24.23 -7.18 4.34
N LEU A 557 25.32 -6.56 3.91
CA LEU A 557 25.32 -5.67 2.75
C LEU A 557 26.12 -6.32 1.64
N ASP A 558 25.44 -6.64 0.54
CA ASP A 558 26.06 -7.26 -0.62
C ASP A 558 26.12 -6.27 -1.78
N SER A 559 27.09 -6.50 -2.67
CA SER A 559 27.19 -5.70 -3.88
C SER A 559 27.93 -6.54 -4.92
N GLY A 560 27.93 -6.04 -6.15
CA GLY A 560 28.58 -6.73 -7.25
C GLY A 560 28.59 -5.88 -8.49
N THR A 561 29.51 -6.20 -9.39
CA THR A 561 29.61 -5.53 -10.67
C THR A 561 29.83 -6.56 -11.77
N MET A 562 29.51 -6.13 -12.99
CA MET A 562 29.99 -6.79 -14.20
C MET A 562 30.10 -5.71 -15.27
N GLY A 563 31.32 -5.30 -15.59
CA GLY A 563 31.51 -4.17 -16.49
C GLY A 563 30.92 -2.91 -15.89
N THR A 564 30.04 -2.27 -16.67
CA THR A 564 29.33 -1.07 -16.25
C THR A 564 28.09 -1.39 -15.41
N LYS A 565 27.78 -2.66 -15.18
CA LYS A 565 26.61 -3.06 -14.43
C LYS A 565 26.95 -3.25 -12.97
N GLY A 566 26.01 -2.91 -12.08
CA GLY A 566 26.25 -3.05 -10.65
C GLY A 566 24.96 -3.14 -9.88
N HIS A 567 25.08 -3.66 -8.65
CA HIS A 567 23.95 -3.76 -7.74
C HIS A 567 24.43 -3.59 -6.31
N THR A 568 23.49 -3.23 -5.44
CA THR A 568 23.65 -3.28 -4.00
C THR A 568 22.38 -3.88 -3.41
N GLU A 569 22.50 -4.67 -2.34
CA GLU A 569 21.34 -5.28 -1.72
C GLU A 569 21.48 -5.22 -0.20
N VAL A 570 20.41 -4.78 0.48
CA VAL A 570 20.40 -4.55 1.91
C VAL A 570 19.57 -5.65 2.57
N ILE A 571 20.17 -6.33 3.55
CA ILE A 571 19.54 -7.42 4.29
C ILE A 571 19.60 -7.08 5.77
N VAL A 572 18.44 -6.85 6.38
CA VAL A 572 18.37 -6.39 7.77
C VAL A 572 17.42 -7.28 8.55
N PRO A 573 17.87 -7.84 9.69
CA PRO A 573 17.00 -8.73 10.47
C PRO A 573 15.67 -8.10 10.85
N HIS A 574 14.60 -8.88 10.66
CA HIS A 574 13.21 -8.54 10.97
C HIS A 574 12.61 -7.56 9.97
N LEU A 575 13.44 -6.97 9.10
CA LEU A 575 12.94 -5.97 8.16
C LEU A 575 12.84 -6.49 6.73
N THR A 576 13.74 -7.36 6.31
CA THR A 576 13.86 -7.75 4.91
C THR A 576 13.86 -9.25 4.75
N GLU A 577 13.73 -9.69 3.49
CA GLU A 577 14.18 -11.03 3.13
C GLU A 577 15.71 -11.03 3.07
N SER A 578 16.29 -12.21 2.91
CA SER A 578 17.74 -12.33 2.80
C SER A 578 18.12 -12.61 1.33
N TYR A 579 19.44 -12.65 1.09
CA TYR A 579 19.92 -12.83 -0.28
C TYR A 579 19.31 -14.06 -0.93
N ASN A 580 19.17 -15.14 -0.17
CA ASN A 580 18.74 -16.42 -0.73
C ASN A 580 17.25 -16.47 -1.04
N SER A 581 16.49 -15.43 -0.73
CA SER A 581 15.10 -15.40 -1.14
C SER A 581 14.94 -15.21 -2.65
N HIS A 582 16.00 -14.83 -3.37
CA HIS A 582 16.00 -14.71 -4.82
C HIS A 582 17.09 -15.58 -5.42
N ARG A 583 16.87 -16.01 -6.67
CA ARG A 583 17.82 -16.84 -7.40
C ARG A 583 18.48 -16.02 -8.52
N ASP A 584 19.77 -16.19 -8.67
CA ASP A 584 20.52 -15.54 -9.75
C ASP A 584 20.50 -16.42 -10.99
N PRO A 585 20.85 -15.87 -12.15
CA PRO A 585 20.98 -16.69 -13.36
C PRO A 585 22.10 -17.70 -13.20
N PRO A 586 21.83 -18.98 -13.45
CA PRO A 586 22.88 -19.99 -13.38
C PRO A 586 23.90 -19.84 -14.51
N GLU A 587 25.01 -20.55 -14.36
CA GLU A 587 25.95 -20.70 -15.45
C GLU A 587 25.24 -21.31 -16.66
N GLU A 588 25.56 -20.79 -17.85
CA GLU A 588 24.93 -21.28 -19.06
C GLU A 588 25.32 -22.72 -19.32
N GLU A 589 24.33 -23.56 -19.62
CA GLU A 589 24.53 -25.00 -19.82
C GLU A 589 24.44 -25.31 -21.31
N ILE A 590 25.58 -25.56 -21.93
CA ILE A 590 25.60 -25.95 -23.34
C ILE A 590 25.17 -27.41 -23.44
N PRO A 591 24.10 -27.72 -24.17
CA PRO A 591 23.62 -29.11 -24.24
C PRO A 591 24.71 -30.06 -24.73
N PHE A 592 24.66 -31.28 -24.20
CA PHE A 592 25.71 -32.27 -24.49
C PHE A 592 25.86 -32.50 -25.99
N ALA A 593 24.75 -32.74 -26.69
CA ALA A 593 24.83 -32.98 -28.12
C ALA A 593 25.36 -31.77 -28.88
N THR A 594 24.99 -30.57 -28.45
CA THR A 594 25.48 -29.36 -29.11
C THR A 594 26.98 -29.24 -28.96
N LEU A 595 27.49 -29.45 -27.75
CA LEU A 595 28.93 -29.33 -27.51
C LEU A 595 29.71 -30.41 -28.26
N LYS A 596 29.22 -31.65 -28.25
CA LYS A 596 30.02 -32.76 -28.76
C LYS A 596 29.90 -32.95 -30.26
N SER A 597 28.69 -32.80 -30.83
CA SER A 597 28.50 -33.10 -32.24
C SER A 597 27.97 -31.96 -33.11
N PHE A 598 27.22 -31.00 -32.56
CA PHE A 598 26.51 -30.02 -33.39
C PHE A 598 26.69 -28.60 -32.89
N PRO A 599 27.90 -28.06 -32.97
CA PRO A 599 28.11 -26.67 -32.52
C PRO A 599 27.53 -25.67 -33.50
N ALA A 600 27.08 -24.53 -32.96
CA ALA A 600 26.57 -23.44 -33.79
C ALA A 600 27.18 -22.09 -33.51
N ALA A 601 27.90 -21.92 -32.40
CA ALA A 601 28.50 -20.63 -32.05
C ALA A 601 29.94 -20.85 -31.59
N ILE A 602 30.72 -19.76 -31.63
CA ILE A 602 32.12 -19.86 -31.23
C ILE A 602 32.24 -20.25 -29.77
N GLU A 603 31.23 -19.91 -28.96
CA GLU A 603 31.20 -20.36 -27.57
C GLU A 603 31.20 -21.88 -27.47
N HIS A 604 30.57 -22.57 -28.43
CA HIS A 604 30.50 -24.03 -28.35
C HIS A 604 31.85 -24.66 -28.62
N THR A 605 32.61 -24.12 -29.59
CA THR A 605 33.93 -24.68 -29.88
C THR A 605 34.96 -24.29 -28.84
N ILE A 606 34.77 -23.15 -28.17
CA ILE A 606 35.70 -22.75 -27.12
C ILE A 606 35.54 -23.66 -25.90
N GLN A 607 34.29 -23.91 -25.50
CA GLN A 607 34.05 -24.84 -24.40
C GLN A 607 34.56 -26.23 -24.74
N TRP A 608 34.39 -26.65 -25.99
CA TRP A 608 34.89 -27.95 -26.43
C TRP A 608 36.41 -28.01 -26.31
N ALA A 609 37.08 -26.93 -26.69
CA ALA A 609 38.54 -26.89 -26.60
C ALA A 609 39.00 -26.85 -25.14
N ARG A 610 38.29 -26.08 -24.30
CA ARG A 610 38.61 -26.07 -22.88
C ARG A 610 38.43 -27.45 -22.27
N ASP A 611 37.35 -28.14 -22.63
CA ASP A 611 37.11 -29.49 -22.11
C ASP A 611 38.13 -30.48 -22.63
N LYS A 612 38.56 -30.34 -23.90
CA LYS A 612 39.57 -31.25 -24.43
C LYS A 612 40.90 -31.09 -23.72
N PHE A 613 41.29 -29.85 -23.41
CA PHE A 613 42.49 -29.64 -22.59
C PHE A 613 42.37 -30.37 -21.26
N GLU A 614 41.21 -30.24 -20.59
CA GLU A 614 41.05 -30.86 -19.30
C GLU A 614 41.11 -32.37 -19.40
N SER A 615 40.49 -32.93 -20.43
CA SER A 615 40.48 -34.38 -20.60
C SER A 615 41.87 -34.91 -20.91
N SER A 616 42.59 -34.25 -21.80
CA SER A 616 43.87 -34.79 -22.28
C SER A 616 44.99 -34.61 -21.26
N PHE A 617 45.04 -33.46 -20.58
CA PHE A 617 46.23 -33.07 -19.86
C PHE A 617 46.05 -33.01 -18.35
N SER A 618 44.83 -33.16 -17.84
CA SER A 618 44.56 -33.18 -16.41
C SER A 618 43.86 -34.46 -15.98
N HIS A 619 42.64 -34.70 -16.50
CA HIS A 619 41.82 -35.80 -16.01
C HIS A 619 42.44 -37.16 -16.34
N LYS A 620 42.73 -37.41 -17.61
CA LYS A 620 43.29 -38.72 -17.99
C LYS A 620 44.64 -39.01 -17.35
N PRO A 621 45.60 -38.08 -17.31
CA PRO A 621 46.85 -38.38 -16.58
C PRO A 621 46.64 -38.73 -15.12
N SER A 622 45.72 -38.06 -14.42
CA SER A 622 45.56 -38.34 -12.99
C SER A 622 44.85 -39.66 -12.76
N LEU A 623 43.88 -40.01 -13.61
CA LEU A 623 43.30 -41.35 -13.59
C LEU A 623 44.37 -42.41 -13.80
N PHE A 624 45.23 -42.21 -14.79
CA PHE A 624 46.35 -43.11 -15.04
C PHE A 624 47.22 -43.28 -13.79
N ASN A 625 47.55 -42.16 -13.12
CA ASN A 625 48.41 -42.23 -11.94
C ASN A 625 47.73 -42.98 -10.79
N LYS A 626 46.48 -42.63 -10.51
CA LYS A 626 45.77 -43.24 -9.40
C LYS A 626 45.52 -44.72 -9.63
N PHE A 627 45.35 -45.12 -10.90
CA PHE A 627 45.12 -46.53 -11.20
C PHE A 627 46.34 -47.38 -10.87
N TRP A 628 47.52 -46.96 -11.33
CA TRP A 628 48.72 -47.74 -11.06
C TRP A 628 49.20 -47.61 -9.62
N GLN A 629 48.86 -46.52 -8.95
CA GLN A 629 49.12 -46.43 -7.52
C GLN A 629 48.29 -47.45 -6.76
N THR A 630 47.04 -47.66 -7.20
CA THR A 630 46.16 -48.60 -6.51
C THR A 630 46.54 -50.04 -6.79
N TYR A 631 46.92 -50.35 -8.03
CA TYR A 631 47.15 -51.73 -8.44
C TYR A 631 48.62 -52.07 -8.70
N SER A 632 49.55 -51.20 -8.28
CA SER A 632 50.97 -51.51 -8.18
C SER A 632 51.69 -51.71 -9.52
N SER A 633 51.44 -52.80 -10.23
CA SER A 633 52.22 -53.13 -11.42
C SER A 633 51.34 -53.69 -12.51
N ALA A 634 51.94 -53.83 -13.71
CA ALA A 634 51.23 -54.33 -14.89
C ALA A 634 51.01 -55.83 -14.83
N GLU A 635 51.91 -56.59 -14.21
CA GLU A 635 51.75 -58.04 -14.13
C GLU A 635 50.54 -58.40 -13.29
N GLU A 636 50.29 -57.64 -12.22
CA GLU A 636 49.13 -57.89 -11.38
C GLU A 636 47.82 -57.60 -12.10
N VAL A 637 47.77 -56.49 -12.86
CA VAL A 637 46.54 -56.18 -13.58
C VAL A 637 46.26 -57.24 -14.64
N LEU A 638 47.31 -57.71 -15.33
CA LEU A 638 47.14 -58.76 -16.33
C LEU A 638 46.58 -60.03 -15.72
N GLN A 639 47.06 -60.40 -14.53
CA GLN A 639 46.58 -61.62 -13.89
C GLN A 639 45.13 -61.46 -13.42
N LYS A 640 44.74 -60.27 -12.99
CA LYS A 640 43.38 -60.06 -12.53
C LYS A 640 42.37 -59.95 -13.67
N ILE A 641 42.79 -59.49 -14.85
CA ILE A 641 41.88 -59.45 -15.98
C ILE A 641 41.58 -60.86 -16.50
N GLN A 642 42.61 -61.71 -16.57
CA GLN A 642 42.42 -63.07 -17.05
C GLN A 642 41.63 -63.93 -16.09
N SER A 643 41.55 -63.55 -14.81
CA SER A 643 40.77 -64.27 -13.83
C SER A 643 39.36 -63.72 -13.66
N GLY A 644 38.87 -62.97 -14.64
CA GLY A 644 37.51 -62.50 -14.67
C GLY A 644 37.23 -61.21 -13.93
N HIS A 645 38.18 -60.70 -13.15
CA HIS A 645 37.94 -59.45 -12.45
C HIS A 645 37.88 -58.28 -13.43
N SER A 646 37.19 -57.22 -13.01
CA SER A 646 37.06 -56.00 -13.81
C SER A 646 37.39 -54.81 -12.92
N LEU A 647 38.38 -54.02 -13.34
CA LEU A 647 38.81 -52.83 -12.62
C LEU A 647 38.31 -51.60 -13.36
N GLU A 648 37.83 -50.61 -12.61
CA GLU A 648 37.22 -49.45 -13.26
C GLU A 648 38.28 -48.62 -13.99
N GLY A 649 37.93 -48.15 -15.18
CA GLY A 649 38.82 -47.37 -16.02
C GLY A 649 40.02 -48.13 -16.55
N CYS A 650 40.05 -49.45 -16.38
CA CYS A 650 41.24 -50.24 -16.69
C CYS A 650 41.57 -50.20 -18.17
N PHE A 651 40.56 -50.35 -19.04
CA PHE A 651 40.83 -50.43 -20.47
C PHE A 651 41.36 -49.11 -21.02
N GLN A 652 40.89 -47.98 -20.47
CA GLN A 652 41.38 -46.69 -20.91
C GLN A 652 42.81 -46.46 -20.45
N VAL A 653 43.18 -46.97 -19.27
CA VAL A 653 44.55 -46.86 -18.79
C VAL A 653 45.50 -47.63 -19.69
N ILE A 654 45.13 -48.88 -20.03
CA ILE A 654 46.02 -49.71 -20.84
C ILE A 654 46.24 -49.09 -22.21
N LYS A 655 45.20 -48.47 -22.78
CA LYS A 655 45.36 -47.76 -24.04
C LYS A 655 46.42 -46.68 -23.92
N LEU A 656 46.34 -45.87 -22.86
CA LEU A 656 47.35 -44.82 -22.65
C LEU A 656 48.73 -45.42 -22.45
N LEU A 657 48.82 -46.54 -21.72
CA LEU A 657 50.12 -47.19 -21.50
C LEU A 657 50.76 -47.64 -22.79
N SER A 658 49.95 -48.22 -23.70
CA SER A 658 50.51 -48.82 -24.91
C SER A 658 50.94 -47.77 -25.93
N ARG A 659 50.31 -46.60 -25.92
CA ARG A 659 50.59 -45.53 -26.87
C ARG A 659 51.50 -44.45 -26.28
N ARG A 660 52.20 -44.75 -25.18
CA ARG A 660 53.05 -43.78 -24.50
C ARG A 660 54.20 -43.33 -25.40
N PRO A 661 54.33 -42.04 -25.71
CA PRO A 661 55.46 -41.59 -26.53
C PRO A 661 56.77 -41.65 -25.77
N ARG A 662 57.82 -42.11 -26.45
CA ARG A 662 59.12 -42.33 -25.85
C ARG A 662 60.12 -41.21 -26.06
N ASN A 663 59.95 -40.40 -27.11
CA ASN A 663 60.89 -39.33 -27.41
C ASN A 663 60.10 -38.13 -27.93
N TRP A 664 60.81 -37.02 -28.19
CA TRP A 664 60.14 -35.83 -28.70
C TRP A 664 59.46 -36.12 -30.03
N SER A 665 60.10 -36.93 -30.88
CA SER A 665 59.54 -37.26 -32.18
C SER A 665 58.15 -37.87 -32.05
N GLN A 666 57.98 -38.82 -31.12
CA GLN A 666 56.69 -39.47 -30.95
C GLN A 666 55.65 -38.53 -30.34
N CYS A 667 56.08 -37.48 -29.64
CA CYS A 667 55.13 -36.47 -29.19
C CYS A 667 54.57 -35.67 -30.35
N VAL A 668 55.41 -35.33 -31.33
CA VAL A 668 54.91 -34.63 -32.51
C VAL A 668 53.96 -35.52 -33.29
N GLU A 669 54.30 -36.80 -33.41
CA GLU A 669 53.44 -37.74 -34.13
C GLU A 669 52.09 -37.89 -33.45
N LEU A 670 52.08 -37.94 -32.11
CA LEU A 670 50.80 -37.99 -31.39
C LEU A 670 50.00 -36.73 -31.62
N ALA A 671 50.66 -35.57 -31.58
CA ALA A 671 49.97 -34.31 -31.84
C ALA A 671 49.42 -34.27 -33.26
N ARG A 672 50.20 -34.77 -34.24
CA ARG A 672 49.72 -34.85 -35.61
C ARG A 672 48.51 -35.77 -35.72
N LEU A 673 48.55 -36.90 -35.00
CA LEU A 673 47.44 -37.84 -35.02
C LEU A 673 46.17 -37.20 -34.46
N LYS A 674 46.28 -36.44 -33.36
CA LYS A 674 45.10 -35.79 -32.80
C LYS A 674 44.52 -34.74 -33.75
N PHE A 675 45.38 -34.01 -34.48
CA PHE A 675 44.86 -33.09 -35.49
C PHE A 675 43.97 -33.85 -36.48
N GLU A 676 44.45 -34.99 -36.96
CA GLU A 676 43.68 -35.75 -37.93
C GLU A 676 42.36 -36.22 -37.34
N LYS A 677 42.35 -36.58 -36.06
CA LYS A 677 41.12 -37.09 -35.46
C LYS A 677 40.11 -35.97 -35.22
N TYR A 678 40.57 -34.85 -34.66
CA TYR A 678 39.63 -33.81 -34.23
C TYR A 678 39.08 -33.01 -35.41
N PHE A 679 39.90 -32.77 -36.43
CA PHE A 679 39.58 -31.79 -37.46
C PHE A 679 39.41 -32.39 -38.85
N ASN A 680 39.53 -33.71 -38.99
CA ASN A 680 39.32 -34.37 -40.27
C ASN A 680 38.38 -35.56 -40.09
N HIS A 681 38.80 -36.55 -39.29
CA HIS A 681 38.00 -37.77 -39.11
C HIS A 681 36.64 -37.48 -38.51
N LYS A 682 36.57 -36.57 -37.53
CA LYS A 682 35.28 -36.26 -36.91
C LYS A 682 34.28 -35.79 -37.94
N ALA A 683 34.72 -34.94 -38.87
CA ALA A 683 33.82 -34.46 -39.92
C ALA A 683 33.36 -35.61 -40.81
N LEU A 684 34.27 -36.49 -41.20
CA LEU A 684 33.91 -37.63 -42.04
C LEU A 684 32.97 -38.58 -41.31
N GLN A 685 33.14 -38.76 -40.00
CA GLN A 685 32.29 -39.68 -39.27
C GLN A 685 30.85 -39.17 -39.18
N LEU A 686 30.68 -37.89 -38.83
CA LEU A 686 29.33 -37.31 -38.79
C LEU A 686 28.64 -37.38 -40.14
N LEU A 687 29.38 -37.17 -41.22
CA LEU A 687 28.78 -37.25 -42.55
C LEU A 687 28.42 -38.68 -42.90
N HIS A 688 29.16 -39.66 -42.35
CA HIS A 688 28.78 -41.05 -42.54
C HIS A 688 27.46 -41.36 -41.84
N CYS A 689 27.30 -40.89 -40.60
CA CYS A 689 26.04 -41.11 -39.89
C CYS A 689 24.91 -40.29 -40.49
N PHE A 690 25.19 -39.03 -40.86
CA PHE A 690 24.18 -38.13 -41.38
C PHE A 690 24.71 -37.48 -42.65
N PRO A 691 24.50 -38.12 -43.80
CA PRO A 691 24.95 -37.53 -45.07
C PRO A 691 24.34 -36.15 -45.29
N LEU A 692 25.05 -35.32 -46.07
CA LEU A 692 24.68 -33.93 -46.23
C LEU A 692 23.23 -33.78 -46.70
N ASP A 693 22.70 -34.79 -47.39
CA ASP A 693 21.36 -34.73 -47.95
C ASP A 693 20.38 -35.67 -47.26
N ILE A 694 20.73 -36.23 -46.11
CA ILE A 694 19.82 -37.16 -45.44
C ILE A 694 18.61 -36.39 -44.91
N ARG A 695 17.44 -37.04 -44.95
CA ARG A 695 16.19 -36.42 -44.51
C ARG A 695 15.50 -37.29 -43.48
N LEU A 696 14.61 -36.67 -42.72
CA LEU A 696 13.91 -37.34 -41.63
C LEU A 696 12.53 -37.81 -42.12
N LYS A 697 11.74 -38.35 -41.18
CA LYS A 697 10.41 -38.86 -41.54
C LYS A 697 9.49 -37.74 -42.03
N ASP A 698 9.61 -36.54 -41.45
CA ASP A 698 8.79 -35.42 -41.89
C ASP A 698 9.28 -34.78 -43.18
N GLY A 699 10.22 -35.42 -43.87
CA GLY A 699 10.73 -34.92 -45.13
C GLY A 699 11.70 -33.76 -45.04
N SER A 700 11.90 -33.19 -43.85
CA SER A 700 12.82 -32.08 -43.70
C SER A 700 14.26 -32.58 -43.68
N LEU A 701 15.20 -31.65 -43.87
CA LEU A 701 16.61 -31.98 -43.77
C LEU A 701 17.03 -32.16 -42.32
N PHE A 702 17.89 -33.15 -42.09
CA PHE A 702 18.48 -33.29 -40.75
C PHE A 702 19.40 -32.11 -40.44
N TRP A 703 20.16 -31.64 -41.43
CA TRP A 703 21.05 -30.51 -41.23
C TRP A 703 20.28 -29.20 -41.43
N GLN A 704 19.30 -29.00 -40.55
CA GLN A 704 18.54 -27.77 -40.44
C GLN A 704 19.02 -26.97 -39.23
N SER A 705 18.92 -25.64 -39.34
CA SER A 705 19.34 -24.75 -38.26
C SER A 705 18.79 -25.22 -36.92
N PRO A 706 19.58 -25.08 -35.85
CA PRO A 706 20.94 -24.53 -35.72
C PRO A 706 22.09 -25.48 -36.08
N LYS A 707 21.78 -26.65 -36.65
CA LYS A 707 22.82 -27.60 -37.01
C LYS A 707 23.59 -27.14 -38.24
N ARG A 708 24.92 -27.34 -38.20
CA ARG A 708 25.80 -26.97 -39.31
C ARG A 708 26.66 -28.17 -39.68
N PRO A 709 26.71 -28.55 -40.95
CA PRO A 709 27.51 -29.73 -41.36
C PRO A 709 29.00 -29.47 -41.26
N PRO A 710 29.76 -30.40 -40.69
CA PRO A 710 31.23 -30.25 -40.70
C PRO A 710 31.83 -30.60 -42.06
N SER A 711 33.01 -30.02 -42.31
CA SER A 711 33.79 -30.37 -43.49
C SER A 711 35.24 -30.64 -43.07
N PRO A 712 35.84 -31.74 -43.53
CA PRO A 712 37.19 -32.10 -43.06
C PRO A 712 38.25 -31.09 -43.48
N ILE A 713 39.25 -30.94 -42.60
CA ILE A 713 40.37 -30.02 -42.80
C ILE A 713 41.60 -30.83 -43.16
N LYS A 714 42.33 -30.39 -44.19
CA LYS A 714 43.58 -31.00 -44.60
C LYS A 714 44.76 -30.33 -43.90
N PHE A 715 45.57 -31.12 -43.21
CA PHE A 715 46.68 -30.59 -42.43
C PHE A 715 47.72 -29.95 -43.34
N ASP A 716 48.14 -28.74 -43.00
CA ASP A 716 49.10 -27.98 -43.80
C ASP A 716 49.98 -27.19 -42.83
N LEU A 717 51.24 -27.61 -42.70
CA LEU A 717 52.16 -26.95 -41.78
C LEU A 717 52.44 -25.50 -42.18
N ASN A 718 52.11 -25.11 -43.42
CA ASN A 718 52.24 -23.71 -43.82
C ASN A 718 51.11 -22.84 -43.30
N GLU A 719 50.03 -23.44 -42.82
CA GLU A 719 48.96 -22.69 -42.18
C GLU A 719 49.37 -22.35 -40.76
N PRO A 720 49.45 -21.07 -40.38
CA PRO A 720 49.87 -20.74 -39.01
C PRO A 720 48.98 -21.34 -37.95
N LEU A 721 47.68 -21.48 -38.23
CA LEU A 721 46.77 -22.11 -37.27
C LEU A 721 47.13 -23.58 -37.06
N HIS A 722 47.47 -24.30 -38.13
CA HIS A 722 47.84 -25.71 -38.01
C HIS A 722 49.17 -25.86 -37.27
N LEU A 723 50.13 -24.98 -37.58
CA LEU A 723 51.42 -25.02 -36.89
C LEU A 723 51.24 -24.75 -35.40
N SER A 724 50.41 -23.76 -35.07
CA SER A 724 50.18 -23.44 -33.67
C SER A 724 49.57 -24.63 -32.93
N PHE A 725 48.61 -25.33 -33.53
CA PHE A 725 48.06 -26.51 -32.88
C PHE A 725 49.14 -27.56 -32.66
N LEU A 726 49.89 -27.90 -33.73
CA LEU A 726 50.90 -28.95 -33.63
C LEU A 726 51.94 -28.62 -32.56
N GLN A 727 52.42 -27.38 -32.55
CA GLN A 727 53.43 -26.98 -31.57
C GLN A 727 52.92 -27.18 -30.14
N ASN A 728 51.76 -26.59 -29.83
CA ASN A 728 51.32 -26.56 -28.44
C ASN A 728 50.79 -27.92 -27.99
N ALA A 729 50.12 -28.66 -28.88
CA ALA A 729 49.70 -30.02 -28.53
C ALA A 729 50.91 -30.90 -28.27
N ALA A 730 51.95 -30.77 -29.10
CA ALA A 730 53.14 -31.59 -28.93
C ALA A 730 53.89 -31.24 -27.65
N LYS A 731 54.00 -29.95 -27.32
CA LYS A 731 54.73 -29.61 -26.10
C LYS A 731 53.93 -29.96 -24.85
N LEU A 732 52.60 -29.93 -24.93
CA LEU A 732 51.82 -30.34 -23.76
C LEU A 732 51.88 -31.85 -23.56
N TYR A 733 51.81 -32.63 -24.64
CA TYR A 733 51.99 -34.07 -24.49
C TYR A 733 53.39 -34.40 -24.00
N ALA A 734 54.39 -33.64 -24.45
CA ALA A 734 55.75 -33.85 -23.94
C ALA A 734 55.83 -33.54 -22.45
N THR A 735 55.07 -32.55 -21.98
CA THR A 735 55.05 -32.25 -20.55
C THR A 735 54.39 -33.37 -19.76
N VAL A 736 53.26 -33.88 -20.25
CA VAL A 736 52.54 -34.93 -19.53
C VAL A 736 53.37 -36.21 -19.47
N TYR A 737 54.08 -36.54 -20.55
CA TYR A 737 54.84 -37.79 -20.63
C TYR A 737 56.31 -37.62 -20.27
N CYS A 738 56.70 -36.48 -19.70
CA CYS A 738 58.05 -36.26 -19.19
C CYS A 738 59.11 -36.47 -20.27
N ILE A 739 58.94 -35.79 -21.40
CA ILE A 739 59.91 -35.80 -22.49
C ILE A 739 60.52 -34.41 -22.57
N PRO A 740 61.83 -34.27 -22.38
CA PRO A 740 62.44 -32.94 -22.50
C PRO A 740 62.44 -32.47 -23.94
N PHE A 741 62.29 -31.17 -24.13
CA PHE A 741 62.30 -30.58 -25.47
C PHE A 741 62.87 -29.18 -25.43
N ALA A 742 63.62 -28.82 -26.46
CA ALA A 742 64.19 -27.49 -26.63
C ALA A 742 63.31 -26.69 -27.59
N GLU A 743 63.48 -25.36 -27.56
CA GLU A 743 62.68 -24.50 -28.44
C GLU A 743 63.12 -24.55 -29.90
N GLU A 744 64.27 -25.17 -30.21
CA GLU A 744 64.60 -25.44 -31.60
C GLU A 744 63.85 -26.63 -32.17
N ASP A 745 63.32 -27.51 -31.31
CA ASP A 745 62.49 -28.61 -31.78
C ASP A 745 61.10 -28.15 -32.20
N LEU A 746 60.74 -26.90 -31.94
CA LEU A 746 59.42 -26.37 -32.27
C LEU A 746 59.39 -25.67 -33.63
N SER A 747 60.52 -25.57 -34.31
CA SER A 747 60.57 -24.86 -35.59
C SER A 747 59.71 -25.58 -36.63
N ALA A 748 59.16 -24.81 -37.56
CA ALA A 748 58.39 -25.39 -38.65
C ALA A 748 59.25 -26.31 -39.49
N ASP A 749 60.54 -26.02 -39.57
CA ASP A 749 61.46 -26.89 -40.30
C ASP A 749 61.70 -28.20 -39.56
N ALA A 750 61.98 -28.10 -38.25
CA ALA A 750 62.20 -29.30 -37.45
C ALA A 750 60.95 -30.18 -37.41
N LEU A 751 59.77 -29.55 -37.40
CA LEU A 751 58.52 -30.32 -37.36
C LEU A 751 58.25 -31.03 -38.67
N LEU A 752 58.50 -30.35 -39.80
CA LEU A 752 58.26 -30.99 -41.10
C LEU A 752 59.14 -32.22 -41.30
N ASN A 753 60.38 -32.18 -40.78
CA ASN A 753 61.25 -33.34 -40.90
C ASN A 753 60.76 -34.51 -40.06
N ILE A 754 60.27 -34.23 -38.84
CA ILE A 754 59.77 -35.31 -37.99
C ILE A 754 58.57 -35.99 -38.63
N LEU A 755 57.73 -35.22 -39.30
CA LEU A 755 56.53 -35.76 -39.94
C LEU A 755 56.76 -36.16 -41.39
N SER A 756 57.97 -35.99 -41.92
CA SER A 756 58.20 -36.17 -43.35
C SER A 756 57.90 -37.60 -43.79
N GLU A 757 58.32 -38.58 -42.98
CA GLU A 757 58.15 -39.99 -43.31
C GLU A 757 57.16 -40.68 -42.36
N VAL A 758 56.22 -39.91 -41.83
CA VAL A 758 55.19 -40.44 -40.95
C VAL A 758 53.92 -40.61 -41.75
N LYS A 759 53.46 -41.85 -41.88
CA LYS A 759 52.25 -42.14 -42.63
C LYS A 759 51.02 -41.72 -41.85
N ILE A 760 50.00 -41.26 -42.57
CA ILE A 760 48.74 -40.82 -42.00
C ILE A 760 47.70 -41.90 -42.23
N GLN A 761 47.13 -42.41 -41.14
CA GLN A 761 46.18 -43.51 -41.23
C GLN A 761 44.90 -43.05 -41.93
N GLU A 762 44.49 -43.78 -42.96
CA GLU A 762 43.27 -43.45 -43.67
C GLU A 762 42.06 -43.62 -42.78
N PHE A 763 41.06 -42.77 -42.99
CA PHE A 763 39.87 -42.77 -42.15
C PHE A 763 39.06 -44.05 -42.36
N LYS A 764 38.57 -44.62 -41.26
CA LYS A 764 37.73 -45.80 -41.30
C LYS A 764 36.45 -45.51 -40.51
N PRO A 765 35.28 -45.61 -41.13
CA PRO A 765 34.04 -45.29 -40.42
C PRO A 765 33.69 -46.36 -39.40
N SER A 766 32.70 -46.03 -38.56
CA SER A 766 32.13 -46.98 -37.61
C SER A 766 30.62 -46.76 -37.58
N ASN A 767 29.91 -47.73 -37.02
CA ASN A 767 28.47 -47.62 -36.79
C ASN A 767 28.17 -47.19 -35.35
N LYS A 768 29.06 -46.40 -34.75
CA LYS A 768 28.83 -45.85 -33.43
C LYS A 768 27.63 -44.91 -33.46
N VAL A 769 26.80 -44.97 -32.42
CA VAL A 769 25.59 -44.18 -32.35
C VAL A 769 25.90 -42.81 -31.77
N VAL A 770 25.45 -41.77 -32.46
CA VAL A 770 25.66 -40.38 -32.03
C VAL A 770 24.32 -39.81 -31.62
N GLN A 771 24.28 -39.20 -30.43
CA GLN A 771 23.04 -38.71 -29.86
C GLN A 771 22.65 -37.37 -30.48
N THR A 772 21.38 -37.24 -30.85
CA THR A 772 20.85 -36.00 -31.41
C THR A 772 19.89 -35.28 -30.48
N ASP A 773 19.52 -35.90 -29.37
CA ASP A 773 18.58 -35.28 -28.44
C ASP A 773 19.23 -34.09 -27.75
N GLU A 774 18.53 -32.95 -27.76
CA GLU A 774 19.01 -31.77 -27.06
C GLU A 774 18.90 -31.90 -25.55
N THR A 775 18.27 -32.98 -25.06
CA THR A 775 18.16 -33.28 -23.65
C THR A 775 18.83 -34.62 -23.33
N ALA A 776 20.00 -34.85 -23.94
CA ALA A 776 20.67 -36.15 -23.82
C ALA A 776 21.42 -36.27 -22.50
N ARG A 777 22.39 -35.38 -22.27
CA ARG A 777 23.17 -35.31 -21.04
C ARG A 777 23.91 -36.63 -20.76
N LYS A 778 24.94 -36.85 -21.58
CA LYS A 778 25.93 -37.93 -21.42
C LYS A 778 25.31 -39.31 -21.66
N PRO A 779 26.08 -40.27 -22.20
CA PRO A 779 25.53 -41.63 -22.35
C PRO A 779 25.86 -42.54 -21.17
N ASP A 780 26.06 -41.97 -19.99
CA ASP A 780 26.37 -42.72 -18.77
C ASP A 780 27.64 -43.52 -19.00
N HIS A 781 27.59 -44.86 -18.99
CA HIS A 781 28.78 -45.68 -19.19
C HIS A 781 28.42 -46.86 -20.08
N VAL A 782 29.14 -47.01 -21.19
CA VAL A 782 28.94 -48.15 -22.09
C VAL A 782 29.58 -49.38 -21.46
N PRO A 783 28.92 -50.54 -21.51
CA PRO A 783 29.55 -51.76 -20.99
C PRO A 783 30.69 -52.19 -21.89
N ILE A 784 31.72 -52.78 -21.26
CA ILE A 784 32.88 -53.24 -22.00
C ILE A 784 32.48 -54.41 -22.90
N SER A 785 33.01 -54.41 -24.12
CA SER A 785 32.73 -55.48 -25.07
C SER A 785 33.75 -56.59 -24.93
N SER A 786 33.40 -57.76 -25.47
CA SER A 786 34.31 -58.90 -25.44
C SER A 786 35.57 -58.62 -26.26
N GLU A 787 35.45 -57.88 -27.36
CA GLU A 787 36.63 -57.55 -28.15
C GLU A 787 37.56 -56.59 -27.42
N ASP A 788 37.00 -55.61 -26.70
CA ASP A 788 37.85 -54.67 -25.98
C ASP A 788 38.69 -55.36 -24.91
N GLU A 789 38.09 -56.27 -24.14
CA GLU A 789 38.86 -56.98 -23.12
C GLU A 789 39.97 -57.80 -23.76
N ARG A 790 39.68 -58.41 -24.92
CA ARG A 790 40.68 -59.19 -25.64
C ARG A 790 41.81 -58.29 -26.14
N ASN A 791 41.48 -57.07 -26.57
CA ASN A 791 42.51 -56.15 -27.05
C ASN A 791 43.35 -55.61 -25.91
N ALA A 792 42.75 -55.41 -24.73
CA ALA A 792 43.52 -54.92 -23.59
C ALA A 792 44.57 -55.93 -23.15
N ILE A 793 44.20 -57.21 -23.12
CA ILE A 793 45.16 -58.25 -22.74
C ILE A 793 46.32 -58.29 -23.74
N PHE A 794 46.01 -58.15 -25.04
CA PHE A 794 47.07 -58.15 -26.04
C PHE A 794 48.03 -57.00 -25.82
N GLN A 795 47.50 -55.80 -25.54
CA GLN A 795 48.36 -54.65 -25.34
C GLN A 795 49.12 -54.76 -24.02
N LEU A 796 48.48 -55.31 -22.99
CA LEU A 796 49.15 -55.48 -21.70
C LEU A 796 50.33 -56.44 -21.81
N GLU A 797 50.13 -57.57 -22.50
CA GLU A 797 51.25 -58.50 -22.72
C GLU A 797 52.34 -57.86 -23.57
N LYS A 798 51.96 -57.14 -24.63
CA LYS A 798 52.96 -56.53 -25.50
C LYS A 798 53.82 -55.51 -24.75
N ALA A 799 53.23 -54.81 -23.77
CA ALA A 799 54.00 -53.88 -22.95
C ALA A 799 54.89 -54.60 -21.95
N ILE A 800 54.45 -55.75 -21.43
CA ILE A 800 55.26 -56.50 -20.47
C ILE A 800 56.42 -57.21 -21.17
N LEU A 801 56.16 -57.75 -22.37
CA LEU A 801 57.22 -58.46 -23.08
C LEU A 801 58.33 -57.53 -23.54
N SER A 802 57.98 -56.30 -23.95
CA SER A 802 58.97 -55.33 -24.40
C SER A 802 59.43 -54.38 -23.31
N ASN A 803 59.22 -54.73 -22.04
CA ASN A 803 59.70 -53.95 -20.89
C ASN A 803 59.25 -52.49 -20.95
N GLU A 804 58.00 -52.28 -21.39
CA GLU A 804 57.44 -50.94 -21.50
C GLU A 804 56.39 -50.68 -20.41
N ALA A 805 56.53 -51.34 -19.27
CA ALA A 805 55.64 -51.18 -18.12
C ALA A 805 56.45 -51.04 -16.84
N THR A 806 57.56 -50.30 -16.89
CA THR A 806 58.38 -50.06 -15.71
C THR A 806 57.77 -48.94 -14.87
N LYS A 807 58.45 -48.57 -13.79
CA LYS A 807 57.91 -47.56 -12.88
C LYS A 807 57.74 -46.22 -13.59
N SER A 808 58.70 -45.83 -14.44
CA SER A 808 58.58 -44.58 -15.16
C SER A 808 57.39 -44.59 -16.12
N ASP A 809 57.02 -45.76 -16.62
CA ASP A 809 55.89 -45.88 -17.55
C ASP A 809 54.55 -45.85 -16.84
N LEU A 810 54.51 -46.09 -15.53
CA LEU A 810 53.27 -46.15 -14.77
C LEU A 810 52.88 -44.82 -14.16
N GLN A 811 53.53 -43.72 -14.57
CA GLN A 811 53.18 -42.40 -14.07
C GLN A 811 53.19 -41.39 -15.21
N MET A 812 52.36 -40.37 -15.07
CA MET A 812 52.30 -39.22 -15.98
C MET A 812 52.22 -37.95 -15.15
N ALA A 813 52.69 -36.85 -15.74
CA ALA A 813 52.59 -35.54 -15.10
C ALA A 813 51.21 -34.94 -15.37
N VAL A 814 50.56 -34.44 -14.31
CA VAL A 814 49.25 -33.81 -14.40
C VAL A 814 49.41 -32.30 -14.49
N LEU A 815 48.82 -31.69 -15.52
CA LEU A 815 48.84 -30.23 -15.66
C LEU A 815 47.59 -29.60 -15.03
N SER A 816 47.75 -28.33 -14.66
CA SER A 816 46.65 -27.52 -14.13
C SER A 816 46.45 -26.31 -15.03
N PHE A 817 45.23 -26.14 -15.54
CA PHE A 817 44.91 -25.03 -16.44
C PHE A 817 45.25 -23.69 -15.80
N GLU A 818 46.12 -22.92 -16.46
CA GLU A 818 46.58 -21.62 -15.96
C GLU A 818 46.43 -20.60 -17.09
N LYS A 819 45.39 -19.78 -17.02
CA LYS A 819 45.08 -18.87 -18.12
C LYS A 819 46.03 -17.68 -18.22
N ASP A 820 46.65 -17.26 -17.12
CA ASP A 820 47.35 -15.98 -17.09
C ASP A 820 48.87 -16.10 -17.28
N ASP A 821 49.38 -17.28 -17.64
CA ASP A 821 50.79 -17.46 -17.99
C ASP A 821 50.87 -17.80 -19.48
N ASP A 822 51.34 -16.84 -20.29
CA ASP A 822 51.32 -16.98 -21.73
C ASP A 822 52.33 -17.99 -22.27
N HIS A 823 53.28 -18.45 -21.45
CA HIS A 823 54.34 -19.32 -21.95
C HIS A 823 54.03 -20.80 -21.83
N ASN A 824 53.00 -21.18 -21.05
CA ASN A 824 52.68 -22.59 -20.85
C ASN A 824 51.91 -23.20 -22.02
N GLY A 825 51.44 -22.39 -22.98
CA GLY A 825 50.75 -22.91 -24.14
C GLY A 825 49.30 -23.33 -23.93
N HIS A 826 48.75 -23.12 -22.73
CA HIS A 826 47.38 -23.55 -22.46
C HIS A 826 46.38 -22.80 -23.33
N ILE A 827 46.41 -21.46 -23.27
CA ILE A 827 45.50 -20.65 -24.06
C ILE A 827 45.78 -20.82 -25.55
N ASP A 828 47.06 -20.92 -25.93
CA ASP A 828 47.37 -21.09 -27.35
C ASP A 828 46.83 -22.42 -27.87
N PHE A 829 46.88 -23.48 -27.04
CA PHE A 829 46.27 -24.75 -27.43
C PHE A 829 44.77 -24.60 -27.60
N ILE A 830 44.12 -23.97 -26.63
CA ILE A 830 42.67 -23.82 -26.65
C ILE A 830 42.23 -23.00 -27.85
N THR A 831 42.93 -21.89 -28.11
CA THR A 831 42.57 -21.02 -29.23
C THR A 831 42.71 -21.74 -30.57
N ALA A 832 43.82 -22.48 -30.74
CA ALA A 832 44.04 -23.17 -32.01
C ALA A 832 43.01 -24.28 -32.19
N ALA A 833 42.79 -25.09 -31.15
CA ALA A 833 41.82 -26.18 -31.24
C ALA A 833 40.41 -25.64 -31.48
N SER A 834 40.02 -24.58 -30.77
CA SER A 834 38.69 -24.01 -30.94
C SER A 834 38.49 -23.46 -32.35
N ASN A 835 39.48 -22.74 -32.88
CA ASN A 835 39.31 -22.14 -34.21
C ASN A 835 39.41 -23.17 -35.32
N LEU A 836 40.16 -24.26 -35.10
CA LEU A 836 40.15 -25.35 -36.07
C LEU A 836 38.79 -26.03 -36.10
N ARG A 837 38.21 -26.28 -34.92
CA ARG A 837 36.88 -26.86 -34.89
C ARG A 837 35.84 -25.92 -35.49
N ALA A 838 35.97 -24.61 -35.21
CA ALA A 838 35.06 -23.63 -35.80
C ALA A 838 35.16 -23.64 -37.32
N LYS A 839 36.39 -23.68 -37.85
CA LYS A 839 36.55 -23.70 -39.31
C LYS A 839 35.94 -24.98 -39.88
N MET A 840 36.06 -26.10 -39.16
CA MET A 840 35.43 -27.34 -39.59
C MET A 840 33.92 -27.18 -39.73
N TYR A 841 33.29 -26.37 -38.87
CA TYR A 841 31.85 -26.15 -38.90
C TYR A 841 31.45 -24.81 -39.55
N SER A 842 32.36 -24.13 -40.25
CA SER A 842 32.07 -22.85 -40.90
C SER A 842 31.50 -21.83 -39.90
N ILE A 843 32.06 -21.84 -38.69
CA ILE A 843 31.78 -20.88 -37.63
C ILE A 843 32.88 -19.82 -37.64
N GLU A 844 32.52 -18.56 -37.36
CA GLU A 844 33.54 -17.50 -37.37
C GLU A 844 34.51 -17.69 -36.21
N PRO A 845 35.82 -17.74 -36.48
CA PRO A 845 36.79 -17.92 -35.41
C PRO A 845 36.87 -16.68 -34.52
N ALA A 846 37.58 -16.83 -33.39
CA ALA A 846 37.80 -15.75 -32.45
C ALA A 846 39.29 -15.62 -32.17
N ASP A 847 39.73 -14.40 -31.88
CA ASP A 847 41.16 -14.21 -31.62
C ASP A 847 41.49 -14.68 -30.20
N ARG A 848 42.78 -14.58 -29.85
CA ARG A 848 43.26 -15.16 -28.61
C ARG A 848 42.66 -14.48 -27.37
N PHE A 849 42.47 -13.16 -27.43
CA PHE A 849 41.96 -12.44 -26.28
C PHE A 849 40.51 -12.80 -25.99
N LYS A 850 39.68 -12.90 -27.04
CA LYS A 850 38.30 -13.33 -26.84
C LYS A 850 38.24 -14.77 -26.35
N THR A 851 39.06 -15.66 -26.93
CA THR A 851 39.09 -17.04 -26.49
C THR A 851 39.48 -17.13 -25.01
N LYS A 852 40.47 -16.35 -24.60
CA LYS A 852 40.90 -16.35 -23.20
C LYS A 852 39.76 -15.91 -22.28
N ARG A 853 39.05 -14.83 -22.64
CA ARG A 853 37.94 -14.36 -21.81
C ARG A 853 36.91 -15.47 -21.60
N ILE A 854 36.54 -16.15 -22.69
CA ILE A 854 35.47 -17.13 -22.60
C ILE A 854 35.97 -18.42 -21.95
N ALA A 855 37.15 -18.90 -22.34
CA ALA A 855 37.67 -20.12 -21.74
C ALA A 855 37.97 -19.94 -20.25
N GLY A 856 38.52 -18.78 -19.88
CA GLY A 856 38.87 -18.49 -18.50
C GLY A 856 37.75 -18.04 -17.60
N LYS A 857 36.53 -17.87 -18.12
CA LYS A 857 35.39 -17.41 -17.33
C LYS A 857 35.66 -16.05 -16.70
N ILE A 858 36.45 -15.22 -17.38
CA ILE A 858 36.85 -13.92 -16.86
C ILE A 858 35.65 -12.97 -16.84
N ILE A 859 35.50 -12.23 -15.75
CA ILE A 859 34.39 -11.32 -15.55
C ILE A 859 34.88 -9.90 -15.83
N PRO A 860 34.32 -9.20 -16.81
CA PRO A 860 34.78 -7.83 -17.08
C PRO A 860 34.62 -6.95 -15.85
N ALA A 861 35.61 -6.09 -15.63
CA ALA A 861 35.57 -5.20 -14.47
C ALA A 861 36.27 -3.89 -14.79
N ILE A 862 35.72 -2.80 -14.25
CA ILE A 862 36.31 -1.48 -14.39
C ILE A 862 36.18 -0.74 -13.06
N ALA A 863 37.22 0.02 -12.70
CA ALA A 863 37.26 0.68 -11.39
C ALA A 863 36.11 1.66 -11.19
N THR A 864 35.55 2.20 -12.27
CA THR A 864 34.49 3.21 -12.14
C THR A 864 33.24 2.63 -11.48
N THR A 865 32.72 1.52 -12.02
CA THR A 865 31.59 0.85 -11.40
C THR A 865 31.93 0.39 -9.99
N THR A 866 33.12 -0.18 -9.80
CA THR A 866 33.51 -0.71 -8.51
C THR A 866 33.46 0.37 -7.44
N ALA A 867 34.01 1.55 -7.75
CA ALA A 867 33.97 2.64 -6.79
C ALA A 867 32.55 3.11 -6.55
N THR A 868 31.67 3.01 -7.57
CA THR A 868 30.30 3.51 -7.42
C THR A 868 29.50 2.66 -6.44
N VAL A 869 29.46 1.34 -6.65
CA VAL A 869 28.65 0.49 -5.76
C VAL A 869 29.24 0.48 -4.35
N SER A 870 30.56 0.59 -4.22
CA SER A 870 31.17 0.60 -2.89
C SER A 870 30.76 1.85 -2.11
N GLY A 871 30.68 2.99 -2.79
CA GLY A 871 30.20 4.18 -2.12
C GLY A 871 28.76 4.05 -1.68
N LEU A 872 27.92 3.43 -2.51
CA LEU A 872 26.52 3.21 -2.17
C LEU A 872 26.38 2.25 -0.99
N VAL A 873 27.20 1.20 -0.94
CA VAL A 873 27.15 0.28 0.19
C VAL A 873 27.52 0.99 1.49
N ALA A 874 28.53 1.86 1.45
CA ALA A 874 28.93 2.57 2.66
C ALA A 874 27.81 3.47 3.18
N LEU A 875 27.04 4.07 2.27
CA LEU A 875 25.89 4.87 2.70
C LEU A 875 24.86 4.00 3.43
N GLU A 876 24.56 2.81 2.88
CA GLU A 876 23.62 1.92 3.55
C GLU A 876 24.16 1.45 4.89
N MET A 877 25.48 1.31 5.01
CA MET A 877 26.08 0.88 6.28
C MET A 877 25.87 1.91 7.37
N ILE A 878 25.88 3.20 7.03
CA ILE A 878 25.55 4.23 8.01
C ILE A 878 24.14 4.03 8.54
N LYS A 879 23.20 3.68 7.64
CA LYS A 879 21.82 3.44 8.06
C LYS A 879 21.72 2.22 8.97
N VAL A 880 22.43 1.14 8.65
CA VAL A 880 22.44 -0.04 9.52
C VAL A 880 22.97 0.33 10.89
N THR A 881 24.09 1.06 10.92
CA THR A 881 24.68 1.50 12.18
C THR A 881 23.66 2.23 13.04
N GLY A 882 22.84 3.08 12.44
CA GLY A 882 21.87 3.82 13.19
C GLY A 882 20.58 3.11 13.49
N GLY A 883 20.44 1.85 13.07
CA GLY A 883 19.18 1.15 13.28
C GLY A 883 18.00 1.84 12.62
N TYR A 884 18.15 2.24 11.35
CA TYR A 884 17.14 3.04 10.68
C TYR A 884 15.91 2.21 10.32
N PRO A 885 14.77 2.87 10.07
CA PRO A 885 13.58 2.13 9.68
C PRO A 885 13.70 1.60 8.26
N PHE A 886 12.80 0.65 7.94
CA PHE A 886 12.81 -0.02 6.63
C PHE A 886 12.82 0.97 5.47
N GLU A 887 11.99 2.03 5.53
CA GLU A 887 11.86 2.93 4.38
C GLU A 887 13.14 3.71 4.09
N ALA A 888 14.04 3.81 5.04
CA ALA A 888 15.27 4.55 4.80
C ALA A 888 16.22 3.80 3.88
N TYR A 889 16.14 2.47 3.85
CA TYR A 889 17.10 1.66 3.09
C TYR A 889 16.79 1.67 1.60
N LYS A 890 17.84 1.52 0.79
CA LYS A 890 17.68 1.44 -0.66
C LYS A 890 18.60 0.35 -1.22
N ASN A 891 18.03 -0.56 -2.01
CA ASN A 891 18.81 -1.31 -2.98
C ASN A 891 19.01 -0.45 -4.23
N CYS A 892 20.08 -0.75 -4.97
CA CYS A 892 20.37 -0.04 -6.21
C CYS A 892 20.72 -1.04 -7.30
N PHE A 893 20.13 -0.84 -8.48
CA PHE A 893 20.46 -1.61 -9.67
C PHE A 893 20.79 -0.63 -10.79
N LEU A 894 21.99 -0.75 -11.35
CA LEU A 894 22.49 0.30 -12.23
C LEU A 894 23.25 -0.28 -13.42
N ASN A 895 23.29 0.51 -14.49
CA ASN A 895 24.17 0.23 -15.62
C ASN A 895 24.62 1.58 -16.18
N LEU A 896 25.91 1.89 -15.99
CA LEU A 896 26.47 3.16 -16.42
C LEU A 896 26.57 3.26 -17.94
N ALA A 897 26.37 2.16 -18.67
CA ALA A 897 26.39 2.24 -20.13
C ALA A 897 25.23 3.05 -20.66
N ILE A 898 24.09 3.05 -19.98
CA ILE A 898 22.86 3.57 -20.57
C ILE A 898 22.76 5.11 -20.60
N PRO A 899 22.97 5.81 -19.47
CA PRO A 899 23.15 5.41 -18.06
C PRO A 899 21.80 5.24 -17.42
N ILE A 900 21.70 4.33 -16.44
CA ILE A 900 20.43 4.12 -15.74
C ILE A 900 20.75 3.69 -14.31
N VAL A 901 20.04 4.30 -13.36
CA VAL A 901 20.21 4.02 -11.93
C VAL A 901 18.83 3.86 -11.33
N VAL A 902 18.56 2.69 -10.77
CA VAL A 902 17.26 2.37 -10.22
C VAL A 902 17.45 2.10 -8.72
N PHE A 903 17.19 3.11 -7.90
CA PHE A 903 17.06 2.91 -6.46
C PHE A 903 15.66 2.39 -6.19
N THR A 904 15.53 1.60 -5.11
CA THR A 904 14.27 0.96 -4.81
C THR A 904 14.33 0.50 -3.36
N GLU A 905 13.15 0.47 -2.71
CA GLU A 905 13.10 -0.15 -1.40
C GLU A 905 13.53 -1.60 -1.50
N THR A 906 14.08 -2.13 -0.42
CA THR A 906 14.61 -3.49 -0.45
C THR A 906 13.45 -4.47 -0.29
N THR A 907 13.75 -5.76 -0.13
CA THR A 907 12.70 -6.77 -0.14
C THR A 907 12.01 -6.83 1.22
N GLU A 908 10.71 -6.56 1.25
CA GLU A 908 9.97 -6.69 2.50
C GLU A 908 9.99 -8.12 3.01
N VAL A 909 10.20 -8.27 4.31
CA VAL A 909 10.14 -9.58 4.94
C VAL A 909 8.76 -10.17 4.71
N ARG A 910 8.72 -11.49 4.49
CA ARG A 910 7.49 -12.19 4.17
C ARG A 910 7.03 -12.98 5.40
N LYS A 911 5.71 -13.10 5.55
CA LYS A 911 5.10 -13.84 6.64
C LYS A 911 4.56 -15.17 6.14
N THR A 912 4.97 -16.26 6.79
CA THR A 912 4.48 -17.59 6.49
C THR A 912 3.47 -17.99 7.55
N LYS A 913 2.24 -18.30 7.12
CA LYS A 913 1.17 -18.58 8.06
C LYS A 913 1.25 -20.02 8.54
N ILE A 914 1.26 -20.20 9.86
CA ILE A 914 1.13 -21.54 10.44
C ILE A 914 -0.34 -21.92 10.50
N ARG A 915 -1.08 -21.33 11.44
CA ARG A 915 -2.47 -21.68 11.69
C ARG A 915 -3.06 -20.75 12.75
N ASN A 916 -4.35 -20.40 12.60
CA ASN A 916 -5.05 -19.53 13.55
C ASN A 916 -4.48 -18.11 13.58
N GLY A 917 -3.98 -17.63 12.45
CA GLY A 917 -3.38 -16.32 12.39
C GLY A 917 -1.95 -16.25 12.86
N ILE A 918 -1.40 -17.35 13.38
CA ILE A 918 -0.01 -17.39 13.80
C ILE A 918 0.85 -17.48 12.55
N SER A 919 1.74 -16.52 12.35
CA SER A 919 2.70 -16.51 11.26
C SER A 919 4.13 -16.39 11.78
N PHE A 920 5.11 -16.65 10.91
CA PHE A 920 6.50 -16.44 11.27
C PHE A 920 7.29 -16.04 10.02
N THR A 921 8.47 -15.46 10.26
CA THR A 921 9.41 -15.05 9.21
C THR A 921 10.70 -15.84 9.31
N ILE A 922 11.58 -15.62 8.33
CA ILE A 922 12.88 -16.29 8.32
C ILE A 922 13.73 -15.89 9.53
N TRP A 923 13.38 -14.81 10.22
CA TRP A 923 14.17 -14.33 11.35
C TRP A 923 13.69 -14.83 12.70
N ASP A 924 12.54 -15.51 12.76
CA ASP A 924 12.01 -15.90 14.05
C ASP A 924 12.75 -17.12 14.59
N ARG A 925 13.00 -17.11 15.89
CA ARG A 925 13.55 -18.26 16.59
C ARG A 925 12.82 -18.34 17.91
N TRP A 926 12.32 -19.51 18.23
CA TRP A 926 11.52 -19.70 19.42
C TRP A 926 12.40 -20.39 20.46
N THR A 927 12.11 -20.13 21.73
CA THR A 927 12.85 -20.70 22.85
C THR A 927 11.90 -21.28 23.89
N VAL A 928 12.28 -22.42 24.45
CA VAL A 928 11.63 -22.99 25.62
C VAL A 928 12.71 -23.26 26.66
N HIS A 929 12.51 -22.78 27.89
CA HIS A 929 13.46 -22.99 28.97
C HIS A 929 12.91 -24.05 29.91
N GLY A 930 13.57 -25.21 29.93
CA GLY A 930 13.19 -26.30 30.80
C GLY A 930 14.02 -26.36 32.07
N LYS A 931 13.69 -27.36 32.89
CA LYS A 931 14.46 -27.71 34.07
C LYS A 931 14.81 -29.20 34.02
N GLU A 932 15.37 -29.74 35.10
CA GLU A 932 15.91 -31.10 35.05
C GLU A 932 14.81 -32.14 34.85
N ASP A 933 13.66 -31.96 35.48
CA ASP A 933 12.54 -32.90 35.38
C ASP A 933 11.58 -32.56 34.24
N PHE A 934 11.90 -31.56 33.42
CA PHE A 934 11.04 -31.12 32.33
C PHE A 934 10.84 -32.23 31.32
N THR A 935 9.58 -32.61 31.09
CA THR A 935 9.25 -33.70 30.19
C THR A 935 8.89 -33.19 28.80
N LEU A 936 8.72 -34.14 27.87
CA LEU A 936 8.27 -33.80 26.53
C LEU A 936 6.87 -33.20 26.56
N LEU A 937 6.01 -33.71 27.45
CA LEU A 937 4.70 -33.10 27.65
C LEU A 937 4.84 -31.66 28.13
N ASP A 938 5.78 -31.41 29.05
CA ASP A 938 6.07 -30.04 29.46
C ASP A 938 6.46 -29.19 28.26
N PHE A 939 7.29 -29.75 27.36
CA PHE A 939 7.72 -29.00 26.19
C PHE A 939 6.54 -28.66 25.28
N ILE A 940 5.67 -29.64 25.04
CA ILE A 940 4.51 -29.41 24.19
C ILE A 940 3.61 -28.33 24.79
N ASN A 941 3.33 -28.43 26.09
CA ASN A 941 2.49 -27.44 26.76
C ASN A 941 3.17 -26.07 26.79
N ALA A 942 4.50 -26.04 26.95
CA ALA A 942 5.20 -24.78 27.01
C ALA A 942 5.14 -24.03 25.67
N VAL A 943 5.28 -24.76 24.55
CA VAL A 943 5.17 -24.10 23.26
C VAL A 943 3.77 -23.55 23.05
N LYS A 944 2.74 -24.33 23.42
CA LYS A 944 1.37 -23.89 23.24
C LYS A 944 1.05 -22.66 24.08
N GLU A 945 1.50 -22.64 25.33
CA GLU A 945 1.21 -21.49 26.19
C GLU A 945 1.94 -20.24 25.73
N LYS A 946 3.20 -20.38 25.33
CA LYS A 946 4.01 -19.21 24.99
C LYS A 946 3.67 -18.67 23.59
N TYR A 947 3.46 -19.57 22.62
CA TYR A 947 3.32 -19.17 21.22
C TYR A 947 1.96 -19.44 20.60
N GLY A 948 1.02 -20.08 21.30
CA GLY A 948 -0.35 -20.12 20.85
C GLY A 948 -0.81 -21.37 20.12
N ILE A 949 0.09 -22.30 19.80
CA ILE A 949 -0.31 -23.50 19.06
C ILE A 949 0.49 -24.69 19.57
N GLU A 950 -0.16 -25.86 19.53
CA GLU A 950 0.42 -27.10 20.04
C GLU A 950 1.22 -27.82 18.96
N PRO A 951 2.44 -28.27 19.25
CA PRO A 951 3.19 -29.03 18.25
C PRO A 951 2.59 -30.40 18.00
N THR A 952 2.65 -30.84 16.73
CA THR A 952 2.29 -32.20 16.35
C THR A 952 3.48 -33.05 15.94
N MET A 953 4.67 -32.46 15.84
CA MET A 953 5.89 -33.17 15.51
C MET A 953 7.04 -32.43 16.17
N VAL A 954 7.99 -33.18 16.70
CA VAL A 954 9.24 -32.63 17.22
C VAL A 954 10.37 -33.47 16.68
N VAL A 955 11.29 -32.83 15.97
CA VAL A 955 12.40 -33.51 15.30
C VAL A 955 13.69 -32.83 15.71
N GLN A 956 14.75 -33.62 15.88
CA GLN A 956 16.09 -33.10 16.11
C GLN A 956 16.96 -33.57 14.96
N GLY A 957 17.20 -32.68 13.99
CA GLY A 957 17.88 -33.05 12.77
C GLY A 957 17.13 -34.12 12.02
N VAL A 958 17.66 -35.35 12.04
CA VAL A 958 16.95 -36.48 11.46
C VAL A 958 16.34 -37.39 12.52
N LYS A 959 16.65 -37.18 13.80
CA LYS A 959 16.05 -37.99 14.85
C LYS A 959 14.60 -37.56 15.06
N MET A 960 13.70 -38.53 15.02
CA MET A 960 12.27 -38.30 15.24
C MET A 960 11.99 -38.40 16.73
N LEU A 961 11.93 -37.26 17.41
CA LEU A 961 11.72 -37.30 18.85
C LEU A 961 10.27 -37.62 19.19
N TYR A 962 9.32 -37.03 18.46
CA TYR A 962 7.92 -37.22 18.77
C TYR A 962 7.12 -37.07 17.48
N VAL A 963 6.56 -38.18 17.02
CA VAL A 963 5.67 -38.20 15.87
C VAL A 963 4.45 -39.02 16.26
N PRO A 964 3.35 -38.37 16.66
CA PRO A 964 2.21 -39.11 17.23
C PRO A 964 1.64 -40.17 16.29
N VAL A 965 1.76 -39.99 14.97
CA VAL A 965 1.22 -40.98 14.06
C VAL A 965 2.08 -42.24 13.99
N MET A 966 3.33 -42.19 14.44
CA MET A 966 4.13 -43.41 14.52
C MET A 966 3.65 -44.27 15.68
N PRO A 967 3.60 -45.59 15.52
CA PRO A 967 3.10 -46.45 16.61
C PRO A 967 3.86 -46.24 17.91
N GLY A 968 3.11 -46.13 19.01
CA GLY A 968 3.70 -46.13 20.33
C GLY A 968 4.42 -44.87 20.78
N HIS A 969 4.31 -43.77 20.04
CA HIS A 969 5.04 -42.57 20.41
C HIS A 969 4.40 -41.81 21.58
N ALA A 970 3.14 -42.10 21.89
CA ALA A 970 2.49 -41.43 23.03
C ALA A 970 3.24 -41.70 24.33
N LYS A 971 3.91 -42.85 24.44
CA LYS A 971 4.69 -43.12 25.65
C LYS A 971 5.83 -42.12 25.83
N ARG A 972 6.26 -41.45 24.76
CA ARG A 972 7.36 -40.51 24.87
C ARG A 972 6.96 -39.21 25.58
N LEU A 973 5.66 -38.94 25.69
CA LEU A 973 5.22 -37.72 26.36
C LEU A 973 5.66 -37.69 27.82
N LYS A 974 5.69 -38.85 28.47
CA LYS A 974 6.07 -38.95 29.87
C LYS A 974 7.58 -38.96 30.07
N LEU A 975 8.36 -39.11 29.00
CA LEU A 975 9.80 -39.16 29.14
C LEU A 975 10.36 -37.77 29.36
N THR A 976 11.44 -37.68 30.14
CA THR A 976 12.10 -36.41 30.36
C THR A 976 12.83 -35.98 29.09
N MET A 977 13.03 -34.67 28.95
CA MET A 977 13.72 -34.18 27.75
C MET A 977 15.19 -34.60 27.74
N HIS A 978 15.79 -34.80 28.92
CA HIS A 978 17.16 -35.30 28.98
C HIS A 978 17.28 -36.68 28.34
N LYS A 979 16.43 -37.61 28.77
CA LYS A 979 16.49 -38.97 28.23
C LYS A 979 15.99 -39.03 26.80
N LEU A 980 15.14 -38.10 26.39
CA LEU A 980 14.61 -38.13 25.03
C LEU A 980 15.63 -37.64 24.01
N VAL A 981 16.39 -36.59 24.35
CA VAL A 981 17.32 -35.97 23.41
C VAL A 981 18.71 -36.63 23.45
N LYS A 982 19.22 -36.92 24.66
CA LYS A 982 20.57 -37.45 24.92
C LYS A 982 21.63 -36.45 24.45
N PRO A 983 21.87 -35.38 25.23
CA PRO A 983 22.80 -34.32 24.77
C PRO A 983 24.21 -34.45 25.34
N THR A 984 25.22 -34.07 24.55
CA THR A 984 26.58 -33.98 25.07
C THR A 984 27.40 -32.87 24.42
N THR A 985 27.21 -32.65 23.12
CA THR A 985 28.01 -31.66 22.41
C THR A 985 27.72 -30.23 22.88
N GLU A 986 26.45 -29.83 22.85
CA GLU A 986 26.03 -28.55 23.44
C GLU A 986 25.35 -28.83 24.78
N LYS A 987 26.09 -28.56 25.87
CA LYS A 987 25.58 -28.81 27.21
C LYS A 987 24.40 -27.90 27.55
N LYS A 988 24.27 -26.76 26.87
CA LYS A 988 23.32 -25.72 27.27
C LYS A 988 21.94 -25.91 26.65
N TYR A 989 21.87 -26.19 25.35
CA TYR A 989 20.60 -26.22 24.66
C TYR A 989 20.63 -27.26 23.54
N VAL A 990 19.47 -27.44 22.90
CA VAL A 990 19.32 -28.27 21.71
C VAL A 990 18.36 -27.56 20.76
N ASP A 991 18.68 -27.59 19.47
CA ASP A 991 17.87 -26.92 18.45
C ASP A 991 16.94 -27.94 17.79
N LEU A 992 15.64 -27.68 17.84
CA LEU A 992 14.61 -28.62 17.43
C LEU A 992 13.76 -28.06 16.30
N THR A 993 13.20 -28.96 15.50
CA THR A 993 12.30 -28.61 14.40
C THR A 993 10.89 -29.06 14.78
N VAL A 994 9.98 -28.11 14.87
CA VAL A 994 8.63 -28.31 15.39
C VAL A 994 7.60 -28.02 14.30
N SER A 995 6.65 -28.92 14.12
CA SER A 995 5.59 -28.79 13.13
C SER A 995 4.22 -28.87 13.81
N PHE A 996 3.19 -28.43 13.08
CA PHE A 996 1.87 -28.20 13.64
C PHE A 996 0.79 -28.79 12.74
N ALA A 997 -0.39 -28.99 13.33
CA ALA A 997 -1.51 -29.56 12.60
C ALA A 997 -2.00 -28.60 11.52
N PRO A 998 -2.29 -29.09 10.32
CA PRO A 998 -2.69 -28.20 9.23
C PRO A 998 -4.15 -27.78 9.33
N ASP A 999 -4.49 -26.74 8.57
CA ASP A 999 -5.87 -26.23 8.55
C ASP A 999 -6.86 -27.30 8.08
N ILE A 1000 -6.52 -28.02 7.02
CA ILE A 1000 -7.39 -29.04 6.43
C ILE A 1000 -6.82 -30.41 6.76
N ASP A 1001 -7.62 -31.24 7.43
CA ASP A 1001 -7.17 -32.54 7.88
C ASP A 1001 -6.62 -33.39 6.73
N GLY A 1002 -5.55 -34.13 7.03
CA GLY A 1002 -4.93 -35.02 6.08
C GLY A 1002 -3.83 -34.42 5.24
N ASP A 1003 -3.70 -33.10 5.22
CA ASP A 1003 -2.57 -32.47 4.53
C ASP A 1003 -1.31 -32.57 5.38
N GLU A 1004 -0.18 -32.20 4.78
CA GLU A 1004 1.11 -32.26 5.45
C GLU A 1004 1.18 -31.24 6.60
N ASP A 1005 1.84 -31.64 7.69
CA ASP A 1005 2.02 -30.76 8.83
C ASP A 1005 2.83 -29.53 8.45
N LEU A 1006 2.45 -28.39 9.03
CA LEU A 1006 3.04 -27.09 8.69
C LEU A 1006 4.26 -26.81 9.59
N PRO A 1007 5.43 -26.53 9.01
CA PRO A 1007 6.59 -26.19 9.84
C PRO A 1007 6.54 -24.79 10.44
N GLY A 1008 7.06 -24.69 11.67
CA GLY A 1008 7.20 -23.43 12.37
C GLY A 1008 8.63 -22.94 12.45
N PRO A 1009 8.86 -21.89 13.24
CA PRO A 1009 10.22 -21.41 13.48
C PRO A 1009 11.06 -22.48 14.15
N PRO A 1010 12.38 -22.45 14.00
CA PRO A 1010 13.23 -23.32 14.81
C PRO A 1010 13.04 -22.99 16.28
N VAL A 1011 13.13 -24.03 17.12
CA VAL A 1011 12.89 -23.90 18.55
C VAL A 1011 14.15 -24.34 19.28
N ARG A 1012 14.66 -23.47 20.15
CA ARG A 1012 15.83 -23.79 20.96
C ARG A 1012 15.39 -24.14 22.38
N TYR A 1013 15.67 -25.37 22.80
CA TYR A 1013 15.28 -25.84 24.12
C TYR A 1013 16.50 -25.80 25.04
N TYR A 1014 16.36 -25.11 26.17
CA TYR A 1014 17.40 -25.04 27.20
C TYR A 1014 17.10 -26.04 28.30
N PHE A 1015 18.11 -26.84 28.67
CA PHE A 1015 17.88 -27.92 29.63
C PHE A 1015 17.70 -27.40 31.06
N SER A 1016 18.37 -26.31 31.42
CA SER A 1016 18.16 -25.70 32.73
C SER A 1016 18.02 -24.19 32.61
N HIS A 1017 18.08 -23.49 33.74
CA HIS A 1017 17.89 -22.03 33.76
C HIS A 1017 19.23 -21.32 33.87
N ASP A 1018 19.95 -21.31 32.75
CA ASP A 1018 21.26 -20.69 32.68
C ASP A 1018 21.67 -20.46 31.23
N MET B 1 -20.27 -3.39 -6.43
CA MET B 1 -20.65 -4.16 -7.61
C MET B 1 -19.42 -4.42 -8.49
N HIS B 2 -19.43 -5.54 -9.21
CA HIS B 2 -18.39 -5.86 -10.18
C HIS B 2 -18.13 -4.68 -11.10
N HIS B 3 -16.86 -4.45 -11.42
CA HIS B 3 -16.48 -3.31 -12.24
C HIS B 3 -16.36 -3.70 -13.70
N HIS B 4 -16.27 -2.70 -14.57
CA HIS B 4 -15.89 -2.94 -15.95
C HIS B 4 -14.44 -3.39 -16.02
N HIS B 5 -14.15 -4.28 -16.96
CA HIS B 5 -12.79 -4.79 -17.13
C HIS B 5 -11.91 -3.70 -17.71
N HIS B 6 -10.71 -3.55 -17.14
CA HIS B 6 -9.80 -2.48 -17.52
C HIS B 6 -8.53 -3.11 -18.05
N HIS B 7 -8.47 -3.25 -19.37
CA HIS B 7 -7.27 -3.69 -20.06
C HIS B 7 -6.29 -2.53 -20.20
N MET B 8 -5.00 -2.88 -20.25
CA MET B 8 -3.94 -1.88 -20.26
C MET B 8 -2.70 -2.47 -20.92
N GLN B 9 -1.85 -1.57 -21.39
CA GLN B 9 -0.55 -1.90 -21.96
C GLN B 9 0.51 -1.40 -20.99
N ILE B 10 1.47 -2.26 -20.63
CA ILE B 10 2.58 -1.84 -19.77
C ILE B 10 3.90 -2.22 -20.42
N PHE B 11 4.96 -1.53 -19.97
CA PHE B 11 6.31 -1.71 -20.50
C PHE B 11 7.23 -2.26 -19.42
N VAL B 12 7.95 -3.32 -19.75
CA VAL B 12 8.99 -3.90 -18.89
C VAL B 12 10.34 -3.62 -19.56
N ARG B 13 11.14 -2.77 -18.93
CA ARG B 13 12.44 -2.37 -19.46
C ARG B 13 13.56 -3.08 -18.71
N THR B 14 14.58 -3.51 -19.44
CA THR B 14 15.79 -4.01 -18.80
C THR B 14 16.69 -2.84 -18.43
N LEU B 15 17.84 -3.14 -17.84
CA LEU B 15 18.88 -2.13 -17.63
C LEU B 15 19.91 -2.18 -18.75
N THR B 16 19.53 -2.76 -19.88
CA THR B 16 20.38 -2.84 -21.08
C THR B 16 19.73 -2.18 -22.29
N GLY B 17 18.71 -1.34 -22.06
CA GLY B 17 18.09 -0.62 -23.16
C GLY B 17 17.00 -1.34 -23.91
N ARG B 18 16.54 -2.48 -23.41
CA ARG B 18 15.48 -3.24 -24.07
C ARG B 18 14.13 -2.92 -23.42
N THR B 19 13.07 -3.05 -24.22
CA THR B 19 11.71 -2.84 -23.74
C THR B 19 10.82 -3.99 -24.18
N ILE B 20 10.15 -4.62 -23.22
CA ILE B 20 9.14 -5.63 -23.48
C ILE B 20 7.77 -4.98 -23.29
N THR B 21 6.98 -4.95 -24.35
CA THR B 21 5.62 -4.44 -24.29
C THR B 21 4.66 -5.58 -23.96
N LEU B 22 3.93 -5.43 -22.86
CA LEU B 22 3.02 -6.46 -22.37
C LEU B 22 1.56 -5.99 -22.48
N GLU B 23 0.69 -6.88 -22.97
CA GLU B 23 -0.75 -6.69 -22.92
C GLU B 23 -1.29 -7.41 -21.68
N VAL B 24 -1.78 -6.65 -20.71
CA VAL B 24 -2.21 -7.20 -19.43
C VAL B 24 -3.60 -6.69 -19.06
N GLU B 25 -4.15 -7.30 -18.01
CA GLU B 25 -5.35 -6.84 -17.33
C GLU B 25 -4.96 -6.28 -15.97
N SER B 26 -5.71 -5.29 -15.49
CA SER B 26 -5.38 -4.69 -14.19
C SER B 26 -5.55 -5.69 -13.05
N SER B 27 -6.34 -6.74 -13.27
CA SER B 27 -6.58 -7.77 -12.26
C SER B 27 -5.54 -8.87 -12.28
N ASP B 28 -4.60 -8.85 -13.23
CA ASP B 28 -3.56 -9.85 -13.28
C ASP B 28 -2.74 -9.81 -11.99
N THR B 29 -2.38 -10.99 -11.49
CA THR B 29 -1.42 -11.04 -10.39
C THR B 29 -0.01 -10.78 -10.91
N ILE B 30 0.87 -10.38 -9.98
CA ILE B 30 2.29 -10.27 -10.29
C ILE B 30 2.83 -11.63 -10.71
N ASP B 31 2.33 -12.71 -10.08
CA ASP B 31 2.71 -14.06 -10.49
C ASP B 31 2.44 -14.29 -11.97
N ASN B 32 1.27 -13.85 -12.45
CA ASN B 32 0.93 -14.05 -13.85
C ASN B 32 1.83 -13.23 -14.77
N VAL B 33 2.22 -12.03 -14.34
CA VAL B 33 3.12 -11.20 -15.13
C VAL B 33 4.48 -11.89 -15.29
N ARG B 34 4.98 -12.53 -14.22
CA ARG B 34 6.22 -13.27 -14.34
C ARG B 34 6.09 -14.41 -15.33
N ALA B 35 4.93 -15.08 -15.34
CA ALA B 35 4.70 -16.14 -16.31
C ALA B 35 4.71 -15.60 -17.74
N ARG B 36 4.09 -14.44 -17.97
CA ARG B 36 4.09 -13.87 -19.31
C ARG B 36 5.51 -13.48 -19.74
N ILE B 37 6.31 -12.96 -18.80
CA ILE B 37 7.69 -12.61 -19.12
C ILE B 37 8.49 -13.86 -19.44
N GLN B 38 8.21 -14.97 -18.75
CA GLN B 38 8.89 -16.22 -19.07
C GLN B 38 8.58 -16.63 -20.51
N ASP B 39 7.32 -16.45 -20.94
CA ASP B 39 6.96 -16.80 -22.30
C ASP B 39 7.68 -15.95 -23.32
N ARG B 40 7.95 -14.69 -23.00
CA ARG B 40 8.57 -13.76 -23.92
C ARG B 40 10.09 -13.81 -23.90
N GLU B 41 10.69 -14.11 -22.75
CA GLU B 41 12.13 -14.01 -22.57
C GLU B 41 12.82 -15.33 -22.24
N GLY B 42 12.08 -16.35 -21.80
CA GLY B 42 12.69 -17.56 -21.34
C GLY B 42 13.30 -17.48 -19.96
N ILE B 43 13.01 -16.44 -19.20
CA ILE B 43 13.57 -16.24 -17.86
C ILE B 43 12.62 -16.90 -16.86
N PRO B 44 13.10 -17.85 -16.06
CA PRO B 44 12.23 -18.46 -15.03
C PRO B 44 11.75 -17.43 -14.03
N PRO B 45 10.52 -17.56 -13.54
CA PRO B 45 9.99 -16.58 -12.58
C PRO B 45 10.88 -16.33 -11.37
N ASP B 46 11.55 -17.35 -10.84
CA ASP B 46 12.34 -17.13 -9.63
C ASP B 46 13.63 -16.37 -9.90
N GLN B 47 13.92 -16.01 -11.15
CA GLN B 47 15.05 -15.14 -11.46
C GLN B 47 14.60 -13.72 -11.80
N GLN B 48 13.31 -13.44 -11.85
CA GLN B 48 12.82 -12.14 -12.28
C GLN B 48 12.61 -11.25 -11.06
N ARG B 49 13.30 -10.12 -11.03
CA ARG B 49 13.10 -9.09 -10.03
C ARG B 49 12.53 -7.86 -10.73
N LEU B 50 11.33 -7.48 -10.35
CA LEU B 50 10.58 -6.42 -11.02
C LEU B 50 10.44 -5.23 -10.10
N ILE B 51 10.79 -4.04 -10.59
CA ILE B 51 10.73 -2.81 -9.83
C ILE B 51 9.71 -1.89 -10.47
N PHE B 52 8.80 -1.33 -9.66
CA PHE B 52 7.86 -0.31 -10.14
C PHE B 52 7.86 0.84 -9.16
N ALA B 53 8.12 2.04 -9.68
CA ALA B 53 8.05 3.27 -8.91
C ALA B 53 8.79 3.16 -7.57
N GLY B 54 10.01 2.62 -7.63
CA GLY B 54 10.85 2.54 -6.45
C GLY B 54 10.45 1.51 -5.41
N ARG B 55 9.62 0.53 -5.79
CA ARG B 55 9.24 -0.57 -4.92
C ARG B 55 9.45 -1.88 -5.67
N GLN B 56 9.74 -2.94 -4.93
CA GLN B 56 9.91 -4.26 -5.53
C GLN B 56 8.58 -5.00 -5.52
N LEU B 57 8.15 -5.48 -6.69
CA LEU B 57 6.87 -6.16 -6.81
C LEU B 57 6.95 -7.61 -6.34
N GLU B 58 5.96 -8.03 -5.56
CA GLU B 58 5.96 -9.34 -4.94
C GLU B 58 4.76 -10.17 -5.39
N ASP B 59 4.93 -11.49 -5.35
CA ASP B 59 3.86 -12.43 -5.65
C ASP B 59 2.72 -12.33 -4.64
N GLY B 60 1.55 -12.82 -5.04
CA GLY B 60 0.35 -12.76 -4.23
C GLY B 60 -0.45 -11.48 -4.35
N ARG B 61 0.01 -10.51 -5.13
CA ARG B 61 -0.66 -9.23 -5.29
C ARG B 61 -0.96 -9.00 -6.76
N THR B 62 -1.84 -8.03 -7.02
CA THR B 62 -2.26 -7.73 -8.38
C THR B 62 -1.61 -6.43 -8.84
N LEU B 63 -1.67 -6.21 -10.16
CA LEU B 63 -1.22 -4.95 -10.72
C LEU B 63 -1.95 -3.78 -10.09
N ALA B 64 -3.27 -3.93 -9.87
CA ALA B 64 -4.05 -2.86 -9.25
C ALA B 64 -3.62 -2.61 -7.82
N ASP B 65 -3.23 -3.65 -7.09
CA ASP B 65 -2.74 -3.47 -5.73
C ASP B 65 -1.53 -2.53 -5.69
N TYR B 66 -0.70 -2.55 -6.74
CA TYR B 66 0.47 -1.69 -6.83
C TYR B 66 0.20 -0.40 -7.57
N ASN B 67 -1.06 -0.11 -7.91
CA ASN B 67 -1.43 1.13 -8.62
C ASN B 67 -0.73 1.24 -9.98
N ILE B 68 -0.49 0.10 -10.63
CA ILE B 68 0.10 0.07 -11.96
C ILE B 68 -0.99 0.34 -12.99
N GLN B 69 -0.73 1.27 -13.90
CA GLN B 69 -1.76 1.78 -14.81
C GLN B 69 -1.31 1.69 -16.25
N ARG B 70 -2.16 2.20 -17.14
CA ARG B 70 -1.86 2.27 -18.55
C ARG B 70 -0.53 2.98 -18.78
N GLU B 71 0.33 2.36 -19.58
CA GLU B 71 1.64 2.89 -19.99
C GLU B 71 2.64 2.95 -18.84
N SER B 72 2.35 2.31 -17.71
CA SER B 72 3.34 2.23 -16.63
C SER B 72 4.59 1.50 -17.11
N THR B 73 5.72 1.86 -16.52
CA THR B 73 7.00 1.24 -16.81
C THR B 73 7.47 0.46 -15.58
N LEU B 74 7.82 -0.80 -15.81
CA LEU B 74 8.45 -1.66 -14.82
C LEU B 74 9.89 -1.91 -15.26
N HIS B 75 10.78 -2.17 -14.30
CA HIS B 75 12.17 -2.49 -14.62
C HIS B 75 12.49 -3.92 -14.18
N LEU B 76 13.13 -4.67 -15.08
CA LEU B 76 13.61 -6.02 -14.81
C LEU B 76 15.10 -5.92 -14.50
N VAL B 77 15.48 -6.24 -13.26
CA VAL B 77 16.82 -6.00 -12.76
C VAL B 77 17.46 -7.32 -12.30
N LEU B 78 18.79 -7.29 -12.18
CA LEU B 78 19.57 -8.48 -11.81
C LEU B 78 20.70 -8.10 -10.87
N ARG B 79 21.14 -9.09 -10.09
CA ARG B 79 22.36 -8.97 -9.30
C ARG B 79 23.53 -9.47 -10.13
N LEU B 80 24.67 -8.82 -9.98
CA LEU B 80 25.91 -9.17 -10.67
C LEU B 80 26.85 -9.90 -9.72
N ARG B 81 27.81 -10.65 -10.29
CA ARG B 81 28.59 -11.57 -9.48
C ARG B 81 30.07 -11.21 -9.35
N GLY B 82 30.55 -10.16 -10.02
CA GLY B 82 31.95 -9.80 -9.91
C GLY B 82 32.25 -8.99 -8.67
N GLY B 83 33.52 -8.99 -8.28
CA GLY B 83 33.99 -8.22 -7.11
C GLY B 83 35.50 -8.10 -6.92
N MET C 27 -57.42 21.10 3.21
CA MET C 27 -57.10 21.36 1.81
C MET C 27 -56.10 20.33 1.32
N ALA C 28 -55.63 20.51 0.08
CA ALA C 28 -54.61 19.62 -0.48
C ALA C 28 -53.25 19.77 0.19
N LYS C 29 -53.11 20.68 1.16
CA LYS C 29 -51.84 20.92 1.79
C LYS C 29 -51.48 19.80 2.76
N SER C 30 -50.23 19.36 2.70
CA SER C 30 -49.70 18.28 3.51
C SER C 30 -50.58 17.03 3.49
N HIS C 31 -51.30 16.81 2.39
CA HIS C 31 -52.07 15.58 2.20
C HIS C 31 -51.39 14.77 1.12
N VAL C 32 -50.92 13.58 1.48
CA VAL C 32 -50.17 12.71 0.60
C VAL C 32 -51.04 11.51 0.22
N PHE C 33 -50.99 11.12 -1.05
CA PHE C 33 -51.64 9.90 -1.54
C PHE C 33 -50.56 8.87 -1.83
N LEU C 34 -50.64 7.74 -1.13
CA LEU C 34 -49.63 6.69 -1.24
C LEU C 34 -50.33 5.42 -1.70
N SER C 35 -49.95 4.92 -2.88
CA SER C 35 -50.59 3.75 -3.44
C SER C 35 -49.63 2.56 -3.46
N GLY C 36 -50.17 1.38 -3.14
CA GLY C 36 -49.39 0.18 -3.04
C GLY C 36 -48.87 -0.02 -1.62
N MET C 37 -49.46 -0.96 -0.89
CA MET C 37 -49.04 -1.15 0.49
C MET C 37 -48.42 -2.52 0.67
N GLY C 38 -47.47 -2.85 -0.21
CA GLY C 38 -46.53 -3.92 0.04
C GLY C 38 -45.46 -3.43 1.00
N GLY C 39 -44.33 -4.14 1.01
CA GLY C 39 -43.28 -3.82 1.97
C GLY C 39 -42.78 -2.40 1.82
N LEU C 40 -42.64 -1.92 0.60
CA LEU C 40 -42.07 -0.59 0.38
C LEU C 40 -43.07 0.52 0.72
N GLY C 41 -44.34 0.35 0.35
CA GLY C 41 -45.34 1.33 0.75
C GLY C 41 -45.47 1.43 2.26
N LEU C 42 -45.40 0.29 2.95
CA LEU C 42 -45.48 0.29 4.41
C LEU C 42 -44.31 1.07 5.01
N GLU C 43 -43.10 0.81 4.53
CA GLU C 43 -41.94 1.56 5.03
C GLU C 43 -42.13 3.05 4.84
N ILE C 44 -42.63 3.47 3.68
CA ILE C 44 -42.83 4.89 3.42
C ILE C 44 -43.90 5.47 4.34
N ALA C 45 -45.03 4.79 4.47
CA ALA C 45 -46.12 5.32 5.30
C ALA C 45 -45.69 5.43 6.75
N LYS C 46 -44.94 4.45 7.24
CA LYS C 46 -44.42 4.51 8.61
C LYS C 46 -43.55 5.74 8.81
N ASN C 47 -42.66 6.03 7.86
CA ASN C 47 -41.77 7.18 8.00
C ASN C 47 -42.55 8.50 7.99
N LEU C 48 -43.48 8.64 7.05
CA LEU C 48 -44.25 9.87 6.92
C LEU C 48 -45.12 10.12 8.14
N VAL C 49 -45.76 9.08 8.67
CA VAL C 49 -46.61 9.27 9.84
C VAL C 49 -45.76 9.63 11.05
N LEU C 50 -44.60 8.98 11.20
CA LEU C 50 -43.69 9.36 12.28
C LEU C 50 -43.20 10.79 12.11
N ALA C 51 -42.90 11.19 10.87
CA ALA C 51 -42.42 12.56 10.62
C ALA C 51 -43.50 13.61 10.89
N GLY C 52 -44.77 13.21 10.97
CA GLY C 52 -45.80 14.13 11.40
C GLY C 52 -46.44 15.00 10.34
N ILE C 53 -46.48 14.55 9.08
CA ILE C 53 -47.26 15.25 8.06
C ILE C 53 -48.75 15.24 8.45
N LYS C 54 -49.51 16.15 7.85
CA LYS C 54 -50.88 16.37 8.30
C LYS C 54 -51.80 15.19 7.96
N ALA C 55 -51.72 14.66 6.74
CA ALA C 55 -52.66 13.63 6.33
C ALA C 55 -52.05 12.70 5.30
N VAL C 56 -52.36 11.40 5.41
CA VAL C 56 -51.95 10.38 4.45
C VAL C 56 -53.16 9.53 4.09
N THR C 57 -53.35 9.28 2.79
CA THR C 57 -54.27 8.25 2.34
C THR C 57 -53.42 7.08 1.84
N ILE C 58 -53.62 5.91 2.42
CA ILE C 58 -52.91 4.69 2.01
C ILE C 58 -53.85 3.86 1.16
N HIS C 59 -53.45 3.60 -0.08
CA HIS C 59 -54.30 2.96 -1.07
C HIS C 59 -53.70 1.64 -1.51
N ASP C 60 -54.56 0.64 -1.67
CA ASP C 60 -54.15 -0.66 -2.18
C ASP C 60 -55.40 -1.42 -2.62
N THR C 61 -55.24 -2.22 -3.67
CA THR C 61 -56.36 -2.98 -4.23
C THR C 61 -56.21 -4.49 -4.05
N GLU C 62 -55.18 -4.95 -3.34
CA GLU C 62 -54.87 -6.36 -3.22
C GLU C 62 -55.25 -6.92 -1.85
N LYS C 63 -55.51 -8.22 -1.82
CA LYS C 63 -55.78 -8.94 -0.58
C LYS C 63 -54.48 -9.45 0.05
N CYS C 64 -54.54 -9.70 1.35
CA CYS C 64 -53.40 -10.29 2.07
C CYS C 64 -53.10 -11.69 1.58
N GLN C 65 -51.83 -12.07 1.71
CA GLN C 65 -51.31 -13.34 1.22
C GLN C 65 -50.18 -13.76 2.13
N ALA C 66 -50.00 -15.08 2.29
CA ALA C 66 -48.98 -15.59 3.21
C ALA C 66 -47.61 -15.01 2.90
N TRP C 67 -47.29 -14.87 1.62
CA TRP C 67 -46.02 -14.28 1.20
C TRP C 67 -45.80 -12.92 1.85
N ASP C 68 -46.87 -12.15 2.01
CA ASP C 68 -46.75 -10.79 2.54
C ASP C 68 -46.24 -10.75 3.97
N LEU C 69 -46.43 -11.83 4.74
CA LEU C 69 -45.93 -11.84 6.11
C LEU C 69 -44.42 -11.67 6.19
N GLY C 70 -43.70 -12.03 5.13
CA GLY C 70 -42.26 -11.88 5.15
C GLY C 70 -41.76 -10.47 4.94
N THR C 71 -42.57 -9.61 4.32
CA THR C 71 -42.12 -8.26 3.97
C THR C 71 -42.90 -7.17 4.69
N ASN C 72 -43.93 -7.50 5.46
CA ASN C 72 -44.80 -6.52 6.07
C ASN C 72 -44.71 -6.68 7.59
N PHE C 73 -44.14 -5.69 8.29
CA PHE C 73 -43.92 -5.86 9.71
C PHE C 73 -45.15 -5.60 10.57
N PHE C 74 -46.28 -5.19 9.98
CA PHE C 74 -47.52 -5.00 10.74
C PHE C 74 -48.57 -6.06 10.47
N LEU C 75 -48.37 -6.93 9.49
CA LEU C 75 -49.38 -7.91 9.11
C LEU C 75 -49.28 -9.15 9.99
N SER C 76 -50.44 -9.76 10.25
CA SER C 76 -50.55 -10.96 11.07
C SER C 76 -51.18 -12.09 10.27
N GLU C 77 -51.07 -13.30 10.82
CA GLU C 77 -51.66 -14.48 10.18
C GLU C 77 -53.19 -14.40 10.17
N ASP C 78 -53.77 -13.70 11.14
CA ASP C 78 -55.22 -13.48 11.12
C ASP C 78 -55.63 -12.64 9.93
N ASP C 79 -54.79 -11.68 9.53
CA ASP C 79 -55.09 -10.90 8.34
C ASP C 79 -55.15 -11.77 7.10
N VAL C 80 -54.32 -12.82 7.04
CA VAL C 80 -54.27 -13.66 5.84
C VAL C 80 -55.45 -14.62 5.80
N VAL C 81 -55.83 -15.21 6.94
CA VAL C 81 -56.95 -16.15 6.90
C VAL C 81 -58.25 -15.43 6.55
N ASN C 82 -58.36 -14.15 6.93
CA ASN C 82 -59.53 -13.35 6.60
C ASN C 82 -59.38 -12.61 5.28
N LYS C 83 -58.25 -12.76 4.61
CA LYS C 83 -58.00 -12.17 3.29
C LYS C 83 -58.37 -10.69 3.27
N ARG C 84 -57.86 -9.96 4.25
CA ARG C 84 -58.13 -8.54 4.34
C ARG C 84 -57.35 -7.78 3.27
N ASN C 85 -57.89 -6.62 2.89
CA ASN C 85 -57.17 -5.70 2.02
C ASN C 85 -55.92 -5.20 2.73
N ARG C 86 -54.82 -5.08 1.99
CA ARG C 86 -53.53 -4.81 2.60
C ARG C 86 -53.48 -3.44 3.27
N ALA C 87 -54.09 -2.42 2.64
CA ALA C 87 -54.10 -1.11 3.30
C ALA C 87 -55.01 -1.12 4.51
N GLU C 88 -56.17 -1.78 4.41
CA GLU C 88 -57.11 -1.79 5.54
C GLU C 88 -56.58 -2.62 6.70
N ALA C 89 -55.73 -3.62 6.42
CA ALA C 89 -55.23 -4.47 7.49
C ALA C 89 -54.25 -3.74 8.39
N VAL C 90 -53.40 -2.88 7.82
CA VAL C 90 -52.37 -2.17 8.59
C VAL C 90 -52.82 -0.80 9.05
N LEU C 91 -54.04 -0.38 8.71
CA LEU C 91 -54.45 1.01 8.91
C LEU C 91 -54.33 1.43 10.38
N LYS C 92 -54.85 0.61 11.30
CA LYS C 92 -54.83 1.02 12.70
C LYS C 92 -53.40 1.05 13.25
N HIS C 93 -52.56 0.11 12.82
CA HIS C 93 -51.16 0.11 13.28
C HIS C 93 -50.41 1.34 12.78
N ILE C 94 -50.63 1.73 11.53
CA ILE C 94 -49.96 2.93 11.02
C ILE C 94 -50.48 4.17 11.74
N ALA C 95 -51.79 4.24 11.96
CA ALA C 95 -52.38 5.37 12.68
C ALA C 95 -51.79 5.50 14.08
N GLU C 96 -51.53 4.37 14.76
CA GLU C 96 -51.00 4.41 16.11
C GLU C 96 -49.63 5.06 16.18
N LEU C 97 -48.88 5.07 15.08
CA LEU C 97 -47.55 5.67 15.11
C LEU C 97 -47.61 7.13 15.49
N ASN C 98 -48.70 7.81 15.13
CA ASN C 98 -48.82 9.20 15.51
C ASN C 98 -50.27 9.63 15.36
N PRO C 99 -51.01 9.72 16.47
CA PRO C 99 -52.45 10.05 16.39
C PRO C 99 -52.71 11.48 15.98
N TYR C 100 -51.67 12.29 15.82
CA TYR C 100 -51.82 13.64 15.31
C TYR C 100 -51.96 13.65 13.79
N VAL C 101 -51.60 12.57 13.13
CA VAL C 101 -51.69 12.47 11.68
C VAL C 101 -53.02 11.86 11.33
N HIS C 102 -53.69 12.40 10.31
CA HIS C 102 -54.95 11.83 9.82
C HIS C 102 -54.61 10.80 8.76
N VAL C 103 -54.81 9.52 9.08
CA VAL C 103 -54.53 8.42 8.17
C VAL C 103 -55.85 7.79 7.77
N THR C 104 -56.09 7.71 6.46
CA THR C 104 -57.27 7.07 5.92
C THR C 104 -56.81 6.02 4.90
N SER C 105 -57.64 4.99 4.74
CA SER C 105 -57.37 3.93 3.78
C SER C 105 -58.31 4.05 2.59
N SER C 106 -57.87 3.54 1.45
CA SER C 106 -58.69 3.45 0.25
C SER C 106 -58.42 2.14 -0.45
N SER C 107 -59.48 1.52 -0.99
CA SER C 107 -59.34 0.28 -1.74
C SER C 107 -60.06 0.36 -3.08
N VAL C 108 -60.41 1.57 -3.54
CA VAL C 108 -61.14 1.72 -4.79
C VAL C 108 -60.23 1.28 -5.94
N PRO C 109 -60.79 0.75 -7.02
CA PRO C 109 -59.95 0.37 -8.17
C PRO C 109 -59.20 1.57 -8.73
N PHE C 110 -58.11 1.28 -9.43
CA PHE C 110 -57.18 2.30 -9.89
C PHE C 110 -56.49 1.72 -11.14
N ASN C 111 -57.06 2.01 -12.30
CA ASN C 111 -56.57 1.47 -13.57
C ASN C 111 -56.59 2.59 -14.61
N GLU C 112 -56.38 2.20 -15.87
CA GLU C 112 -56.16 3.18 -16.94
C GLU C 112 -57.43 3.89 -17.40
N THR C 113 -58.61 3.43 -17.00
CA THR C 113 -59.84 4.15 -17.28
C THR C 113 -60.36 4.95 -16.08
N THR C 114 -59.70 4.86 -14.93
CA THR C 114 -60.12 5.58 -13.75
C THR C 114 -60.01 7.08 -13.98
N ASP C 115 -61.06 7.82 -13.63
CA ASP C 115 -60.99 9.27 -13.65
C ASP C 115 -60.01 9.76 -12.58
N LEU C 116 -58.96 10.44 -13.03
CA LEU C 116 -57.88 10.87 -12.14
C LEU C 116 -58.17 12.18 -11.42
N SER C 117 -59.38 12.76 -11.58
CA SER C 117 -59.65 14.06 -10.98
C SER C 117 -59.61 14.00 -9.46
N PHE C 118 -59.94 12.86 -8.87
CA PHE C 118 -59.90 12.74 -7.41
C PHE C 118 -58.53 13.02 -6.84
N LEU C 119 -57.48 13.00 -7.66
CA LEU C 119 -56.13 13.23 -7.19
C LEU C 119 -55.83 14.70 -6.90
N ASP C 120 -56.68 15.64 -7.32
CA ASP C 120 -56.36 17.04 -7.01
C ASP C 120 -56.59 17.38 -5.54
N LYS C 121 -57.04 16.42 -4.73
CA LYS C 121 -57.08 16.59 -3.28
C LYS C 121 -55.70 16.48 -2.63
N TYR C 122 -54.67 16.06 -3.37
CA TYR C 122 -53.39 15.74 -2.76
C TYR C 122 -52.30 16.67 -3.30
N GLN C 123 -51.34 16.96 -2.44
CA GLN C 123 -50.17 17.74 -2.83
C GLN C 123 -49.05 16.86 -3.37
N CYS C 124 -49.03 15.59 -2.98
CA CYS C 124 -48.00 14.67 -3.44
C CYS C 124 -48.63 13.30 -3.66
N VAL C 125 -48.24 12.65 -4.75
CA VAL C 125 -48.70 11.31 -5.09
C VAL C 125 -47.48 10.40 -5.14
N VAL C 126 -47.54 9.29 -4.38
CA VAL C 126 -46.45 8.33 -4.28
C VAL C 126 -46.98 6.98 -4.73
N LEU C 127 -46.33 6.37 -5.72
CA LEU C 127 -46.81 5.15 -6.35
C LEU C 127 -45.78 4.05 -6.21
N THR C 128 -46.18 2.92 -5.63
CA THR C 128 -45.35 1.72 -5.61
C THR C 128 -46.17 0.55 -6.18
N GLU C 129 -45.44 -0.44 -6.72
CA GLU C 129 -46.03 -1.66 -7.27
C GLU C 129 -47.04 -1.38 -8.38
N MET C 130 -46.84 -0.32 -9.15
CA MET C 130 -47.77 0.05 -10.21
C MET C 130 -47.13 -0.14 -11.58
N LYS C 131 -47.92 -0.65 -12.52
CA LYS C 131 -47.45 -0.87 -13.89
C LYS C 131 -46.96 0.45 -14.48
N LEU C 132 -45.87 0.36 -15.25
CA LEU C 132 -45.30 1.57 -15.85
C LEU C 132 -46.25 2.34 -16.76
N PRO C 133 -47.05 1.72 -17.63
CA PRO C 133 -47.97 2.54 -18.45
C PRO C 133 -48.90 3.38 -17.61
N LEU C 134 -49.43 2.83 -16.50
CA LEU C 134 -50.32 3.61 -15.65
C LEU C 134 -49.55 4.72 -14.94
N GLN C 135 -48.29 4.44 -14.56
CA GLN C 135 -47.46 5.48 -13.95
C GLN C 135 -47.33 6.69 -14.86
N LYS C 136 -47.09 6.46 -16.15
CA LYS C 136 -46.89 7.58 -17.08
C LYS C 136 -48.17 8.40 -17.22
N LYS C 137 -49.33 7.73 -17.27
CA LYS C 137 -50.60 8.45 -17.35
C LYS C 137 -50.84 9.28 -16.09
N ILE C 138 -50.58 8.71 -14.91
CA ILE C 138 -50.75 9.46 -13.67
C ILE C 138 -49.75 10.61 -13.59
N ASN C 139 -48.52 10.37 -14.03
CA ASN C 139 -47.51 11.42 -14.04
C ASN C 139 -47.90 12.56 -14.97
N ASP C 140 -48.42 12.23 -16.17
CA ASP C 140 -48.85 13.27 -17.11
C ASP C 140 -49.97 14.11 -16.52
N PHE C 141 -50.92 13.48 -15.82
CA PHE C 141 -51.97 14.23 -15.15
C PHE C 141 -51.40 15.13 -14.05
N CYS C 142 -50.57 14.55 -13.18
CA CYS C 142 -50.09 15.27 -12.00
C CYS C 142 -49.30 16.51 -12.38
N ARG C 143 -48.34 16.37 -13.28
CA ARG C 143 -47.42 17.46 -13.57
C ARG C 143 -48.08 18.63 -14.29
N SER C 144 -49.25 18.44 -14.88
CA SER C 144 -49.89 19.50 -15.65
C SER C 144 -51.06 20.14 -14.92
N GLN C 145 -51.21 19.87 -13.62
CA GLN C 145 -52.19 20.59 -12.83
C GLN C 145 -51.64 21.98 -12.49
N CYS C 146 -52.54 22.87 -12.10
CA CYS C 146 -52.17 24.23 -11.76
C CYS C 146 -52.59 24.50 -10.33
N PRO C 147 -51.67 24.30 -9.37
CA PRO C 147 -50.25 23.96 -9.46
C PRO C 147 -50.00 22.46 -9.64
N PRO C 148 -48.81 22.10 -10.13
CA PRO C 148 -48.51 20.68 -10.33
C PRO C 148 -48.58 19.88 -9.03
N ILE C 149 -49.13 18.68 -9.13
CA ILE C 149 -49.10 17.70 -8.05
C ILE C 149 -47.77 16.96 -8.14
N LYS C 150 -46.99 17.01 -7.06
CA LYS C 150 -45.67 16.37 -7.08
C LYS C 150 -45.83 14.87 -7.15
N PHE C 151 -44.96 14.24 -7.94
CA PHE C 151 -45.10 12.84 -8.32
C PHE C 151 -43.84 12.08 -7.92
N ILE C 152 -44.01 10.97 -7.21
CA ILE C 152 -42.89 10.14 -6.78
C ILE C 152 -43.23 8.68 -7.06
N SER C 153 -42.29 7.95 -7.64
CA SER C 153 -42.47 6.54 -8.00
C SER C 153 -41.32 5.73 -7.43
N ALA C 154 -41.64 4.60 -6.79
CA ALA C 154 -40.63 3.78 -6.13
C ALA C 154 -41.00 2.31 -6.17
N ASP C 155 -39.99 1.46 -6.33
CA ASP C 155 -40.22 0.03 -6.43
C ASP C 155 -38.94 -0.74 -6.07
N VAL C 156 -39.14 -1.93 -5.50
CA VAL C 156 -38.08 -2.90 -5.27
C VAL C 156 -38.47 -4.19 -5.97
N HIS C 157 -37.57 -4.73 -6.79
CA HIS C 157 -37.72 -6.04 -7.41
C HIS C 157 -36.49 -6.85 -7.06
N GLY C 158 -36.67 -7.88 -6.24
CA GLY C 158 -35.53 -8.66 -5.79
C GLY C 158 -34.53 -7.77 -5.08
N ILE C 159 -33.29 -7.77 -5.59
CA ILE C 159 -32.20 -7.01 -4.99
C ILE C 159 -31.98 -5.67 -5.69
N TRP C 160 -32.96 -5.22 -6.48
CA TRP C 160 -32.85 -3.99 -7.26
C TRP C 160 -33.96 -3.02 -6.88
N SER C 161 -33.72 -1.72 -7.07
CA SER C 161 -34.72 -0.72 -6.74
C SER C 161 -34.66 0.44 -7.74
N ARG C 162 -35.76 1.20 -7.77
CA ARG C 162 -35.88 2.34 -8.68
C ARG C 162 -36.71 3.42 -8.00
N LEU C 163 -36.16 4.63 -7.91
CA LEU C 163 -36.84 5.77 -7.33
C LEU C 163 -36.82 6.93 -8.32
N PHE C 164 -37.98 7.56 -8.55
CA PHE C 164 -38.14 8.64 -9.52
C PHE C 164 -38.93 9.78 -8.90
N CYS C 165 -38.45 11.01 -9.11
CA CYS C 165 -39.12 12.23 -8.66
C CYS C 165 -39.41 13.16 -9.83
N ASP C 166 -40.60 13.78 -9.79
CA ASP C 166 -40.99 14.81 -10.77
C ASP C 166 -41.89 15.81 -10.07
N PHE C 167 -41.33 16.96 -9.68
CA PHE C 167 -42.11 18.00 -9.01
C PHE C 167 -42.65 19.05 -9.98
N GLY C 168 -42.73 18.74 -11.28
CA GLY C 168 -43.23 19.70 -12.25
C GLY C 168 -42.13 20.52 -12.89
N ASP C 169 -42.51 21.27 -13.93
CA ASP C 169 -41.54 21.87 -14.85
C ASP C 169 -40.50 22.73 -14.15
N GLU C 170 -40.92 23.59 -13.23
CA GLU C 170 -40.00 24.47 -12.53
C GLU C 170 -40.34 24.47 -11.05
N PHE C 171 -39.40 24.00 -10.23
CA PHE C 171 -39.60 23.93 -8.79
C PHE C 171 -38.55 24.79 -8.11
N GLU C 172 -39.01 25.77 -7.32
CA GLU C 172 -38.12 26.70 -6.64
C GLU C 172 -37.73 26.13 -5.27
N VAL C 173 -36.43 26.00 -5.04
CA VAL C 173 -35.89 25.56 -3.75
C VAL C 173 -35.46 26.81 -2.99
N LEU C 174 -36.10 27.06 -1.86
CA LEU C 174 -35.80 28.28 -1.10
C LEU C 174 -34.61 28.11 -0.16
N ASP C 175 -34.32 26.88 0.28
CA ASP C 175 -33.20 26.60 1.19
C ASP C 175 -32.56 25.31 0.69
N THR C 176 -31.46 25.43 -0.06
CA THR C 176 -30.95 24.28 -0.79
C THR C 176 -30.32 23.23 0.14
N THR C 177 -29.58 23.67 1.16
CA THR C 177 -28.81 22.75 1.98
C THR C 177 -29.31 22.60 3.41
N GLY C 178 -30.10 23.55 3.92
CA GLY C 178 -30.48 23.55 5.31
C GLY C 178 -29.38 23.92 6.29
N GLU C 179 -28.16 24.10 5.82
CA GLU C 179 -27.06 24.51 6.69
C GLU C 179 -27.34 25.87 7.31
N GLU C 180 -26.91 26.05 8.55
CA GLU C 180 -27.01 27.37 9.16
C GLU C 180 -25.97 28.30 8.53
N PRO C 181 -26.33 29.56 8.29
CA PRO C 181 -25.36 30.50 7.69
C PRO C 181 -24.14 30.67 8.59
N LYS C 182 -22.96 30.52 7.98
CA LYS C 182 -21.74 30.76 8.72
C LYS C 182 -21.51 32.26 8.87
N GLU C 183 -20.78 32.63 9.93
CA GLU C 183 -20.44 34.01 10.20
C GLU C 183 -18.95 34.23 10.00
N ILE C 184 -18.61 35.35 9.37
CA ILE C 184 -17.22 35.71 9.09
C ILE C 184 -16.95 37.04 9.79
N PHE C 185 -15.87 37.10 10.56
CA PHE C 185 -15.50 38.32 11.26
C PHE C 185 -14.49 39.10 10.42
N ILE C 186 -14.72 40.40 10.30
CA ILE C 186 -13.94 41.27 9.42
C ILE C 186 -12.81 41.92 10.20
N SER C 187 -11.64 42.00 9.55
CA SER C 187 -10.48 42.68 10.11
C SER C 187 -10.14 43.99 9.41
N ASN C 188 -10.43 44.12 8.12
CA ASN C 188 -10.18 45.36 7.41
C ASN C 188 -11.02 45.40 6.14
N ILE C 189 -11.44 46.62 5.78
CA ILE C 189 -12.12 46.89 4.51
C ILE C 189 -11.48 48.13 3.90
N THR C 190 -11.11 48.04 2.64
CA THR C 190 -10.49 49.16 1.93
C THR C 190 -11.53 49.99 1.18
N GLN C 191 -11.19 51.25 0.94
CA GLN C 191 -12.00 52.15 0.12
C GLN C 191 -11.45 52.09 -1.30
N ALA C 192 -12.10 51.29 -2.15
CA ALA C 192 -11.61 51.08 -3.50
C ALA C 192 -12.77 50.63 -4.38
N ASN C 193 -12.50 50.49 -5.67
CA ASN C 193 -13.46 49.98 -6.63
C ASN C 193 -12.82 48.89 -7.48
N PRO C 194 -13.06 47.61 -7.13
CA PRO C 194 -13.92 47.20 -6.02
C PRO C 194 -13.22 47.25 -4.66
N GLY C 195 -14.00 47.41 -3.59
CA GLY C 195 -13.44 47.35 -2.26
C GLY C 195 -13.01 45.95 -1.90
N ILE C 196 -11.95 45.86 -1.09
CA ILE C 196 -11.36 44.58 -0.71
C ILE C 196 -11.61 44.36 0.78
N VAL C 197 -12.20 43.22 1.12
CA VAL C 197 -12.47 42.84 2.50
C VAL C 197 -11.40 41.84 2.94
N THR C 198 -10.88 42.05 4.15
CA THR C 198 -9.97 41.11 4.78
C THR C 198 -10.64 40.60 6.05
N CYS C 199 -10.68 39.29 6.23
CA CYS C 199 -11.29 38.74 7.42
C CYS C 199 -10.21 38.47 8.48
N LEU C 200 -10.66 38.13 9.68
CA LEU C 200 -9.74 37.93 10.80
C LEU C 200 -8.76 36.81 10.49
N GLU C 201 -7.54 36.95 11.03
CA GLU C 201 -6.49 35.98 10.79
C GLU C 201 -6.82 34.64 11.44
N ASN C 202 -6.35 33.57 10.80
CA ASN C 202 -6.51 32.17 11.23
C ASN C 202 -7.94 31.67 11.15
N HIS C 203 -8.84 32.42 10.49
CA HIS C 203 -10.21 31.99 10.29
C HIS C 203 -10.56 32.16 8.82
N PRO C 204 -10.28 31.15 7.99
CA PRO C 204 -10.68 31.23 6.58
C PRO C 204 -12.18 31.40 6.48
N HIS C 205 -12.60 32.22 5.52
CA HIS C 205 -14.03 32.49 5.37
C HIS C 205 -14.80 31.31 4.80
N LYS C 206 -14.11 30.40 4.10
CA LYS C 206 -14.72 29.18 3.53
C LYS C 206 -15.83 29.51 2.53
N LEU C 207 -15.71 30.64 1.86
CA LEU C 207 -16.70 31.10 0.89
C LEU C 207 -16.21 30.86 -0.54
N GLU C 208 -17.17 30.83 -1.47
CA GLU C 208 -16.89 30.62 -2.88
C GLU C 208 -17.34 31.85 -3.65
N THR C 209 -16.63 32.15 -4.74
CA THR C 209 -16.96 33.32 -5.55
C THR C 209 -18.39 33.23 -6.07
N GLY C 210 -19.12 34.34 -5.98
CA GLY C 210 -20.49 34.44 -6.44
C GLY C 210 -21.53 34.47 -5.33
N GLN C 211 -21.18 34.05 -4.12
CA GLN C 211 -22.12 34.04 -3.02
C GLN C 211 -22.41 35.46 -2.52
N PHE C 212 -23.57 35.62 -1.89
CA PHE C 212 -24.01 36.91 -1.37
C PHE C 212 -23.88 36.95 0.15
N LEU C 213 -23.48 38.11 0.67
CA LEU C 213 -23.27 38.32 2.10
C LEU C 213 -24.01 39.55 2.58
N THR C 214 -24.43 39.53 3.84
CA THR C 214 -24.90 40.72 4.54
C THR C 214 -23.89 41.10 5.61
N PHE C 215 -23.98 42.35 6.07
CA PHE C 215 -23.00 42.92 6.97
C PHE C 215 -23.70 43.59 8.14
N ARG C 216 -23.01 43.60 9.28
CA ARG C 216 -23.51 44.28 10.47
C ARG C 216 -22.33 44.63 11.36
N GLU C 217 -22.56 45.56 12.28
CA GLU C 217 -21.63 45.92 13.36
C GLU C 217 -20.31 46.48 12.86
N ILE C 218 -20.22 46.86 11.58
CA ILE C 218 -19.02 47.53 11.10
C ILE C 218 -18.92 48.91 11.74
N ASN C 219 -17.76 49.21 12.33
CA ASN C 219 -17.52 50.52 12.91
C ASN C 219 -16.61 51.31 11.97
N GLY C 220 -17.05 52.51 11.62
CA GLY C 220 -16.34 53.35 10.68
C GLY C 220 -17.07 53.35 9.34
N MET C 221 -16.94 52.26 8.59
CA MET C 221 -17.60 52.15 7.28
C MET C 221 -19.01 51.62 7.54
N THR C 222 -19.88 52.52 8.02
CA THR C 222 -21.22 52.14 8.43
C THR C 222 -22.19 51.97 7.26
N GLY C 223 -21.87 52.52 6.09
CA GLY C 223 -22.74 52.40 4.93
C GLY C 223 -22.96 50.98 4.46
N LEU C 224 -22.11 50.05 4.88
CA LEU C 224 -22.22 48.63 4.54
C LEU C 224 -23.13 47.86 5.48
N ASN C 225 -23.33 48.33 6.71
CA ASN C 225 -24.20 47.65 7.65
C ASN C 225 -25.62 47.52 7.09
N GLY C 226 -26.14 46.30 7.09
CA GLY C 226 -27.46 45.99 6.59
C GLY C 226 -27.55 45.82 5.09
N SER C 227 -26.45 45.95 4.37
CA SER C 227 -26.46 45.83 2.92
C SER C 227 -26.12 44.40 2.48
N ILE C 228 -26.36 44.12 1.21
CA ILE C 228 -26.05 42.83 0.60
C ILE C 228 -25.02 43.05 -0.50
N GLN C 229 -23.97 42.23 -0.49
CA GLN C 229 -22.87 42.31 -1.45
C GLN C 229 -22.62 40.94 -2.04
N GLN C 230 -22.39 40.89 -3.36
CA GLN C 230 -21.93 39.69 -4.02
C GLN C 230 -20.40 39.67 -4.07
N ILE C 231 -19.81 38.56 -3.65
CA ILE C 231 -18.38 38.50 -3.41
C ILE C 231 -17.66 37.84 -4.58
N THR C 232 -16.36 38.13 -4.68
CA THR C 232 -15.45 37.44 -5.58
C THR C 232 -14.23 37.08 -4.75
N VAL C 233 -13.97 35.77 -4.60
CA VAL C 233 -12.89 35.34 -3.72
C VAL C 233 -11.54 35.62 -4.37
N ILE C 234 -10.65 36.25 -3.61
CA ILE C 234 -9.29 36.51 -4.07
C ILE C 234 -8.30 35.56 -3.43
N SER C 235 -8.47 35.27 -2.15
CA SER C 235 -7.57 34.42 -1.39
C SER C 235 -8.37 33.71 -0.31
N PRO C 236 -7.75 32.77 0.42
CA PRO C 236 -8.47 32.15 1.54
C PRO C 236 -8.89 33.12 2.63
N PHE C 237 -8.36 34.35 2.64
CA PHE C 237 -8.67 35.33 3.68
C PHE C 237 -9.22 36.65 3.14
N SER C 238 -9.43 36.79 1.84
CA SER C 238 -9.88 38.07 1.31
C SER C 238 -10.82 37.85 0.14
N PHE C 239 -11.75 38.79 -0.03
CA PHE C 239 -12.68 38.79 -1.15
C PHE C 239 -13.06 40.24 -1.45
N SER C 240 -13.48 40.47 -2.69
CA SER C 240 -13.89 41.79 -3.14
C SER C 240 -15.40 41.90 -3.10
N ILE C 241 -15.89 43.12 -2.84
CA ILE C 241 -17.32 43.41 -2.81
C ILE C 241 -17.61 44.53 -3.80
N GLY C 242 -18.56 45.41 -3.46
CA GLY C 242 -18.88 46.55 -4.28
C GLY C 242 -17.89 47.70 -4.09
N ASP C 243 -18.26 48.84 -4.65
CA ASP C 243 -17.46 50.05 -4.54
C ASP C 243 -17.65 50.67 -3.16
N THR C 244 -16.54 50.82 -2.42
CA THR C 244 -16.58 51.45 -1.10
C THR C 244 -15.84 52.78 -1.08
N THR C 245 -15.53 53.35 -2.24
CA THR C 245 -14.76 54.59 -2.30
C THR C 245 -15.49 55.72 -1.59
N GLU C 246 -16.81 55.79 -1.73
CA GLU C 246 -17.59 56.90 -1.21
C GLU C 246 -18.04 56.70 0.23
N LEU C 247 -17.78 55.54 0.82
CA LEU C 247 -18.16 55.28 2.20
C LEU C 247 -17.08 55.77 3.15
N GLU C 248 -17.44 55.88 4.42
CA GLU C 248 -16.47 56.32 5.43
C GLU C 248 -15.36 55.28 5.59
N PRO C 249 -14.17 55.70 6.02
CA PRO C 249 -13.06 54.75 6.17
C PRO C 249 -13.33 53.74 7.27
N TYR C 250 -12.82 52.53 7.06
CA TYR C 250 -13.02 51.44 8.02
C TYR C 250 -12.17 51.64 9.27
N LEU C 251 -12.79 51.43 10.43
CA LEU C 251 -12.10 51.55 11.72
C LEU C 251 -11.81 50.17 12.31
N HIS C 252 -12.85 49.42 12.67
CA HIS C 252 -12.68 48.11 13.30
C HIS C 252 -14.02 47.38 13.29
N GLY C 253 -13.97 46.11 13.70
CA GLY C 253 -15.17 45.30 13.84
C GLY C 253 -15.75 44.85 12.51
N GLY C 254 -16.94 44.25 12.61
CA GLY C 254 -17.65 43.79 11.42
C GLY C 254 -17.84 42.29 11.38
N ILE C 255 -19.08 41.87 11.11
CA ILE C 255 -19.44 40.47 10.97
C ILE C 255 -20.25 40.33 9.68
N ALA C 256 -19.91 39.33 8.87
CA ALA C 256 -20.61 39.06 7.61
C ALA C 256 -21.27 37.69 7.67
N VAL C 257 -22.50 37.61 7.13
CA VAL C 257 -23.32 36.42 7.20
C VAL C 257 -23.77 36.03 5.80
N GLN C 258 -23.68 34.74 5.49
CA GLN C 258 -24.15 34.22 4.22
C GLN C 258 -25.65 34.47 4.05
N VAL C 259 -26.03 34.87 2.84
CA VAL C 259 -27.43 34.92 2.42
C VAL C 259 -27.69 33.73 1.52
N LYS C 260 -28.54 32.82 1.97
CA LYS C 260 -28.83 31.62 1.17
C LYS C 260 -29.74 32.02 0.01
N THR C 261 -29.24 31.85 -1.19
CA THR C 261 -29.87 32.21 -2.45
C THR C 261 -30.73 31.05 -2.95
N PRO C 262 -31.90 31.32 -3.52
CA PRO C 262 -32.76 30.24 -4.00
C PRO C 262 -32.24 29.65 -5.31
N LYS C 263 -32.82 28.50 -5.67
CA LYS C 263 -32.37 27.75 -6.84
C LYS C 263 -33.59 27.12 -7.52
N THR C 264 -33.55 27.07 -8.85
CA THR C 264 -34.60 26.43 -9.63
C THR C 264 -34.14 25.04 -10.07
N VAL C 265 -34.99 24.04 -9.82
CA VAL C 265 -34.76 22.68 -10.28
C VAL C 265 -35.75 22.41 -11.42
N PHE C 266 -35.22 21.98 -12.56
CA PHE C 266 -36.03 21.70 -13.73
C PHE C 266 -36.32 20.20 -13.80
N PHE C 267 -37.60 19.85 -13.84
CA PHE C 267 -38.05 18.47 -13.88
C PHE C 267 -38.71 18.17 -15.23
N GLU C 268 -38.46 16.98 -15.75
CA GLU C 268 -39.15 16.50 -16.92
C GLU C 268 -40.09 15.38 -16.55
N SER C 269 -41.00 15.08 -17.48
CA SER C 269 -41.99 14.03 -17.28
C SER C 269 -41.30 12.66 -17.23
N LEU C 270 -42.02 11.71 -16.61
CA LEU C 270 -41.56 10.33 -16.60
C LEU C 270 -41.32 9.80 -18.00
N GLU C 271 -42.22 10.10 -18.93
CA GLU C 271 -42.10 9.59 -20.30
C GLU C 271 -40.81 10.07 -20.96
N ARG C 272 -40.49 11.36 -20.81
CA ARG C 272 -39.26 11.86 -21.41
C ARG C 272 -38.03 11.40 -20.64
N GLN C 273 -38.13 11.34 -19.31
CA GLN C 273 -36.99 10.93 -18.50
C GLN C 273 -36.58 9.48 -18.76
N LEU C 274 -37.54 8.63 -19.16
CA LEU C 274 -37.21 7.24 -19.45
C LEU C 274 -36.20 7.13 -20.59
N LYS C 275 -36.13 8.14 -21.45
CA LYS C 275 -35.26 8.11 -22.62
C LYS C 275 -33.93 8.83 -22.40
N HIS C 276 -33.84 9.73 -21.42
CA HIS C 276 -32.58 10.40 -21.07
C HIS C 276 -32.50 10.62 -19.56
N PRO C 277 -32.42 9.55 -18.77
CA PRO C 277 -32.56 9.70 -17.32
C PRO C 277 -31.39 10.47 -16.70
N LYS C 278 -31.72 11.40 -15.80
CA LYS C 278 -30.75 12.09 -14.96
C LYS C 278 -30.63 11.33 -13.65
N CYS C 279 -29.54 10.58 -13.48
CA CYS C 279 -29.38 9.61 -12.40
C CYS C 279 -28.40 10.13 -11.36
N LEU C 280 -28.73 9.92 -10.09
CA LEU C 280 -27.78 10.15 -9.01
C LEU C 280 -26.71 9.05 -9.02
N ILE C 281 -25.44 9.45 -9.07
CA ILE C 281 -24.33 8.51 -9.13
C ILE C 281 -23.85 8.25 -7.70
N VAL C 282 -24.20 7.08 -7.16
CA VAL C 282 -23.93 6.80 -5.75
C VAL C 282 -22.65 5.98 -5.52
N ASP C 283 -22.06 5.40 -6.56
CA ASP C 283 -20.78 4.70 -6.45
C ASP C 283 -19.90 5.13 -7.61
N PHE C 284 -18.96 6.05 -7.36
CA PHE C 284 -18.14 6.57 -8.44
C PHE C 284 -17.08 5.58 -8.92
N SER C 285 -16.98 4.37 -8.36
CA SER C 285 -16.19 3.34 -9.01
C SER C 285 -16.93 2.73 -10.21
N ASN C 286 -18.25 2.94 -10.30
CA ASN C 286 -19.09 2.44 -11.40
C ASN C 286 -20.00 3.55 -11.89
N PRO C 287 -19.44 4.60 -12.50
CA PRO C 287 -20.30 5.73 -12.90
C PRO C 287 -21.31 5.39 -14.01
N GLU C 288 -21.14 4.27 -14.72
CA GLU C 288 -22.10 3.83 -15.72
C GLU C 288 -23.18 2.91 -15.16
N ALA C 289 -23.05 2.47 -13.91
CA ALA C 289 -24.02 1.52 -13.35
C ALA C 289 -25.46 2.02 -13.36
N PRO C 290 -25.78 3.24 -12.92
CA PRO C 290 -27.21 3.62 -12.84
C PRO C 290 -27.93 3.57 -14.18
N LEU C 291 -27.25 3.94 -15.26
CA LEU C 291 -27.90 3.85 -16.57
C LEU C 291 -28.02 2.41 -17.04
N GLU C 292 -27.05 1.56 -16.68
CA GLU C 292 -27.17 0.14 -16.99
C GLU C 292 -28.31 -0.51 -16.21
N ILE C 293 -28.48 -0.13 -14.94
CA ILE C 293 -29.61 -0.63 -14.17
C ILE C 293 -30.93 -0.10 -14.73
N HIS C 294 -30.97 1.19 -15.03
CA HIS C 294 -32.13 1.80 -15.69
C HIS C 294 -32.58 0.95 -16.88
N THR C 295 -31.62 0.62 -17.75
CA THR C 295 -31.90 -0.22 -18.92
C THR C 295 -32.45 -1.58 -18.52
N ALA C 296 -31.89 -2.20 -17.48
CA ALA C 296 -32.31 -3.54 -17.10
C ALA C 296 -33.72 -3.52 -16.51
N MET C 297 -34.03 -2.53 -15.66
CA MET C 297 -35.34 -2.52 -15.02
C MET C 297 -36.43 -2.07 -15.98
N LEU C 298 -36.10 -1.20 -16.94
CA LEU C 298 -37.03 -0.92 -18.02
C LEU C 298 -37.36 -2.18 -18.79
N ALA C 299 -36.36 -3.06 -18.99
CA ALA C 299 -36.62 -4.31 -19.70
C ALA C 299 -37.54 -5.22 -18.90
N LEU C 300 -37.40 -5.22 -17.57
CA LEU C 300 -38.34 -5.96 -16.72
C LEU C 300 -39.77 -5.46 -16.93
N ASP C 301 -39.95 -4.13 -16.97
CA ASP C 301 -41.28 -3.56 -17.23
C ASP C 301 -41.83 -4.07 -18.55
N GLN C 302 -41.00 -4.07 -19.60
CA GLN C 302 -41.44 -4.58 -20.89
C GLN C 302 -41.70 -6.09 -20.84
N PHE C 303 -40.93 -6.83 -20.04
CA PHE C 303 -41.17 -8.26 -19.92
C PHE C 303 -42.52 -8.53 -19.25
N GLN C 304 -42.82 -7.80 -18.16
CA GLN C 304 -44.10 -7.98 -17.49
C GLN C 304 -45.26 -7.62 -18.42
N GLU C 305 -45.12 -6.55 -19.19
CA GLU C 305 -46.23 -6.12 -20.03
C GLU C 305 -46.47 -7.12 -21.16
N LYS C 306 -45.40 -7.66 -21.72
CA LYS C 306 -45.51 -8.57 -22.86
C LYS C 306 -45.99 -9.95 -22.44
N TYR C 307 -45.56 -10.44 -21.28
CA TYR C 307 -45.84 -11.82 -20.88
C TYR C 307 -46.74 -11.93 -19.65
N SER C 308 -47.18 -10.81 -19.08
CA SER C 308 -48.12 -10.82 -17.95
C SER C 308 -47.55 -11.51 -16.71
N ARG C 309 -46.22 -11.51 -16.58
CA ARG C 309 -45.54 -12.16 -15.46
C ARG C 309 -44.10 -11.67 -15.44
N LYS C 310 -43.40 -12.00 -14.37
CA LYS C 310 -41.97 -11.78 -14.25
C LYS C 310 -41.22 -13.05 -14.65
N PRO C 311 -39.92 -12.94 -14.95
CA PRO C 311 -39.15 -14.15 -15.26
C PRO C 311 -39.13 -15.10 -14.07
N ASN C 312 -39.05 -16.40 -14.39
CA ASN C 312 -38.89 -17.44 -13.38
C ASN C 312 -37.42 -17.73 -13.17
N VAL C 313 -37.04 -17.89 -11.90
CA VAL C 313 -35.63 -18.07 -11.55
C VAL C 313 -35.10 -19.34 -12.22
N GLY C 314 -33.91 -19.23 -12.79
CA GLY C 314 -33.27 -20.36 -13.43
C GLY C 314 -33.78 -20.73 -14.80
N CYS C 315 -34.77 -20.01 -15.34
CA CYS C 315 -35.29 -20.33 -16.67
C CYS C 315 -34.43 -19.64 -17.73
N GLN C 316 -33.69 -20.44 -18.50
CA GLN C 316 -32.77 -19.92 -19.51
C GLN C 316 -33.48 -19.09 -20.57
N GLN C 317 -34.65 -19.55 -21.04
CA GLN C 317 -35.34 -18.79 -22.07
C GLN C 317 -35.91 -17.49 -21.53
N ASP C 318 -36.26 -17.44 -20.24
CA ASP C 318 -36.72 -16.20 -19.64
C ASP C 318 -35.58 -15.18 -19.55
N SER C 319 -34.41 -15.60 -19.09
CA SER C 319 -33.32 -14.65 -18.92
C SER C 319 -32.77 -14.20 -20.28
N GLU C 320 -32.73 -15.12 -21.25
CA GLU C 320 -32.33 -14.73 -22.61
C GLU C 320 -33.27 -13.67 -23.17
N GLU C 321 -34.56 -13.77 -22.87
CA GLU C 321 -35.52 -12.80 -23.39
C GLU C 321 -35.40 -11.45 -22.68
N LEU C 322 -35.11 -11.46 -21.37
CA LEU C 322 -34.87 -10.20 -20.68
C LEU C 322 -33.63 -9.51 -21.23
N LEU C 323 -32.56 -10.28 -21.49
CA LEU C 323 -31.36 -9.70 -22.08
C LEU C 323 -31.65 -9.08 -23.45
N LYS C 324 -32.47 -9.76 -24.25
CA LYS C 324 -32.81 -9.27 -25.58
C LYS C 324 -33.59 -7.96 -25.50
N LEU C 325 -34.49 -7.84 -24.54
CA LEU C 325 -35.21 -6.58 -24.35
C LEU C 325 -34.27 -5.47 -23.87
N ALA C 326 -33.34 -5.79 -22.97
CA ALA C 326 -32.39 -4.78 -22.52
C ALA C 326 -31.52 -4.29 -23.68
N THR C 327 -31.13 -5.21 -24.56
CA THR C 327 -30.30 -4.83 -25.70
C THR C 327 -31.02 -3.86 -26.63
N SER C 328 -32.30 -4.12 -26.91
CA SER C 328 -33.07 -3.21 -27.76
C SER C 328 -33.28 -1.86 -27.07
N ILE C 329 -33.54 -1.87 -25.76
CA ILE C 329 -33.70 -0.60 -25.04
C ILE C 329 -32.41 0.20 -25.10
N SER C 330 -31.27 -0.48 -24.94
CA SER C 330 -29.98 0.21 -24.97
C SER C 330 -29.76 0.93 -26.30
N GLU C 331 -30.14 0.30 -27.42
CA GLU C 331 -29.93 0.91 -28.72
C GLU C 331 -30.91 2.04 -29.03
N THR C 332 -31.92 2.28 -28.20
CA THR C 332 -32.77 3.46 -28.36
C THR C 332 -32.23 4.65 -27.59
N LEU C 333 -31.51 4.41 -26.51
CA LEU C 333 -31.03 5.48 -25.66
C LEU C 333 -29.91 6.25 -26.35
N GLU C 334 -29.87 7.55 -26.07
CA GLU C 334 -28.87 8.41 -26.71
C GLU C 334 -27.46 8.03 -26.29
N GLU C 335 -27.26 7.71 -25.01
CA GLU C 335 -25.92 7.46 -24.51
C GLU C 335 -25.38 6.10 -24.90
N LYS C 336 -26.19 5.24 -25.51
CA LYS C 336 -25.78 3.89 -25.90
C LYS C 336 -25.08 3.15 -24.76
N PRO C 337 -25.71 3.04 -23.59
CA PRO C 337 -25.05 2.35 -22.50
C PRO C 337 -24.78 0.90 -22.89
N ASP C 338 -23.66 0.37 -22.44
CA ASP C 338 -23.42 -1.06 -22.62
C ASP C 338 -24.49 -1.83 -21.86
N VAL C 339 -24.94 -2.93 -22.44
CA VAL C 339 -25.83 -3.83 -21.70
C VAL C 339 -24.96 -4.62 -20.73
N ASN C 340 -25.32 -4.57 -19.45
CA ASN C 340 -24.54 -5.23 -18.41
C ASN C 340 -25.20 -6.58 -18.14
N ALA C 341 -24.59 -7.64 -18.67
CA ALA C 341 -25.22 -8.95 -18.62
C ALA C 341 -25.33 -9.49 -17.21
N ASP C 342 -24.35 -9.16 -16.35
CA ASP C 342 -24.43 -9.61 -14.97
C ASP C 342 -25.59 -8.95 -14.23
N ILE C 343 -25.85 -7.68 -14.53
CA ILE C 343 -27.02 -7.02 -13.94
C ILE C 343 -28.29 -7.70 -14.42
N VAL C 344 -28.39 -7.94 -15.74
CA VAL C 344 -29.61 -8.52 -16.29
C VAL C 344 -29.80 -9.94 -15.77
N HIS C 345 -28.73 -10.72 -15.67
CA HIS C 345 -28.83 -12.08 -15.12
C HIS C 345 -29.36 -12.06 -13.69
N TRP C 346 -28.79 -11.22 -12.83
CA TRP C 346 -29.24 -11.21 -11.44
C TRP C 346 -30.63 -10.58 -11.30
N LEU C 347 -31.04 -9.73 -12.25
CA LEU C 347 -32.40 -9.20 -12.19
C LEU C 347 -33.42 -10.27 -12.52
N SER C 348 -33.22 -11.03 -13.60
CA SER C 348 -34.17 -12.10 -13.90
C SER C 348 -34.09 -13.22 -12.86
N TRP C 349 -32.94 -13.38 -12.19
CA TRP C 349 -32.82 -14.40 -11.15
C TRP C 349 -33.70 -14.07 -9.95
N THR C 350 -33.68 -12.81 -9.50
CA THR C 350 -34.30 -12.40 -8.24
C THR C 350 -35.60 -11.60 -8.41
N ALA C 351 -36.07 -11.41 -9.65
CA ALA C 351 -37.15 -10.45 -9.92
C ALA C 351 -38.38 -10.69 -9.05
N GLN C 352 -38.72 -11.95 -8.78
CA GLN C 352 -39.89 -12.26 -7.97
C GLN C 352 -39.60 -12.23 -6.47
N GLY C 353 -38.35 -12.00 -6.06
CA GLY C 353 -38.05 -11.80 -4.66
C GLY C 353 -38.29 -10.36 -4.23
N PHE C 354 -38.01 -10.11 -2.96
CA PHE C 354 -38.18 -8.76 -2.40
C PHE C 354 -37.25 -8.64 -1.20
N LEU C 355 -36.26 -7.74 -1.31
CA LEU C 355 -35.22 -7.62 -0.29
C LEU C 355 -35.63 -6.53 0.70
N SER C 356 -36.10 -6.95 1.88
CA SER C 356 -36.63 -6.00 2.87
C SER C 356 -35.65 -4.94 3.34
N PRO C 357 -34.39 -5.24 3.64
CA PRO C 357 -33.49 -4.14 4.06
C PRO C 357 -33.23 -3.14 2.94
N LEU C 358 -33.27 -3.58 1.68
CA LEU C 358 -33.19 -2.62 0.58
C LEU C 358 -34.43 -1.73 0.54
N ALA C 359 -35.62 -2.31 0.75
CA ALA C 359 -36.83 -1.51 0.80
C ALA C 359 -36.81 -0.51 1.96
N ALA C 360 -36.19 -0.90 3.07
CA ALA C 360 -36.06 0.02 4.20
C ALA C 360 -35.22 1.22 3.84
N ALA C 361 -34.09 0.99 3.14
CA ALA C 361 -33.25 2.10 2.72
C ALA C 361 -33.95 2.97 1.68
N VAL C 362 -34.50 2.34 0.63
CA VAL C 362 -35.21 3.10 -0.40
C VAL C 362 -36.39 3.85 0.23
N GLY C 363 -37.07 3.21 1.18
CA GLY C 363 -38.20 3.86 1.83
C GLY C 363 -37.81 5.11 2.59
N GLY C 364 -36.62 5.11 3.20
CA GLY C 364 -36.17 6.30 3.91
C GLY C 364 -35.88 7.45 2.95
N VAL C 365 -35.17 7.16 1.85
CA VAL C 365 -34.87 8.20 0.87
C VAL C 365 -36.16 8.71 0.24
N ALA C 366 -37.02 7.78 -0.21
CA ALA C 366 -38.29 8.17 -0.84
C ALA C 366 -39.13 9.00 0.11
N SER C 367 -39.18 8.63 1.39
CA SER C 367 -39.98 9.38 2.36
C SER C 367 -39.46 10.80 2.52
N GLN C 368 -38.14 10.99 2.52
CA GLN C 368 -37.61 12.35 2.63
C GLN C 368 -37.96 13.18 1.39
N GLU C 369 -38.02 12.55 0.22
CA GLU C 369 -38.45 13.28 -0.98
C GLU C 369 -39.90 13.73 -0.84
N VAL C 370 -40.75 12.90 -0.22
CA VAL C 370 -42.12 13.33 0.07
C VAL C 370 -42.11 14.58 0.95
N LEU C 371 -41.27 14.58 1.99
CA LEU C 371 -41.23 15.71 2.90
C LEU C 371 -40.80 16.98 2.18
N LYS C 372 -39.83 16.88 1.28
CA LYS C 372 -39.43 18.03 0.48
C LYS C 372 -40.61 18.58 -0.32
N ALA C 373 -41.47 17.69 -0.83
CA ALA C 373 -42.60 18.12 -1.64
C ALA C 373 -43.62 18.89 -0.82
N VAL C 374 -43.89 18.47 0.41
CA VAL C 374 -44.94 19.12 1.20
C VAL C 374 -44.42 20.30 2.02
N THR C 375 -43.16 20.26 2.47
CA THR C 375 -42.59 21.33 3.28
C THR C 375 -41.79 22.35 2.47
N GLY C 376 -41.43 22.03 1.23
CA GLY C 376 -40.57 22.90 0.46
C GLY C 376 -39.14 23.02 0.94
N LYS C 377 -38.73 22.26 1.97
CA LYS C 377 -37.37 22.35 2.49
C LYS C 377 -36.45 21.37 1.74
N PHE C 378 -35.21 21.80 1.52
CA PHE C 378 -34.16 21.01 0.89
C PHE C 378 -34.41 20.83 -0.61
N SER C 379 -33.45 20.23 -1.32
CA SER C 379 -33.50 20.14 -2.77
C SER C 379 -33.84 18.73 -3.22
N PRO C 380 -34.87 18.55 -4.05
CA PRO C 380 -35.33 17.19 -4.39
C PRO C 380 -34.39 16.47 -5.34
N LEU C 381 -34.48 15.13 -5.27
CA LEU C 381 -33.81 14.26 -6.22
C LEU C 381 -34.18 14.65 -7.65
N CYS C 382 -33.19 14.62 -8.55
CA CYS C 382 -33.40 15.06 -9.93
C CYS C 382 -32.64 14.17 -10.93
N GLN C 383 -33.25 13.06 -11.38
CA GLN C 383 -34.60 12.64 -11.02
C GLN C 383 -34.67 11.15 -10.63
N TRP C 384 -33.56 10.41 -10.78
CA TRP C 384 -33.56 8.96 -10.59
C TRP C 384 -32.52 8.53 -9.55
N LEU C 385 -32.85 7.46 -8.83
CA LEU C 385 -31.94 6.82 -7.88
C LEU C 385 -32.09 5.31 -7.98
N TYR C 386 -30.97 4.61 -8.16
CA TYR C 386 -30.97 3.15 -8.35
C TYR C 386 -30.12 2.47 -7.27
N LEU C 387 -30.58 2.53 -6.02
CA LEU C 387 -29.95 1.75 -4.95
C LEU C 387 -30.10 0.27 -5.25
N GLU C 388 -29.01 -0.48 -5.04
CA GLU C 388 -29.01 -1.91 -5.37
C GLU C 388 -28.22 -2.69 -4.32
N ALA C 389 -28.39 -4.01 -4.33
CA ALA C 389 -27.72 -4.89 -3.39
C ALA C 389 -27.00 -6.02 -4.10
N ALA C 390 -26.36 -5.71 -5.22
CA ALA C 390 -25.63 -6.73 -5.96
C ALA C 390 -24.51 -7.33 -5.14
N ASP C 391 -23.89 -6.54 -4.26
CA ASP C 391 -22.77 -7.03 -3.46
C ASP C 391 -23.17 -8.14 -2.50
N ILE C 392 -24.46 -8.31 -2.19
CA ILE C 392 -24.83 -9.39 -1.28
C ILE C 392 -25.06 -10.72 -2.00
N VAL C 393 -25.01 -10.73 -3.35
CA VAL C 393 -25.15 -11.99 -4.08
C VAL C 393 -23.96 -12.32 -4.97
N GLU C 394 -23.15 -11.34 -5.39
CA GLU C 394 -22.11 -11.65 -6.38
C GLU C 394 -21.07 -12.61 -5.82
N SER C 395 -20.79 -12.55 -4.52
CA SER C 395 -19.83 -13.47 -3.91
C SER C 395 -20.34 -14.91 -3.83
N LEU C 396 -21.62 -15.13 -4.13
CA LEU C 396 -22.13 -16.51 -4.18
C LEU C 396 -21.66 -17.25 -5.42
N GLY C 397 -21.14 -16.54 -6.42
CA GLY C 397 -20.72 -17.17 -7.65
C GLY C 397 -21.89 -17.45 -8.57
N LYS C 398 -22.07 -18.72 -8.95
CA LYS C 398 -23.21 -19.17 -9.75
C LYS C 398 -23.90 -20.28 -8.97
N PRO C 399 -24.93 -19.97 -8.20
CA PRO C 399 -25.58 -20.98 -7.36
C PRO C 399 -26.71 -21.67 -8.11
N GLU C 400 -27.20 -22.75 -7.49
CA GLU C 400 -28.28 -23.53 -8.06
C GLU C 400 -29.62 -22.87 -7.74
N CYS C 401 -30.54 -22.90 -8.71
CA CYS C 401 -31.80 -22.18 -8.51
C CYS C 401 -32.71 -22.86 -7.49
N GLU C 402 -32.45 -24.12 -7.15
CA GLU C 402 -33.26 -24.80 -6.13
C GLU C 402 -33.12 -24.13 -4.77
N GLU C 403 -31.96 -23.54 -4.50
CA GLU C 403 -31.75 -22.80 -3.26
C GLU C 403 -32.69 -21.61 -3.12
N PHE C 404 -33.20 -21.08 -4.24
CA PHE C 404 -33.94 -19.83 -4.26
C PHE C 404 -35.45 -20.03 -4.35
N LEU C 405 -35.92 -21.25 -4.56
CA LEU C 405 -37.33 -21.52 -4.81
C LEU C 405 -38.15 -21.38 -3.52
N PRO C 406 -39.42 -21.00 -3.64
CA PRO C 406 -40.25 -20.84 -2.44
C PRO C 406 -40.49 -22.16 -1.73
N ARG C 407 -40.55 -22.08 -0.40
CA ARG C 407 -40.75 -23.24 0.44
C ARG C 407 -42.01 -23.15 1.29
N GLY C 408 -42.78 -22.08 1.16
CA GLY C 408 -44.02 -21.94 1.90
C GLY C 408 -43.91 -21.28 3.26
N ASP C 409 -42.83 -20.54 3.54
CA ASP C 409 -42.68 -19.87 4.82
C ASP C 409 -42.45 -18.38 4.60
N ARG C 410 -42.40 -17.62 5.69
CA ARG C 410 -42.32 -16.17 5.56
C ARG C 410 -41.02 -15.69 4.94
N TYR C 411 -40.02 -16.55 4.80
CA TYR C 411 -38.75 -16.12 4.24
C TYR C 411 -38.63 -16.33 2.73
N ASP C 412 -39.74 -16.68 2.06
CA ASP C 412 -39.69 -16.91 0.61
C ASP C 412 -39.22 -15.67 -0.14
N ALA C 413 -39.71 -14.49 0.23
CA ALA C 413 -39.29 -13.27 -0.45
C ALA C 413 -37.80 -13.04 -0.29
N LEU C 414 -37.27 -13.26 0.92
CA LEU C 414 -35.83 -13.13 1.15
C LEU C 414 -35.06 -14.25 0.45
N ARG C 415 -35.56 -15.48 0.55
CA ARG C 415 -34.88 -16.62 -0.07
C ARG C 415 -34.77 -16.45 -1.58
N ALA C 416 -35.78 -15.87 -2.21
CA ALA C 416 -35.71 -15.59 -3.64
C ALA C 416 -34.61 -14.58 -3.97
N CYS C 417 -34.07 -13.89 -2.98
CA CYS C 417 -33.02 -12.90 -3.20
C CYS C 417 -31.62 -13.44 -2.94
N ILE C 418 -31.42 -14.22 -1.88
CA ILE C 418 -30.07 -14.59 -1.44
C ILE C 418 -29.84 -16.09 -1.34
N GLY C 419 -30.86 -16.91 -1.50
CA GLY C 419 -30.69 -18.35 -1.42
C GLY C 419 -30.86 -18.88 0.00
N ASP C 420 -31.17 -20.17 0.10
CA ASP C 420 -31.51 -20.72 1.41
C ASP C 420 -30.31 -20.85 2.33
N THR C 421 -29.10 -21.08 1.79
CA THR C 421 -27.93 -21.22 2.65
C THR C 421 -27.67 -19.94 3.44
N LEU C 422 -27.83 -18.79 2.81
CA LEU C 422 -27.60 -17.54 3.52
C LEU C 422 -28.72 -17.26 4.51
N CYS C 423 -29.97 -17.58 4.15
CA CYS C 423 -31.07 -17.45 5.09
C CYS C 423 -30.81 -18.25 6.36
N GLN C 424 -30.37 -19.50 6.19
CA GLN C 424 -30.09 -20.36 7.35
C GLN C 424 -29.01 -19.76 8.24
N LYS C 425 -27.97 -19.20 7.63
CA LYS C 425 -26.91 -18.56 8.41
C LYS C 425 -27.46 -17.38 9.22
N LEU C 426 -28.34 -16.58 8.62
CA LEU C 426 -28.96 -15.49 9.37
C LEU C 426 -29.75 -16.02 10.56
N GLN C 427 -30.51 -17.10 10.34
CA GLN C 427 -31.33 -17.66 11.40
C GLN C 427 -30.49 -18.17 12.57
N ASN C 428 -29.24 -18.56 12.32
CA ASN C 428 -28.34 -19.05 13.38
C ASN C 428 -27.48 -17.95 13.99
N LEU C 429 -27.60 -16.72 13.50
CA LEU C 429 -26.71 -15.63 13.92
C LEU C 429 -26.86 -15.30 15.40
N ASN C 430 -25.72 -15.02 16.04
CA ASN C 430 -25.67 -14.35 17.33
C ASN C 430 -25.17 -12.93 17.09
N ILE C 431 -26.00 -11.93 17.44
CA ILE C 431 -25.59 -10.54 17.28
C ILE C 431 -25.82 -9.78 18.59
N PHE C 432 -24.93 -8.82 18.84
CA PHE C 432 -24.97 -7.95 20.02
C PHE C 432 -25.30 -6.55 19.54
N LEU C 433 -26.48 -6.03 19.92
CA LEU C 433 -26.91 -4.69 19.53
C LEU C 433 -26.77 -3.76 20.72
N VAL C 434 -25.92 -2.76 20.58
CA VAL C 434 -25.56 -1.86 21.68
C VAL C 434 -26.31 -0.55 21.49
N GLY C 435 -27.33 -0.33 22.30
CA GLY C 435 -28.18 0.84 22.20
C GLY C 435 -29.52 0.42 21.62
N CYS C 436 -30.59 1.08 22.07
CA CYS C 436 -31.93 0.69 21.63
C CYS C 436 -32.85 1.92 21.60
N GLY C 437 -32.38 3.00 20.99
CA GLY C 437 -33.24 4.12 20.69
C GLY C 437 -33.74 4.04 19.26
N ALA C 438 -33.67 5.15 18.53
CA ALA C 438 -34.25 5.23 17.19
C ALA C 438 -33.63 4.21 16.24
N ILE C 439 -32.30 4.24 16.09
CA ILE C 439 -31.64 3.32 15.17
C ILE C 439 -31.84 1.88 15.61
N GLY C 440 -31.70 1.62 16.92
CA GLY C 440 -31.80 0.25 17.40
C GLY C 440 -33.16 -0.38 17.14
N CYS C 441 -34.23 0.39 17.31
CA CYS C 441 -35.56 -0.13 17.00
C CYS C 441 -35.73 -0.40 15.50
N GLU C 442 -35.14 0.43 14.64
CA GLU C 442 -35.16 0.12 13.21
C GLU C 442 -34.38 -1.16 12.93
N MET C 443 -33.26 -1.35 13.62
CA MET C 443 -32.44 -2.55 13.41
C MET C 443 -33.18 -3.81 13.83
N LEU C 444 -33.89 -3.75 14.96
CA LEU C 444 -34.60 -4.92 15.43
C LEU C 444 -35.70 -5.33 14.43
N LYS C 445 -36.40 -4.34 13.87
CA LYS C 445 -37.40 -4.65 12.84
C LYS C 445 -36.73 -5.26 11.61
N ASN C 446 -35.57 -4.73 11.20
CA ASN C 446 -34.88 -5.31 10.06
C ASN C 446 -34.41 -6.72 10.37
N PHE C 447 -33.85 -6.94 11.58
CA PHE C 447 -33.48 -8.29 11.99
C PHE C 447 -34.67 -9.24 11.89
N ALA C 448 -35.86 -8.77 12.30
CA ALA C 448 -37.01 -9.67 12.36
C ALA C 448 -37.45 -10.09 10.96
N LEU C 449 -37.38 -9.18 9.98
CA LEU C 449 -37.81 -9.54 8.65
C LEU C 449 -36.79 -10.40 7.93
N LEU C 450 -35.52 -10.32 8.32
CA LEU C 450 -34.48 -11.20 7.80
C LEU C 450 -34.43 -12.55 8.50
N GLY C 451 -35.17 -12.72 9.60
CA GLY C 451 -35.10 -13.95 10.35
C GLY C 451 -33.86 -14.12 11.20
N VAL C 452 -33.21 -13.01 11.58
CA VAL C 452 -31.98 -13.13 12.36
C VAL C 452 -32.28 -13.78 13.70
N GLY C 453 -31.53 -14.83 14.03
CA GLY C 453 -31.60 -15.45 15.33
C GLY C 453 -32.88 -16.21 15.63
N THR C 454 -33.53 -16.78 14.62
CA THR C 454 -34.80 -17.47 14.82
C THR C 454 -34.68 -18.98 14.89
N SER C 455 -33.49 -19.54 14.68
CA SER C 455 -33.35 -21.00 14.76
C SER C 455 -33.77 -21.48 16.13
N LYS C 456 -34.22 -22.73 16.20
CA LYS C 456 -34.68 -23.27 17.47
C LYS C 456 -33.59 -23.29 18.52
N GLU C 457 -32.33 -23.51 18.12
CA GLU C 457 -31.30 -23.83 19.11
C GLU C 457 -29.92 -23.26 18.75
N LYS C 458 -29.84 -22.14 18.03
CA LYS C 458 -28.50 -21.66 17.70
C LYS C 458 -28.31 -20.14 17.78
N GLY C 459 -29.30 -19.34 17.35
CA GLY C 459 -29.13 -17.92 17.21
C GLY C 459 -29.65 -17.12 18.40
N MET C 460 -29.25 -15.85 18.47
CA MET C 460 -29.67 -15.01 19.58
C MET C 460 -29.37 -13.55 19.28
N ILE C 461 -30.33 -12.68 19.54
CA ILE C 461 -30.12 -11.24 19.54
C ILE C 461 -30.04 -10.77 20.98
N THR C 462 -28.90 -10.21 21.37
CA THR C 462 -28.73 -9.57 22.67
C THR C 462 -28.74 -8.07 22.44
N VAL C 463 -29.66 -7.37 23.09
CA VAL C 463 -29.76 -5.92 22.97
C VAL C 463 -29.77 -5.33 24.37
N THR C 464 -29.03 -4.24 24.54
CA THR C 464 -28.91 -3.60 25.85
C THR C 464 -28.95 -2.08 25.70
N ASP C 465 -29.53 -1.43 26.71
CA ASP C 465 -29.72 0.01 26.83
C ASP C 465 -30.09 0.32 28.27
N PRO C 466 -29.42 1.27 28.93
CA PRO C 466 -29.74 1.53 30.35
C PRO C 466 -30.89 2.50 30.58
N ASP C 467 -31.49 3.06 29.53
CA ASP C 467 -32.42 4.17 29.67
C ASP C 467 -33.87 3.70 29.62
N LEU C 468 -34.75 4.49 30.23
CA LEU C 468 -36.19 4.28 30.18
C LEU C 468 -36.80 5.16 29.09
N ILE C 469 -38.04 4.82 28.72
CA ILE C 469 -38.76 5.58 27.72
C ILE C 469 -39.31 6.86 28.34
N GLU C 470 -38.90 8.00 27.79
CA GLU C 470 -39.32 9.33 28.23
C GLU C 470 -40.05 10.00 27.07
N LYS C 471 -41.35 10.23 27.22
CA LYS C 471 -42.18 10.59 26.08
C LYS C 471 -41.88 11.99 25.58
N SER C 472 -41.97 12.16 24.26
CA SER C 472 -42.02 13.46 23.62
C SER C 472 -43.24 13.48 22.73
N ASN C 473 -44.18 14.39 23.03
CA ASN C 473 -45.35 14.53 22.17
C ASN C 473 -44.97 15.00 20.77
N LEU C 474 -43.83 15.68 20.65
CA LEU C 474 -43.38 16.16 19.35
C LEU C 474 -42.82 15.02 18.50
N ASN C 475 -41.84 14.30 19.04
CA ASN C 475 -41.10 13.28 18.29
C ASN C 475 -41.62 11.90 18.67
N ARG C 476 -42.53 11.37 17.86
CA ARG C 476 -43.03 10.02 18.09
C ARG C 476 -41.99 8.99 17.68
N GLN C 477 -42.11 7.79 18.25
CA GLN C 477 -41.13 6.76 18.01
C GLN C 477 -41.78 5.52 17.39
N PHE C 478 -40.94 4.74 16.70
CA PHE C 478 -41.40 3.60 15.94
C PHE C 478 -42.08 2.56 16.81
N LEU C 479 -41.35 2.03 17.81
CA LEU C 479 -41.86 0.92 18.60
C LEU C 479 -42.37 1.34 19.98
N PHE C 480 -42.17 2.59 20.38
CA PHE C 480 -42.54 3.04 21.73
C PHE C 480 -43.86 3.80 21.68
N ARG C 481 -44.75 3.48 22.60
CA ARG C 481 -46.06 4.10 22.71
C ARG C 481 -46.17 4.93 23.99
N PRO C 482 -47.14 5.86 24.05
CA PRO C 482 -47.32 6.63 25.29
C PRO C 482 -47.52 5.78 26.53
N HIS C 483 -48.19 4.63 26.41
CA HIS C 483 -48.39 3.77 27.58
C HIS C 483 -47.13 3.03 28.00
N HIS C 484 -46.01 3.24 27.31
CA HIS C 484 -44.73 2.64 27.68
C HIS C 484 -43.87 3.59 28.49
N ILE C 485 -44.43 4.71 28.94
CA ILE C 485 -43.68 5.69 29.71
C ILE C 485 -43.08 5.03 30.94
N GLN C 486 -41.80 5.33 31.20
CA GLN C 486 -41.01 4.84 32.33
C GLN C 486 -40.68 3.35 32.24
N LYS C 487 -40.93 2.71 31.10
CA LYS C 487 -40.51 1.34 30.87
C LYS C 487 -39.17 1.32 30.15
N PRO C 488 -38.40 0.25 30.30
CA PRO C 488 -37.10 0.17 29.61
C PRO C 488 -37.26 0.11 28.10
N LYS C 489 -36.37 0.82 27.40
CA LYS C 489 -36.40 0.85 25.94
C LYS C 489 -36.17 -0.55 25.36
N SER C 490 -35.16 -1.26 25.87
CA SER C 490 -34.79 -2.55 25.29
C SER C 490 -35.85 -3.61 25.57
N TYR C 491 -36.41 -3.63 26.78
CA TYR C 491 -37.52 -4.53 27.08
C TYR C 491 -38.69 -4.28 26.13
N THR C 492 -39.09 -3.01 25.99
CA THR C 492 -40.24 -2.69 25.15
C THR C 492 -39.96 -3.01 23.69
N ALA C 493 -38.75 -2.71 23.21
CA ALA C 493 -38.42 -2.99 21.82
C ALA C 493 -38.40 -4.50 21.56
N ALA C 494 -37.91 -5.28 22.52
CA ALA C 494 -37.91 -6.73 22.37
C ALA C 494 -39.32 -7.27 22.22
N ASP C 495 -40.23 -6.84 23.11
CA ASP C 495 -41.62 -7.30 23.04
C ASP C 495 -42.26 -6.93 21.70
N ALA C 496 -41.99 -5.71 21.21
CA ALA C 496 -42.59 -5.30 19.94
C ALA C 496 -42.02 -6.11 18.79
N THR C 497 -40.74 -6.45 18.86
CA THR C 497 -40.11 -7.22 17.78
C THR C 497 -40.67 -8.63 17.71
N LEU C 498 -40.99 -9.22 18.88
CA LEU C 498 -41.61 -10.54 18.90
C LEU C 498 -42.98 -10.53 18.23
N LYS C 499 -43.69 -9.40 18.29
CA LYS C 499 -44.94 -9.29 17.54
C LYS C 499 -44.68 -9.31 16.04
N ILE C 500 -43.55 -8.75 15.59
CA ILE C 500 -43.25 -8.73 14.15
C ILE C 500 -42.98 -10.15 13.65
N ASN C 501 -42.19 -10.93 14.40
CA ASN C 501 -41.82 -12.29 14.02
C ASN C 501 -41.81 -13.12 15.29
N SER C 502 -42.83 -13.99 15.44
CA SER C 502 -43.03 -14.74 16.66
C SER C 502 -41.89 -15.70 16.98
N GLN C 503 -40.98 -15.94 16.04
CA GLN C 503 -39.91 -16.90 16.24
C GLN C 503 -38.59 -16.27 16.65
N ILE C 504 -38.53 -14.93 16.72
CA ILE C 504 -37.27 -14.28 17.01
C ILE C 504 -36.91 -14.48 18.48
N LYS C 505 -35.61 -14.60 18.75
CA LYS C 505 -35.11 -14.88 20.10
C LYS C 505 -34.26 -13.70 20.52
N ILE C 506 -34.74 -12.95 21.51
CA ILE C 506 -34.10 -11.73 21.95
C ILE C 506 -33.89 -11.80 23.46
N ASP C 507 -32.72 -11.37 23.90
CA ASP C 507 -32.37 -11.26 25.31
C ASP C 507 -32.05 -9.79 25.56
N ALA C 508 -32.96 -9.08 26.22
CA ALA C 508 -32.85 -7.64 26.43
C ALA C 508 -32.28 -7.34 27.81
N HIS C 509 -31.26 -6.48 27.86
CA HIS C 509 -30.60 -6.08 29.09
C HIS C 509 -30.76 -4.58 29.31
N LEU C 510 -30.49 -4.16 30.55
CA LEU C 510 -30.56 -2.76 30.97
C LEU C 510 -29.19 -2.17 31.25
N ASN C 511 -28.14 -2.72 30.63
CA ASN C 511 -26.76 -2.35 30.94
C ASN C 511 -26.23 -1.27 30.00
N LYS C 512 -25.37 -0.43 30.54
CA LYS C 512 -24.50 0.43 29.74
C LYS C 512 -23.23 -0.35 29.44
N VAL C 513 -22.83 -0.38 28.16
CA VAL C 513 -21.61 -1.06 27.76
C VAL C 513 -20.46 -0.09 27.93
N CYS C 514 -19.56 -0.40 28.86
CA CYS C 514 -18.50 0.50 29.32
C CYS C 514 -17.55 -0.30 30.22
N PRO C 515 -16.44 0.28 30.68
CA PRO C 515 -15.53 -0.51 31.56
C PRO C 515 -16.21 -1.07 32.79
N THR C 516 -17.22 -0.39 33.34
CA THR C 516 -17.89 -0.87 34.55
C THR C 516 -18.57 -2.23 34.35
N THR C 517 -19.03 -2.52 33.13
CA THR C 517 -19.78 -3.75 32.88
C THR C 517 -18.96 -4.78 32.12
N GLU C 518 -17.63 -4.63 32.08
CA GLU C 518 -16.80 -5.55 31.31
C GLU C 518 -16.80 -6.96 31.88
N THR C 519 -17.16 -7.14 33.17
CA THR C 519 -17.29 -8.49 33.71
C THR C 519 -18.53 -9.18 33.16
N ILE C 520 -19.57 -8.41 32.82
CA ILE C 520 -20.76 -8.98 32.19
C ILE C 520 -20.50 -9.25 30.70
N TYR C 521 -20.05 -8.23 29.98
CA TYR C 521 -19.70 -8.40 28.57
C TYR C 521 -18.21 -8.67 28.44
N ASN C 522 -17.83 -9.85 28.93
CA ASN C 522 -16.45 -10.28 28.96
C ASN C 522 -16.05 -10.89 27.61
N ASP C 523 -14.80 -11.33 27.53
CA ASP C 523 -14.25 -11.80 26.26
C ASP C 523 -15.03 -13.01 25.72
N GLU C 524 -15.47 -13.89 26.62
CA GLU C 524 -16.26 -15.05 26.19
C GLU C 524 -17.60 -14.63 25.63
N PHE C 525 -18.18 -13.54 26.13
CA PHE C 525 -19.42 -13.06 25.53
C PHE C 525 -19.20 -12.58 24.11
N TYR C 526 -18.14 -11.81 23.85
CA TYR C 526 -17.89 -11.36 22.49
C TYR C 526 -17.56 -12.53 21.58
N THR C 527 -16.82 -13.51 22.11
CA THR C 527 -16.47 -14.70 21.33
C THR C 527 -17.72 -15.46 20.90
N LYS C 528 -18.78 -15.41 21.71
CA LYS C 528 -20.03 -16.07 21.34
C LYS C 528 -20.78 -15.33 20.24
N GLN C 529 -20.54 -14.03 20.07
CA GLN C 529 -21.23 -13.26 19.04
C GLN C 529 -20.62 -13.48 17.67
N ASP C 530 -21.45 -13.33 16.64
CA ASP C 530 -20.97 -13.33 15.26
C ASP C 530 -20.69 -11.94 14.73
N VAL C 531 -21.45 -10.95 15.16
CA VAL C 531 -21.29 -9.57 14.70
C VAL C 531 -21.84 -8.66 15.78
N ILE C 532 -21.20 -7.50 15.95
CA ILE C 532 -21.66 -6.49 16.90
C ILE C 532 -22.14 -5.28 16.11
N ILE C 533 -23.24 -4.69 16.55
CA ILE C 533 -23.91 -3.62 15.83
C ILE C 533 -24.22 -2.49 16.80
N THR C 534 -23.71 -1.29 16.52
CA THR C 534 -23.90 -0.13 17.38
C THR C 534 -25.15 0.63 16.99
N ALA C 535 -25.81 1.20 18.00
CA ALA C 535 -26.95 2.09 17.80
C ALA C 535 -26.90 3.15 18.90
N LEU C 536 -25.80 3.88 18.94
CA LEU C 536 -25.40 4.76 20.04
C LEU C 536 -25.57 6.23 19.67
N ASP C 537 -25.49 7.08 20.70
CA ASP C 537 -25.66 8.51 20.53
C ASP C 537 -24.43 9.31 20.94
N ASN C 538 -23.29 8.65 21.18
CA ASN C 538 -22.09 9.35 21.57
C ASN C 538 -20.88 8.63 21.01
N VAL C 539 -19.77 9.35 20.91
CA VAL C 539 -18.56 8.81 20.30
C VAL C 539 -17.80 7.92 21.29
N GLU C 540 -17.83 8.25 22.58
CA GLU C 540 -17.04 7.51 23.55
C GLU C 540 -17.46 6.04 23.61
N ALA C 541 -18.77 5.77 23.64
CA ALA C 541 -19.25 4.41 23.64
C ALA C 541 -18.87 3.67 22.36
N ARG C 542 -18.81 4.37 21.23
CA ARG C 542 -18.42 3.70 19.99
C ARG C 542 -16.95 3.29 20.03
N ARG C 543 -16.09 4.15 20.56
CA ARG C 543 -14.67 3.81 20.66
C ARG C 543 -14.44 2.68 21.65
N TYR C 544 -15.26 2.60 22.71
CA TYR C 544 -15.08 1.51 23.67
C TYR C 544 -15.52 0.17 23.08
N VAL C 545 -16.69 0.16 22.45
CA VAL C 545 -17.17 -1.05 21.78
C VAL C 545 -16.16 -1.49 20.72
N ASP C 546 -15.60 -0.54 19.97
CA ASP C 546 -14.60 -0.88 18.95
C ASP C 546 -13.41 -1.60 19.58
N SER C 547 -12.90 -1.09 20.70
CA SER C 547 -11.75 -1.72 21.34
C SER C 547 -12.07 -3.12 21.82
N ARG C 548 -13.33 -3.39 22.20
CA ARG C 548 -13.68 -4.73 22.64
C ARG C 548 -13.79 -5.68 21.45
N CYS C 549 -14.22 -5.19 20.29
CA CYS C 549 -14.27 -6.02 19.09
C CYS C 549 -12.86 -6.30 18.56
N LEU C 550 -11.96 -5.31 18.65
CA LEU C 550 -10.57 -5.55 18.32
C LEU C 550 -9.99 -6.66 19.19
N ALA C 551 -10.24 -6.60 20.50
CA ALA C 551 -9.66 -7.55 21.43
C ALA C 551 -10.16 -8.97 21.17
N ASN C 552 -11.38 -9.11 20.66
CA ASN C 552 -11.99 -10.43 20.50
C ASN C 552 -12.19 -10.82 19.03
N LEU C 553 -11.54 -10.11 18.11
CA LEU C 553 -11.54 -10.48 16.69
C LEU C 553 -12.95 -10.70 16.15
N ARG C 554 -13.82 -9.73 16.42
CA ARG C 554 -15.20 -9.81 15.97
C ARG C 554 -15.54 -8.61 15.08
N PRO C 555 -16.38 -8.79 14.06
CA PRO C 555 -16.74 -7.66 13.20
C PRO C 555 -17.70 -6.71 13.90
N LEU C 556 -17.64 -5.44 13.48
CA LEU C 556 -18.45 -4.37 14.04
C LEU C 556 -19.05 -3.54 12.92
N LEU C 557 -20.35 -3.23 13.03
CA LEU C 557 -21.05 -2.40 12.05
C LEU C 557 -21.58 -1.16 12.75
N ASP C 558 -21.00 0.00 12.43
CA ASP C 558 -21.40 1.26 13.03
C ASP C 558 -22.24 2.08 12.06
N SER C 559 -23.07 2.95 12.62
CA SER C 559 -23.82 3.94 11.85
C SER C 559 -24.10 5.14 12.74
N GLY C 560 -24.68 6.17 12.15
CA GLY C 560 -25.04 7.37 12.89
C GLY C 560 -25.77 8.32 11.96
N THR C 561 -26.56 9.20 12.58
CA THR C 561 -27.27 10.23 11.82
C THR C 561 -27.14 11.58 12.51
N MET C 562 -27.43 12.63 11.75
CA MET C 562 -27.64 13.95 12.32
C MET C 562 -28.51 14.72 11.33
N GLY C 563 -29.81 14.79 11.62
CA GLY C 563 -30.73 15.43 10.69
C GLY C 563 -30.84 14.60 9.43
N THR C 564 -30.58 15.24 8.29
CA THR C 564 -30.58 14.56 7.00
C THR C 564 -29.26 13.86 6.69
N LYS C 565 -28.26 13.99 7.56
CA LYS C 565 -26.94 13.41 7.35
C LYS C 565 -26.86 12.03 7.98
N GLY C 566 -26.14 11.11 7.32
CA GLY C 566 -25.95 9.78 7.85
C GLY C 566 -24.65 9.15 7.38
N HIS C 567 -24.27 8.06 8.06
CA HIS C 567 -23.12 7.26 7.64
C HIS C 567 -23.28 5.83 8.13
N THR C 568 -22.54 4.94 7.48
CA THR C 568 -22.34 3.56 7.90
C THR C 568 -20.86 3.26 7.81
N GLU C 569 -20.36 2.40 8.71
CA GLU C 569 -18.97 1.99 8.65
C GLU C 569 -18.86 0.50 8.97
N VAL C 570 -18.07 -0.22 8.17
CA VAL C 570 -17.96 -1.67 8.25
C VAL C 570 -16.55 -2.03 8.70
N ILE C 571 -16.46 -2.84 9.76
CA ILE C 571 -15.20 -3.22 10.39
C ILE C 571 -15.14 -4.74 10.47
N VAL C 572 -14.13 -5.34 9.82
CA VAL C 572 -14.05 -6.79 9.72
C VAL C 572 -12.67 -7.30 10.13
N PRO C 573 -12.57 -8.26 11.05
CA PRO C 573 -11.25 -8.70 11.55
C PRO C 573 -10.30 -9.13 10.45
N HIS C 574 -9.08 -8.60 10.52
CA HIS C 574 -7.93 -8.88 9.64
C HIS C 574 -8.08 -8.30 8.24
N LEU C 575 -9.22 -7.69 7.91
CA LEU C 575 -9.41 -7.09 6.60
C LEU C 575 -9.41 -5.56 6.61
N THR C 576 -9.88 -4.95 7.70
CA THR C 576 -10.11 -3.51 7.73
C THR C 576 -9.41 -2.86 8.92
N GLU C 577 -9.35 -1.54 8.88
CA GLU C 577 -9.10 -0.77 10.08
C GLU C 577 -10.37 -0.76 10.93
N SER C 578 -10.34 -0.07 12.07
CA SER C 578 -11.54 -0.07 12.91
C SER C 578 -11.96 1.35 13.22
N TYR C 579 -12.96 1.52 14.10
CA TYR C 579 -13.52 2.84 14.36
C TYR C 579 -12.44 3.80 14.87
N ASN C 580 -11.54 3.31 15.72
CA ASN C 580 -10.54 4.16 16.34
C ASN C 580 -9.38 4.51 15.41
N SER C 581 -9.36 3.97 14.19
CA SER C 581 -8.32 4.34 13.24
C SER C 581 -8.54 5.73 12.66
N HIS C 582 -9.70 6.33 12.88
CA HIS C 582 -10.02 7.67 12.38
C HIS C 582 -10.57 8.53 13.51
N ARG C 583 -10.24 9.82 13.46
CA ARG C 583 -10.86 10.85 14.29
C ARG C 583 -11.64 11.80 13.38
N ASP C 584 -12.82 12.20 13.82
CA ASP C 584 -13.64 13.13 13.05
C ASP C 584 -13.37 14.56 13.48
N PRO C 585 -13.72 15.55 12.65
CA PRO C 585 -13.57 16.94 13.06
C PRO C 585 -14.47 17.23 14.25
N PRO C 586 -14.12 18.23 15.05
CA PRO C 586 -15.04 18.63 16.13
C PRO C 586 -16.32 19.21 15.54
N GLU C 587 -17.44 18.84 16.15
CA GLU C 587 -18.75 19.27 15.67
C GLU C 587 -19.52 19.87 16.82
N GLU C 588 -19.87 21.15 16.69
CA GLU C 588 -20.64 21.84 17.73
C GLU C 588 -22.10 21.43 17.73
N GLU C 589 -22.64 21.11 16.55
CA GLU C 589 -24.05 20.72 16.47
C GLU C 589 -24.28 19.41 17.22
N ILE C 590 -25.45 19.29 17.81
CA ILE C 590 -25.76 18.20 18.74
C ILE C 590 -26.94 17.41 18.21
N PRO C 591 -26.73 16.19 17.71
CA PRO C 591 -27.86 15.36 17.29
C PRO C 591 -28.61 14.83 18.50
N PHE C 592 -29.93 14.75 18.37
CA PHE C 592 -30.73 14.26 19.49
C PHE C 592 -32.02 13.65 18.95
N ALA C 593 -32.36 12.48 19.47
CA ALA C 593 -33.54 11.74 19.05
C ALA C 593 -34.53 11.64 20.20
N THR C 594 -34.32 10.68 21.10
CA THR C 594 -35.17 10.52 22.27
C THR C 594 -34.62 11.31 23.46
N LEU C 595 -35.53 11.76 24.31
CA LEU C 595 -35.14 12.36 25.58
C LEU C 595 -34.59 11.29 26.51
N LYS C 596 -33.72 11.72 27.43
CA LYS C 596 -33.09 10.80 28.36
C LYS C 596 -33.78 10.84 29.72
N SER C 597 -34.00 9.66 30.29
CA SER C 597 -34.59 9.61 31.62
C SER C 597 -33.54 9.81 32.70
N PHE C 598 -32.28 9.56 32.36
CA PHE C 598 -31.16 9.64 33.29
C PHE C 598 -30.07 10.50 32.66
N PRO C 599 -30.29 11.81 32.59
CA PRO C 599 -29.31 12.68 31.95
C PRO C 599 -28.03 12.74 32.77
N ALA C 600 -26.93 12.96 32.08
CA ALA C 600 -25.62 13.08 32.72
C ALA C 600 -24.89 14.36 32.38
N ALA C 601 -25.34 15.11 31.37
CA ALA C 601 -24.73 16.37 30.97
C ALA C 601 -25.82 17.42 30.76
N ILE C 602 -25.41 18.69 30.80
CA ILE C 602 -26.38 19.78 30.69
C ILE C 602 -27.06 19.79 29.31
N GLU C 603 -26.40 19.25 28.28
CA GLU C 603 -27.03 19.17 26.96
C GLU C 603 -28.32 18.35 27.00
N HIS C 604 -28.38 17.33 27.86
CA HIS C 604 -29.55 16.47 27.91
C HIS C 604 -30.74 17.18 28.56
N THR C 605 -30.48 17.97 29.60
CA THR C 605 -31.57 18.71 30.24
C THR C 605 -32.00 19.91 29.40
N ILE C 606 -31.12 20.43 28.55
CA ILE C 606 -31.51 21.51 27.64
C ILE C 606 -32.44 20.96 26.54
N GLN C 607 -32.13 19.77 26.02
CA GLN C 607 -33.03 19.13 25.07
C GLN C 607 -34.40 18.90 25.68
N TRP C 608 -34.43 18.48 26.95
CA TRP C 608 -35.71 18.28 27.63
C TRP C 608 -36.47 19.60 27.81
N ALA C 609 -35.78 20.66 28.21
CA ALA C 609 -36.47 21.94 28.39
C ALA C 609 -36.90 22.54 27.06
N ARG C 610 -36.06 22.43 26.03
CA ARG C 610 -36.45 22.89 24.70
C ARG C 610 -37.68 22.12 24.20
N ASP C 611 -37.70 20.81 24.42
CA ASP C 611 -38.86 20.02 24.03
C ASP C 611 -40.08 20.40 24.85
N LYS C 612 -39.88 20.71 26.13
CA LYS C 612 -41.00 21.10 26.98
C LYS C 612 -41.59 22.45 26.55
N PHE C 613 -40.73 23.42 26.21
CA PHE C 613 -41.24 24.68 25.67
C PHE C 613 -42.11 24.43 24.46
N GLU C 614 -41.63 23.58 23.54
CA GLU C 614 -42.36 23.32 22.30
C GLU C 614 -43.69 22.65 22.56
N SER C 615 -43.73 21.71 23.51
CA SER C 615 -44.98 21.02 23.82
C SER C 615 -45.98 21.95 24.50
N SER C 616 -45.53 22.71 25.50
CA SER C 616 -46.45 23.49 26.31
C SER C 616 -46.96 24.72 25.57
N PHE C 617 -46.10 25.38 24.80
CA PHE C 617 -46.40 26.71 24.30
C PHE C 617 -46.61 26.77 22.79
N SER C 618 -46.33 25.68 22.05
CA SER C 618 -46.55 25.66 20.61
C SER C 618 -47.46 24.50 20.21
N HIS C 619 -47.04 23.26 20.47
CA HIS C 619 -47.76 22.08 19.99
C HIS C 619 -49.15 21.96 20.61
N LYS C 620 -49.23 21.96 21.94
CA LYS C 620 -50.54 21.84 22.58
C LYS C 620 -51.47 23.00 22.25
N PRO C 621 -51.05 24.26 22.26
CA PRO C 621 -51.97 25.33 21.84
C PRO C 621 -52.51 25.13 20.43
N SER C 622 -51.68 24.67 19.49
CA SER C 622 -52.17 24.56 18.11
C SER C 622 -53.11 23.37 17.96
N LEU C 623 -52.84 22.27 18.66
CA LEU C 623 -53.79 21.18 18.73
C LEU C 623 -55.13 21.66 19.27
N PHE C 624 -55.09 22.44 20.36
CA PHE C 624 -56.31 23.04 20.91
C PHE C 624 -57.04 23.85 19.85
N ASN C 625 -56.31 24.66 19.08
CA ASN C 625 -56.94 25.49 18.05
C ASN C 625 -57.53 24.64 16.94
N LYS C 626 -56.76 23.65 16.46
CA LYS C 626 -57.23 22.82 15.35
C LYS C 626 -58.44 21.98 15.73
N PHE C 627 -58.51 21.53 17.00
CA PHE C 627 -59.65 20.72 17.42
C PHE C 627 -60.95 21.50 17.33
N TRP C 628 -60.97 22.71 17.91
CA TRP C 628 -62.18 23.52 17.91
C TRP C 628 -62.45 24.12 16.54
N GLN C 629 -61.42 24.28 15.71
CA GLN C 629 -61.64 24.66 14.31
C GLN C 629 -62.38 23.56 13.56
N THR C 630 -62.06 22.29 13.84
CA THR C 630 -62.65 21.18 13.11
C THR C 630 -64.10 20.91 13.52
N TYR C 631 -64.41 21.01 14.81
CA TYR C 631 -65.72 20.61 15.33
C TYR C 631 -66.56 21.80 15.77
N SER C 632 -66.20 23.01 15.34
CA SER C 632 -67.02 24.21 15.45
C SER C 632 -67.19 24.72 16.87
N SER C 633 -67.96 24.03 17.71
CA SER C 633 -68.33 24.55 19.01
C SER C 633 -68.32 23.45 20.06
N ALA C 634 -68.49 23.86 21.32
CA ALA C 634 -68.45 22.92 22.43
C ALA C 634 -69.73 22.07 22.51
N GLU C 635 -70.86 22.61 22.07
CA GLU C 635 -72.11 21.83 22.13
C GLU C 635 -72.08 20.68 21.13
N GLU C 636 -71.50 20.89 19.94
CA GLU C 636 -71.44 19.80 18.97
C GLU C 636 -70.54 18.68 19.46
N VAL C 637 -69.40 19.03 20.07
CA VAL C 637 -68.50 17.99 20.60
C VAL C 637 -69.20 17.23 21.72
N LEU C 638 -69.94 17.94 22.58
CA LEU C 638 -70.64 17.28 23.67
C LEU C 638 -71.67 16.29 23.15
N GLN C 639 -72.41 16.67 22.10
CA GLN C 639 -73.43 15.78 21.57
C GLN C 639 -72.81 14.58 20.87
N LYS C 640 -71.66 14.77 20.21
CA LYS C 640 -71.03 13.66 19.51
C LYS C 640 -70.39 12.67 20.48
N ILE C 641 -69.96 13.15 21.65
CA ILE C 641 -69.45 12.23 22.66
C ILE C 641 -70.59 11.38 23.22
N GLN C 642 -71.75 11.99 23.44
CA GLN C 642 -72.91 11.27 23.96
C GLN C 642 -73.48 10.29 22.93
N SER C 643 -73.18 10.47 21.64
CA SER C 643 -73.66 9.59 20.59
C SER C 643 -72.67 8.49 20.22
N GLY C 644 -71.71 8.20 21.10
CA GLY C 644 -70.80 7.09 20.89
C GLY C 644 -69.57 7.39 20.06
N HIS C 645 -69.49 8.58 19.46
CA HIS C 645 -68.34 8.93 18.65
C HIS C 645 -67.09 9.08 19.51
N SER C 646 -65.94 8.92 18.85
CA SER C 646 -64.65 9.11 19.50
C SER C 646 -63.83 10.06 18.64
N LEU C 647 -63.43 11.19 19.23
CA LEU C 647 -62.68 12.22 18.52
C LEU C 647 -61.22 12.22 18.97
N GLU C 648 -60.33 12.46 18.02
CA GLU C 648 -58.90 12.40 18.28
C GLU C 648 -58.47 13.52 19.22
N GLY C 649 -57.62 13.18 20.19
CA GLY C 649 -57.09 14.13 21.14
C GLY C 649 -58.13 14.77 22.04
N CYS C 650 -59.35 14.23 22.01
CA CYS C 650 -60.47 14.91 22.66
C CYS C 650 -60.27 15.04 24.16
N PHE C 651 -59.76 14.00 24.82
CA PHE C 651 -59.60 14.05 26.26
C PHE C 651 -58.59 15.11 26.67
N GLN C 652 -57.55 15.33 25.88
CA GLN C 652 -56.55 16.34 26.20
C GLN C 652 -57.09 17.75 26.01
N VAL C 653 -57.91 17.96 24.98
CA VAL C 653 -58.46 19.29 24.71
C VAL C 653 -59.37 19.73 25.84
N ILE C 654 -60.27 18.84 26.26
CA ILE C 654 -61.24 19.20 27.30
C ILE C 654 -60.52 19.50 28.61
N LYS C 655 -59.45 18.77 28.92
CA LYS C 655 -58.65 19.08 30.11
C LYS C 655 -58.16 20.53 30.08
N LEU C 656 -57.58 20.94 28.95
CA LEU C 656 -57.09 22.31 28.82
C LEU C 656 -58.23 23.31 28.92
N LEU C 657 -59.38 22.99 28.32
CA LEU C 657 -60.53 23.89 28.39
C LEU C 657 -60.99 24.10 29.83
N SER C 658 -61.05 23.02 30.61
CA SER C 658 -61.62 23.10 31.94
C SER C 658 -60.66 23.74 32.94
N ARG C 659 -59.35 23.62 32.72
CA ARG C 659 -58.35 24.19 33.62
C ARG C 659 -57.76 25.50 33.09
N ARG C 660 -58.43 26.15 32.15
CA ARG C 660 -57.90 27.36 31.55
C ARG C 660 -57.73 28.47 32.59
N PRO C 661 -56.53 29.01 32.77
CA PRO C 661 -56.36 30.11 33.72
C PRO C 661 -57.01 31.39 33.21
N ARG C 662 -57.75 32.05 34.10
CA ARG C 662 -58.52 33.24 33.76
C ARG C 662 -57.81 34.54 34.11
N ASN C 663 -56.89 34.53 35.08
CA ASN C 663 -56.23 35.75 35.51
C ASN C 663 -54.75 35.46 35.74
N TRP C 664 -54.02 36.54 36.03
CA TRP C 664 -52.57 36.41 36.26
C TRP C 664 -52.28 35.48 37.42
N SER C 665 -53.13 35.52 38.46
CA SER C 665 -52.93 34.67 39.61
C SER C 665 -52.92 33.19 39.20
N GLN C 666 -53.89 32.79 38.38
CA GLN C 666 -53.97 31.39 37.97
C GLN C 666 -52.85 30.99 37.01
N CYS C 667 -52.24 31.96 36.31
CA CYS C 667 -51.05 31.65 35.54
C CYS C 667 -49.89 31.30 36.48
N VAL C 668 -49.77 32.04 37.59
CA VAL C 668 -48.74 31.76 38.57
C VAL C 668 -48.97 30.41 39.23
N GLU C 669 -50.23 30.11 39.58
CA GLU C 669 -50.52 28.82 40.20
C GLU C 669 -50.21 27.66 39.26
N LEU C 670 -50.55 27.82 37.97
CA LEU C 670 -50.23 26.79 37.00
C LEU C 670 -48.72 26.61 36.87
N ALA C 671 -47.98 27.72 36.84
CA ALA C 671 -46.52 27.62 36.80
C ALA C 671 -45.97 26.95 38.05
N ARG C 672 -46.54 27.26 39.22
CA ARG C 672 -46.12 26.59 40.45
C ARG C 672 -46.48 25.10 40.40
N LEU C 673 -47.66 24.77 39.87
CA LEU C 673 -48.05 23.36 39.76
C LEU C 673 -47.08 22.59 38.89
N LYS C 674 -46.70 23.14 37.73
CA LYS C 674 -45.76 22.45 36.86
C LYS C 674 -44.40 22.27 37.52
N PHE C 675 -43.97 23.23 38.34
CA PHE C 675 -42.73 23.07 39.08
C PHE C 675 -42.75 21.81 39.93
N GLU C 676 -43.85 21.62 40.68
CA GLU C 676 -43.96 20.44 41.53
C GLU C 676 -43.98 19.15 40.72
N LYS C 677 -44.60 19.19 39.54
CA LYS C 677 -44.73 17.99 38.72
C LYS C 677 -43.40 17.63 38.07
N TYR C 678 -42.70 18.61 37.50
CA TYR C 678 -41.49 18.32 36.74
C TYR C 678 -40.31 18.02 37.65
N PHE C 679 -40.23 18.71 38.80
CA PHE C 679 -39.01 18.72 39.59
C PHE C 679 -39.15 18.07 40.96
N ASN C 680 -40.34 17.55 41.30
CA ASN C 680 -40.55 16.87 42.58
C ASN C 680 -41.25 15.53 42.36
N HIS C 681 -42.48 15.57 41.80
CA HIS C 681 -43.24 14.34 41.59
C HIS C 681 -42.50 13.39 40.65
N LYS C 682 -41.83 13.92 39.63
CA LYS C 682 -41.09 13.07 38.70
C LYS C 682 -40.04 12.24 39.45
N ALA C 683 -39.31 12.85 40.37
CA ALA C 683 -38.32 12.12 41.16
C ALA C 683 -38.97 11.04 42.01
N LEU C 684 -40.10 11.38 42.66
CA LEU C 684 -40.77 10.41 43.52
C LEU C 684 -41.33 9.24 42.71
N GLN C 685 -41.79 9.50 41.48
CA GLN C 685 -42.36 8.43 40.67
C GLN C 685 -41.29 7.42 40.25
N LEU C 686 -40.10 7.91 39.86
CA LEU C 686 -39.02 7.00 39.48
C LEU C 686 -38.66 6.05 40.62
N LEU C 687 -38.58 6.57 41.85
CA LEU C 687 -38.24 5.68 42.97
C LEU C 687 -39.40 4.76 43.31
N HIS C 688 -40.64 5.20 43.09
CA HIS C 688 -41.78 4.32 43.31
C HIS C 688 -41.78 3.14 42.34
N CYS C 689 -41.51 3.40 41.05
CA CYS C 689 -41.46 2.33 40.06
C CYS C 689 -40.25 1.42 40.27
N PHE C 690 -39.11 1.99 40.66
CA PHE C 690 -37.87 1.24 40.83
C PHE C 690 -37.30 1.53 42.20
N PRO C 691 -37.70 0.76 43.22
CA PRO C 691 -37.16 0.96 44.56
C PRO C 691 -35.64 0.86 44.57
N LEU C 692 -35.04 1.50 45.56
CA LEU C 692 -33.59 1.64 45.58
C LEU C 692 -32.87 0.30 45.49
N ASP C 693 -33.50 -0.78 45.96
CA ASP C 693 -32.89 -2.10 46.00
C ASP C 693 -33.51 -3.09 45.03
N ILE C 694 -34.31 -2.62 44.06
CA ILE C 694 -34.97 -3.55 43.15
C ILE C 694 -33.94 -4.25 42.28
N ARG C 695 -34.20 -5.51 41.96
CA ARG C 695 -33.30 -6.30 41.14
C ARG C 695 -34.02 -6.78 39.89
N LEU C 696 -33.25 -7.06 38.85
CA LEU C 696 -33.76 -7.39 37.53
C LEU C 696 -33.78 -8.89 37.30
N LYS C 697 -34.12 -9.28 36.07
CA LYS C 697 -34.23 -10.70 35.73
C LYS C 697 -32.91 -11.43 35.92
N ASP C 698 -31.80 -10.78 35.55
CA ASP C 698 -30.46 -11.34 35.70
C ASP C 698 -29.91 -11.18 37.10
N GLY C 699 -30.74 -10.79 38.08
CA GLY C 699 -30.29 -10.62 39.45
C GLY C 699 -29.51 -9.36 39.73
N SER C 700 -29.18 -8.57 38.72
CA SER C 700 -28.43 -7.36 38.97
C SER C 700 -29.35 -6.26 39.52
N LEU C 701 -28.73 -5.25 40.13
CA LEU C 701 -29.47 -4.09 40.61
C LEU C 701 -29.84 -3.19 39.44
N PHE C 702 -31.06 -2.65 39.49
CA PHE C 702 -31.46 -1.67 38.47
C PHE C 702 -30.63 -0.39 38.59
N TRP C 703 -30.41 0.07 39.81
CA TRP C 703 -29.67 1.32 40.06
C TRP C 703 -28.17 1.01 40.08
N GLN C 704 -27.61 0.81 38.88
CA GLN C 704 -26.18 0.64 38.75
C GLN C 704 -25.55 2.02 38.63
N SER C 705 -24.38 2.20 39.26
CA SER C 705 -23.66 3.46 39.46
C SER C 705 -23.45 4.38 38.26
N PRO C 706 -23.83 4.01 37.04
CA PRO C 706 -24.15 5.06 36.07
C PRO C 706 -25.51 5.69 36.36
N LYS C 707 -26.59 4.91 36.39
CA LYS C 707 -27.90 5.46 36.74
C LYS C 707 -27.99 5.69 38.25
N ARG C 708 -28.41 6.88 38.64
CA ARG C 708 -28.62 7.22 40.04
C ARG C 708 -29.96 7.92 40.22
N PRO C 709 -30.71 7.58 41.25
CA PRO C 709 -32.05 8.15 41.42
C PRO C 709 -31.96 9.65 41.63
N PRO C 710 -32.81 10.42 40.96
CA PRO C 710 -32.83 11.87 41.16
C PRO C 710 -33.37 12.22 42.53
N SER C 711 -33.10 13.46 42.95
CA SER C 711 -33.60 13.92 44.24
C SER C 711 -34.64 14.99 44.02
N PRO C 712 -35.80 14.87 44.67
CA PRO C 712 -36.86 15.88 44.50
C PRO C 712 -36.43 17.22 45.07
N ILE C 713 -36.91 18.28 44.43
CA ILE C 713 -36.55 19.65 44.79
C ILE C 713 -37.71 20.27 45.55
N LYS C 714 -37.40 20.91 46.68
CA LYS C 714 -38.40 21.61 47.47
C LYS C 714 -38.43 23.07 47.02
N PHE C 715 -39.60 23.53 46.57
CA PHE C 715 -39.72 24.88 46.01
C PHE C 715 -39.40 25.94 47.05
N ASP C 716 -38.54 26.90 46.68
CA ASP C 716 -38.11 27.96 47.59
C ASP C 716 -37.93 29.23 46.77
N LEU C 717 -38.84 30.19 46.95
CA LEU C 717 -38.81 31.45 46.23
C LEU C 717 -37.56 32.28 46.50
N ASN C 718 -36.79 31.94 47.55
CA ASN C 718 -35.53 32.61 47.81
C ASN C 718 -34.39 32.10 46.93
N GLU C 719 -34.56 30.96 46.27
CA GLU C 719 -33.56 30.49 45.32
C GLU C 719 -33.75 31.22 44.00
N PRO C 720 -32.72 31.89 43.47
CA PRO C 720 -32.91 32.62 42.21
C PRO C 720 -33.30 31.72 41.05
N LEU C 721 -32.82 30.48 41.02
CA LEU C 721 -33.22 29.57 39.95
C LEU C 721 -34.71 29.26 40.01
N HIS C 722 -35.25 29.07 41.22
CA HIS C 722 -36.67 28.79 41.35
C HIS C 722 -37.51 30.00 40.97
N LEU C 723 -37.07 31.20 41.36
CA LEU C 723 -37.81 32.41 41.01
C LEU C 723 -37.84 32.61 39.50
N SER C 724 -36.70 32.42 38.84
CA SER C 724 -36.63 32.62 37.39
C SER C 724 -37.59 31.70 36.65
N PHE C 725 -37.69 30.44 37.08
CA PHE C 725 -38.65 29.53 36.45
C PHE C 725 -40.08 30.03 36.62
N LEU C 726 -40.47 30.33 37.86
CA LEU C 726 -41.84 30.75 38.13
C LEU C 726 -42.21 31.97 37.31
N GLN C 727 -41.32 32.98 37.27
CA GLN C 727 -41.57 34.19 36.51
C GLN C 727 -41.82 33.88 35.03
N ASN C 728 -40.87 33.20 34.39
CA ASN C 728 -40.93 33.03 32.93
C ASN C 728 -41.98 32.01 32.52
N ALA C 729 -42.18 30.95 33.31
CA ALA C 729 -43.27 30.03 32.99
C ALA C 729 -44.62 30.73 33.09
N ALA C 730 -44.82 31.54 34.12
CA ALA C 730 -46.11 32.20 34.32
C ALA C 730 -46.40 33.21 33.22
N LYS C 731 -45.40 33.98 32.79
CA LYS C 731 -45.65 34.97 31.74
C LYS C 731 -45.84 34.30 30.39
N LEU C 732 -45.22 33.14 30.17
CA LEU C 732 -45.47 32.43 28.91
C LEU C 732 -46.86 31.81 28.89
N TYR C 733 -47.30 31.23 30.01
CA TYR C 733 -48.67 30.74 30.09
C TYR C 733 -49.66 31.89 29.92
N ALA C 734 -49.32 33.06 30.47
CA ALA C 734 -50.15 34.25 30.30
C ALA C 734 -50.21 34.71 28.85
N THR C 735 -49.12 34.52 28.09
CA THR C 735 -49.18 34.87 26.67
C THR C 735 -50.07 33.91 25.90
N VAL C 736 -49.94 32.61 26.17
CA VAL C 736 -50.74 31.61 25.47
C VAL C 736 -52.23 31.77 25.77
N TYR C 737 -52.57 32.08 27.02
CA TYR C 737 -53.97 32.18 27.40
C TYR C 737 -54.51 33.60 27.34
N CYS C 738 -53.75 34.52 26.75
CA CYS C 738 -54.21 35.90 26.54
C CYS C 738 -54.64 36.54 27.85
N ILE C 739 -53.74 36.50 28.83
CA ILE C 739 -53.92 37.13 30.13
C ILE C 739 -52.92 38.27 30.23
N PRO C 740 -53.36 39.52 30.35
CA PRO C 740 -52.41 40.63 30.48
C PRO C 740 -51.71 40.64 31.83
N PHE C 741 -50.47 41.13 31.83
CA PHE C 741 -49.68 41.28 33.03
C PHE C 741 -48.84 42.55 32.89
N ALA C 742 -48.70 43.29 34.01
CA ALA C 742 -48.06 44.60 34.01
C ALA C 742 -46.61 44.57 34.48
N GLU C 743 -46.03 43.39 34.64
CA GLU C 743 -44.63 43.20 35.03
C GLU C 743 -44.29 43.73 36.42
N GLU C 744 -45.20 44.49 37.05
CA GLU C 744 -45.04 44.73 38.48
C GLU C 744 -45.53 43.54 39.30
N ASP C 745 -46.34 42.67 38.69
CA ASP C 745 -46.78 41.42 39.28
C ASP C 745 -45.69 40.35 39.27
N LEU C 746 -44.52 40.63 38.69
CA LEU C 746 -43.42 39.68 38.61
C LEU C 746 -42.45 39.77 39.78
N SER C 747 -42.66 40.71 40.71
CA SER C 747 -41.77 40.84 41.86
C SER C 747 -41.86 39.61 42.76
N ALA C 748 -40.76 39.32 43.45
CA ALA C 748 -40.74 38.18 44.36
C ALA C 748 -41.76 38.32 45.47
N ASP C 749 -42.06 39.55 45.89
CA ASP C 749 -43.08 39.75 46.92
C ASP C 749 -44.48 39.52 46.37
N ALA C 750 -44.80 40.08 45.20
CA ALA C 750 -46.11 39.88 44.61
C ALA C 750 -46.35 38.40 44.31
N LEU C 751 -45.30 37.69 43.92
CA LEU C 751 -45.45 36.25 43.64
C LEU C 751 -45.67 35.48 44.93
N LEU C 752 -44.93 35.82 46.00
CA LEU C 752 -45.10 35.14 47.27
C LEU C 752 -46.50 35.35 47.82
N ASN C 753 -47.10 36.53 47.55
CA ASN C 753 -48.48 36.77 47.99
C ASN C 753 -49.45 35.91 47.20
N ILE C 754 -49.26 35.79 45.89
CA ILE C 754 -50.16 34.99 45.07
C ILE C 754 -50.10 33.53 45.50
N LEU C 755 -48.93 33.06 45.91
CA LEU C 755 -48.73 31.68 46.34
C LEU C 755 -48.96 31.46 47.82
N SER C 756 -49.31 32.49 48.58
CA SER C 756 -49.38 32.37 50.04
C SER C 756 -50.48 31.40 50.47
N GLU C 757 -51.65 31.45 49.82
CA GLU C 757 -52.79 30.62 50.18
C GLU C 757 -53.12 29.57 49.12
N VAL C 758 -52.12 29.16 48.34
CA VAL C 758 -52.28 28.13 47.33
C VAL C 758 -51.69 26.83 47.89
N LYS C 759 -52.54 25.84 48.11
CA LYS C 759 -52.07 24.56 48.64
C LYS C 759 -51.36 23.76 47.55
N ILE C 760 -50.35 22.99 47.97
CA ILE C 760 -49.60 22.14 47.06
C ILE C 760 -50.05 20.71 47.27
N GLN C 761 -50.59 20.10 46.23
CA GLN C 761 -51.13 18.74 46.35
C GLN C 761 -50.01 17.74 46.53
N GLU C 762 -50.12 16.92 47.58
CA GLU C 762 -49.14 15.89 47.86
C GLU C 762 -49.16 14.82 46.77
N PHE C 763 -47.99 14.24 46.52
CA PHE C 763 -47.81 13.30 45.43
C PHE C 763 -48.60 12.01 45.65
N LYS C 764 -49.22 11.51 44.58
CA LYS C 764 -49.97 10.26 44.61
C LYS C 764 -49.46 9.37 43.49
N PRO C 765 -48.97 8.16 43.81
CA PRO C 765 -48.42 7.28 42.76
C PRO C 765 -49.52 6.74 41.86
N SER C 766 -49.09 6.10 40.77
CA SER C 766 -49.99 5.43 39.85
C SER C 766 -49.44 4.08 39.41
N GLU C 787 -64.11 4.79 31.70
CA GLU C 787 -64.04 5.56 32.93
C GLU C 787 -63.50 6.96 32.64
N ASP C 788 -62.52 7.03 31.74
CA ASP C 788 -61.99 8.32 31.32
C ASP C 788 -63.08 9.15 30.66
N GLU C 789 -63.90 8.52 29.82
CA GLU C 789 -64.94 9.23 29.09
C GLU C 789 -65.96 9.86 30.02
N ARG C 790 -66.31 9.18 31.12
CA ARG C 790 -67.31 9.73 32.03
C ARG C 790 -66.82 11.03 32.66
N ASN C 791 -65.54 11.11 32.99
CA ASN C 791 -65.01 12.35 33.56
C ASN C 791 -64.81 13.44 32.49
N ALA C 792 -64.52 13.04 31.25
CA ALA C 792 -64.38 14.03 30.19
C ALA C 792 -65.71 14.72 29.89
N ILE C 793 -66.80 13.95 29.88
CA ILE C 793 -68.13 14.53 29.64
C ILE C 793 -68.48 15.53 30.74
N PHE C 794 -68.15 15.21 31.98
CA PHE C 794 -68.48 16.10 33.09
C PHE C 794 -67.79 17.45 32.94
N GLN C 795 -66.51 17.46 32.55
CA GLN C 795 -65.77 18.72 32.45
C GLN C 795 -66.24 19.56 31.27
N LEU C 796 -66.56 18.92 30.14
CA LEU C 796 -67.07 19.67 28.99
C LEU C 796 -68.42 20.31 29.32
N GLU C 797 -69.29 19.56 29.99
CA GLU C 797 -70.56 20.12 30.43
C GLU C 797 -70.33 21.27 31.41
N LYS C 798 -69.39 21.09 32.35
CA LYS C 798 -69.11 22.11 33.35
C LYS C 798 -68.58 23.39 32.70
N ALA C 799 -67.80 23.28 31.63
CA ALA C 799 -67.30 24.47 30.96
C ALA C 799 -68.41 25.20 30.21
N ILE C 800 -69.38 24.46 29.67
CA ILE C 800 -70.49 25.10 28.97
C ILE C 800 -71.44 25.76 29.96
N LEU C 801 -71.71 25.08 31.07
CA LEU C 801 -72.68 25.59 32.04
C LEU C 801 -72.17 26.86 32.72
N SER C 802 -70.86 26.95 32.95
CA SER C 802 -70.27 28.10 33.60
C SER C 802 -69.80 29.16 32.60
N ASN C 803 -70.31 29.11 31.37
CA ASN C 803 -70.01 30.10 30.33
C ASN C 803 -68.49 30.21 30.11
N GLU C 804 -67.80 29.07 30.19
CA GLU C 804 -66.37 29.01 29.97
C GLU C 804 -66.02 28.30 28.67
N ALA C 805 -66.93 28.31 27.70
CA ALA C 805 -66.71 27.70 26.39
C ALA C 805 -67.15 28.64 25.28
N THR C 806 -66.91 29.93 25.45
CA THR C 806 -67.23 30.92 24.43
C THR C 806 -66.15 30.93 23.35
N LYS C 807 -66.27 31.85 22.39
CA LYS C 807 -65.31 31.85 21.29
C LYS C 807 -63.89 32.12 21.77
N SER C 808 -63.72 33.06 22.71
CA SER C 808 -62.39 33.38 23.20
C SER C 808 -61.76 32.22 23.96
N ASP C 809 -62.59 31.37 24.58
CA ASP C 809 -62.08 30.23 25.34
C ASP C 809 -61.67 29.06 24.45
N LEU C 810 -62.11 29.05 23.19
CA LEU C 810 -61.80 27.96 22.28
C LEU C 810 -60.53 28.22 21.46
N GLN C 811 -59.72 29.20 21.86
CA GLN C 811 -58.48 29.50 21.15
C GLN C 811 -57.37 29.79 22.17
N MET C 812 -56.14 29.54 21.74
CA MET C 812 -54.96 29.88 22.51
C MET C 812 -53.96 30.52 21.54
N ALA C 813 -53.10 31.39 22.07
CA ALA C 813 -52.06 31.98 21.25
C ALA C 813 -50.91 30.99 21.11
N VAL C 814 -50.53 30.71 19.88
CA VAL C 814 -49.46 29.76 19.59
C VAL C 814 -48.14 30.52 19.54
N LEU C 815 -47.18 30.09 20.34
CA LEU C 815 -45.85 30.71 20.35
C LEU C 815 -44.90 29.99 19.42
N SER C 816 -43.90 30.72 18.95
CA SER C 816 -42.79 30.16 18.19
C SER C 816 -41.51 30.48 18.92
N PHE C 817 -40.69 29.46 19.19
CA PHE C 817 -39.46 29.66 19.93
C PHE C 817 -38.60 30.70 19.22
N GLU C 818 -38.28 31.78 19.94
CA GLU C 818 -37.55 32.92 19.39
C GLU C 818 -36.36 33.22 20.31
N LYS C 819 -35.19 32.73 19.91
CA LYS C 819 -34.00 32.78 20.75
C LYS C 819 -33.38 34.17 20.85
N ASP C 820 -33.61 35.05 19.87
CA ASP C 820 -32.84 36.29 19.76
C ASP C 820 -33.54 37.51 20.32
N ASP C 821 -34.69 37.34 20.99
CA ASP C 821 -35.36 38.43 21.68
C ASP C 821 -35.28 38.16 23.17
N ASP C 822 -34.41 38.90 23.87
CA ASP C 822 -34.13 38.59 25.27
C ASP C 822 -35.29 38.89 26.20
N HIS C 823 -36.31 39.62 25.74
CA HIS C 823 -37.43 40.00 26.58
C HIS C 823 -38.63 39.06 26.48
N ASN C 824 -38.65 38.14 25.51
CA ASN C 824 -39.78 37.23 25.38
C ASN C 824 -39.76 36.12 26.44
N GLY C 825 -38.65 35.94 27.14
CA GLY C 825 -38.52 34.94 28.18
C GLY C 825 -38.30 33.52 27.70
N HIS C 826 -38.18 33.31 26.39
CA HIS C 826 -38.02 31.95 25.88
C HIS C 826 -36.71 31.32 26.38
N ILE C 827 -35.59 32.04 26.20
CA ILE C 827 -34.30 31.51 26.64
C ILE C 827 -34.27 31.36 28.15
N ASP C 828 -34.86 32.32 28.88
CA ASP C 828 -34.86 32.26 30.34
C ASP C 828 -35.69 31.10 30.85
N PHE C 829 -36.81 30.80 30.19
CA PHE C 829 -37.57 29.60 30.56
C PHE C 829 -36.75 28.34 30.32
N ILE C 830 -36.09 28.26 29.17
CA ILE C 830 -35.30 27.08 28.86
C ILE C 830 -34.17 26.94 29.87
N THR C 831 -33.50 28.05 30.20
CA THR C 831 -32.39 28.01 31.13
C THR C 831 -32.85 27.55 32.51
N ALA C 832 -33.96 28.09 33.00
CA ALA C 832 -34.44 27.74 34.34
C ALA C 832 -34.92 26.30 34.39
N ALA C 833 -35.74 25.89 33.42
CA ALA C 833 -36.25 24.52 33.40
C ALA C 833 -35.11 23.51 33.27
N SER C 834 -34.15 23.80 32.39
CA SER C 834 -33.01 22.90 32.22
C SER C 834 -32.18 22.80 33.49
N ASN C 835 -31.94 23.92 34.16
CA ASN C 835 -31.09 23.91 35.34
C ASN C 835 -31.78 23.25 36.53
N LEU C 836 -33.11 23.31 36.59
CA LEU C 836 -33.82 22.60 37.65
C LEU C 836 -33.76 21.08 37.45
N ARG C 837 -34.01 20.61 36.23
CA ARG C 837 -33.90 19.18 35.97
C ARG C 837 -32.47 18.71 36.21
N ALA C 838 -31.49 19.56 35.84
CA ALA C 838 -30.09 19.26 36.10
C ALA C 838 -29.83 19.12 37.60
N LYS C 839 -30.44 19.97 38.42
CA LYS C 839 -30.21 19.90 39.85
C LYS C 839 -30.68 18.57 40.44
N MET C 840 -31.80 18.03 39.93
CA MET C 840 -32.30 16.74 40.43
C MET C 840 -31.27 15.65 40.24
N TYR C 841 -30.52 15.69 39.14
CA TYR C 841 -29.53 14.68 38.84
C TYR C 841 -28.13 15.13 39.21
N SER C 842 -28.03 16.20 40.00
CA SER C 842 -26.75 16.76 40.46
C SER C 842 -25.82 17.09 39.30
N ILE C 843 -26.39 17.67 38.24
CA ILE C 843 -25.61 18.17 37.11
C ILE C 843 -25.41 19.67 37.31
N GLU C 844 -24.21 20.13 36.99
CA GLU C 844 -23.88 21.54 37.20
C GLU C 844 -24.64 22.40 36.20
N PRO C 845 -25.32 23.46 36.65
CA PRO C 845 -26.14 24.27 35.74
C PRO C 845 -25.31 25.10 34.78
N ALA C 846 -26.01 25.67 33.79
CA ALA C 846 -25.42 26.56 32.80
C ALA C 846 -26.24 27.84 32.72
N ASP C 847 -25.57 28.95 32.45
CA ASP C 847 -26.24 30.25 32.41
C ASP C 847 -26.98 30.42 31.08
N ARG C 848 -27.66 31.57 30.93
CA ARG C 848 -28.50 31.77 29.76
C ARG C 848 -27.68 31.85 28.48
N PHE C 849 -26.47 32.42 28.54
CA PHE C 849 -25.65 32.52 27.34
C PHE C 849 -25.18 31.15 26.87
N LYS C 850 -24.74 30.30 27.80
CA LYS C 850 -24.36 28.93 27.45
C LYS C 850 -25.58 28.14 26.98
N THR C 851 -26.72 28.30 27.66
CA THR C 851 -27.94 27.60 27.26
C THR C 851 -28.36 27.99 25.85
N LYS C 852 -28.33 29.28 25.53
CA LYS C 852 -28.73 29.73 24.20
C LYS C 852 -27.83 29.11 23.14
N ARG C 853 -26.52 29.16 23.35
CA ARG C 853 -25.57 28.56 22.42
C ARG C 853 -25.88 27.08 22.18
N ILE C 854 -26.19 26.34 23.23
CA ILE C 854 -26.44 24.90 23.08
C ILE C 854 -27.80 24.66 22.44
N ALA C 855 -28.82 25.45 22.82
CA ALA C 855 -30.14 25.27 22.23
C ALA C 855 -30.10 25.50 20.73
N GLY C 856 -29.29 26.44 20.27
CA GLY C 856 -29.23 26.68 18.84
C GLY C 856 -28.44 25.66 18.05
N LYS C 857 -27.80 24.70 18.73
CA LYS C 857 -27.01 23.68 18.07
C LYS C 857 -27.70 22.32 18.07
N ILE C 858 -28.89 22.22 18.66
CA ILE C 858 -29.60 20.94 18.76
C ILE C 858 -30.23 20.60 17.42
N ILE C 859 -29.94 19.39 16.92
CA ILE C 859 -30.53 18.92 15.66
C ILE C 859 -31.43 17.71 15.91
N PRO C 860 -32.75 17.84 15.74
CA PRO C 860 -33.63 16.68 15.91
C PRO C 860 -33.41 15.62 14.84
N ALA C 861 -33.49 14.36 15.24
CA ALA C 861 -33.38 13.24 14.32
C ALA C 861 -34.61 13.20 13.40
N ILE C 862 -34.46 12.54 12.25
CA ILE C 862 -35.57 12.36 11.33
C ILE C 862 -35.71 10.87 11.05
N ALA C 863 -36.97 10.39 11.05
CA ALA C 863 -37.23 8.97 10.82
C ALA C 863 -36.71 8.52 9.46
N THR C 864 -36.63 9.44 8.50
CA THR C 864 -36.18 9.08 7.15
C THR C 864 -34.71 8.65 7.16
N THR C 865 -33.84 9.51 7.68
CA THR C 865 -32.42 9.18 7.78
C THR C 865 -32.21 7.93 8.64
N THR C 866 -32.93 7.83 9.76
CA THR C 866 -32.78 6.69 10.65
C THR C 866 -33.09 5.40 9.93
N ALA C 867 -34.20 5.37 9.18
CA ALA C 867 -34.56 4.17 8.45
C ALA C 867 -33.54 3.88 7.35
N THR C 868 -32.94 4.90 6.75
CA THR C 868 -32.02 4.66 5.64
C THR C 868 -30.74 3.98 6.10
N VAL C 869 -30.06 4.55 7.10
CA VAL C 869 -28.78 3.95 7.50
C VAL C 869 -29.00 2.56 8.10
N SER C 870 -30.14 2.33 8.77
CA SER C 870 -30.39 1.02 9.34
C SER C 870 -30.59 -0.03 8.26
N GLY C 871 -31.26 0.32 7.17
CA GLY C 871 -31.37 -0.61 6.06
C GLY C 871 -30.03 -0.90 5.43
N LEU C 872 -29.16 0.12 5.32
CA LEU C 872 -27.84 -0.10 4.75
C LEU C 872 -26.98 -0.99 5.66
N VAL C 873 -27.10 -0.81 6.98
CA VAL C 873 -26.37 -1.66 7.93
C VAL C 873 -26.81 -3.11 7.78
N ALA C 874 -28.12 -3.34 7.64
CA ALA C 874 -28.62 -4.70 7.52
C ALA C 874 -28.06 -5.38 6.28
N LEU C 875 -27.89 -4.62 5.19
CA LEU C 875 -27.28 -5.18 3.99
C LEU C 875 -25.84 -5.62 4.26
N GLU C 876 -25.06 -4.78 4.94
CA GLU C 876 -23.68 -5.14 5.24
C GLU C 876 -23.61 -6.34 6.17
N MET C 877 -24.60 -6.49 7.06
CA MET C 877 -24.64 -7.63 7.96
C MET C 877 -24.83 -8.94 7.21
N ILE C 878 -25.60 -8.92 6.12
CA ILE C 878 -25.74 -10.11 5.29
C ILE C 878 -24.38 -10.51 4.72
N LYS C 879 -23.59 -9.53 4.29
CA LYS C 879 -22.26 -9.82 3.76
C LYS C 879 -21.33 -10.37 4.83
N VAL C 880 -21.35 -9.79 6.03
CA VAL C 880 -20.53 -10.30 7.13
C VAL C 880 -20.93 -11.74 7.46
N THR C 881 -22.24 -11.99 7.53
CA THR C 881 -22.76 -13.33 7.77
C THR C 881 -22.23 -14.33 6.74
N GLY C 882 -22.09 -13.90 5.49
CA GLY C 882 -21.61 -14.80 4.46
C GLY C 882 -20.11 -14.94 4.35
N GLY C 883 -19.35 -14.27 5.23
CA GLY C 883 -17.90 -14.28 5.17
C GLY C 883 -17.31 -13.73 3.88
N TYR C 884 -17.86 -12.62 3.38
CA TYR C 884 -17.50 -12.12 2.06
C TYR C 884 -16.14 -11.43 2.06
N PRO C 885 -15.49 -11.34 0.90
CA PRO C 885 -14.18 -10.67 0.82
C PRO C 885 -14.30 -9.16 0.97
N PHE C 886 -13.13 -8.54 1.19
CA PHE C 886 -13.04 -7.10 1.45
C PHE C 886 -13.83 -6.25 0.46
N GLU C 887 -13.74 -6.58 -0.83
CA GLU C 887 -14.30 -5.72 -1.87
C GLU C 887 -15.81 -5.66 -1.85
N ALA C 888 -16.47 -6.64 -1.23
CA ALA C 888 -17.93 -6.66 -1.24
C ALA C 888 -18.53 -5.62 -0.31
N TYR C 889 -17.80 -5.22 0.73
CA TYR C 889 -18.33 -4.33 1.74
C TYR C 889 -18.35 -2.89 1.23
N LYS C 890 -19.29 -2.10 1.73
CA LYS C 890 -19.37 -0.68 1.41
C LYS C 890 -19.64 0.11 2.67
N ASN C 891 -18.86 1.17 2.88
CA ASN C 891 -19.27 2.28 3.72
C ASN C 891 -20.16 3.24 2.90
N CYS C 892 -20.99 4.00 3.62
CA CYS C 892 -21.86 4.99 2.99
C CYS C 892 -21.80 6.29 3.77
N PHE C 893 -21.64 7.40 3.05
CA PHE C 893 -21.71 8.73 3.65
C PHE C 893 -22.73 9.52 2.83
N LEU C 894 -23.76 10.04 3.51
CA LEU C 894 -24.90 10.59 2.80
C LEU C 894 -25.43 11.85 3.47
N ASN C 895 -26.11 12.67 2.68
CA ASN C 895 -26.90 13.80 3.18
C ASN C 895 -28.13 13.92 2.29
N LEU C 896 -29.30 13.59 2.84
CA LEU C 896 -30.53 13.60 2.06
C LEU C 896 -31.00 15.00 1.70
N ALA C 897 -30.44 16.05 2.32
CA ALA C 897 -30.83 17.41 1.95
C ALA C 897 -30.40 17.77 0.54
N ILE C 898 -29.31 17.18 0.03
CA ILE C 898 -28.70 17.67 -1.19
C ILE C 898 -29.47 17.27 -2.49
N PRO C 899 -29.78 15.96 -2.70
CA PRO C 899 -29.41 14.75 -1.97
C PRO C 899 -28.07 14.24 -2.48
N ILE C 900 -27.29 13.59 -1.63
CA ILE C 900 -26.01 13.03 -2.07
C ILE C 900 -25.74 11.77 -1.27
N VAL C 901 -25.32 10.72 -1.98
CA VAL C 901 -25.02 9.41 -1.41
C VAL C 901 -23.68 8.96 -1.97
N VAL C 902 -22.71 8.74 -1.08
CA VAL C 902 -21.35 8.37 -1.47
C VAL C 902 -21.08 6.99 -0.89
N PHE C 903 -21.24 5.95 -1.72
CA PHE C 903 -20.75 4.62 -1.37
C PHE C 903 -19.26 4.51 -1.68
N THR C 904 -18.58 3.66 -0.91
CA THR C 904 -17.13 3.53 -1.02
C THR C 904 -16.68 2.25 -0.34
N GLU C 905 -15.59 1.68 -0.84
CA GLU C 905 -14.96 0.57 -0.13
C GLU C 905 -14.51 1.02 1.25
N THR C 906 -14.47 0.09 2.21
CA THR C 906 -14.13 0.46 3.58
C THR C 906 -12.61 0.61 3.69
N THR C 907 -12.11 0.76 4.92
CA THR C 907 -10.69 1.09 5.13
C THR C 907 -9.85 -0.18 5.11
N GLU C 908 -8.90 -0.26 4.16
CA GLU C 908 -7.98 -1.39 4.10
C GLU C 908 -7.15 -1.49 5.38
N VAL C 909 -7.00 -2.71 5.91
CA VAL C 909 -6.17 -2.90 7.10
C VAL C 909 -4.74 -2.44 6.80
N ARG C 910 -4.13 -1.81 7.79
CA ARG C 910 -2.79 -1.23 7.64
C ARG C 910 -1.78 -2.08 8.37
N LYS C 911 -0.57 -2.16 7.81
CA LYS C 911 0.54 -2.84 8.46
C LYS C 911 1.46 -1.78 9.03
N THR C 912 1.70 -1.83 10.33
CA THR C 912 2.53 -0.86 11.04
C THR C 912 3.89 -1.47 11.37
N LYS C 913 4.96 -0.88 10.85
CA LYS C 913 6.31 -1.38 11.08
C LYS C 913 6.93 -0.71 12.30
N ILE C 914 7.33 -1.52 13.28
CA ILE C 914 8.14 -1.00 14.38
C ILE C 914 9.54 -0.71 13.85
N ARG C 915 10.07 0.47 14.14
CA ARG C 915 11.40 0.79 13.63
C ARG C 915 12.38 -0.26 14.13
N ASN C 916 13.11 -0.87 13.19
CA ASN C 916 14.08 -1.91 13.49
C ASN C 916 13.44 -3.10 14.20
N GLY C 917 12.15 -3.35 13.94
CA GLY C 917 11.42 -4.44 14.57
C GLY C 917 10.43 -5.08 13.60
N ILE C 918 9.52 -5.91 14.13
CA ILE C 918 8.50 -6.57 13.31
C ILE C 918 7.39 -5.61 12.94
N SER C 919 6.41 -6.08 12.16
CA SER C 919 5.23 -5.30 11.84
C SER C 919 4.01 -5.90 12.54
N PHE C 920 2.96 -5.10 12.66
CA PHE C 920 1.72 -5.56 13.29
C PHE C 920 0.53 -4.78 12.75
N THR C 921 -0.66 -5.33 12.99
CA THR C 921 -1.93 -4.66 12.70
C THR C 921 -2.70 -4.41 13.99
N ILE C 922 -3.79 -3.65 13.89
CA ILE C 922 -4.61 -3.33 15.05
C ILE C 922 -5.26 -4.57 15.66
N TRP C 923 -5.32 -5.67 14.92
CA TRP C 923 -5.93 -6.89 15.42
C TRP C 923 -5.00 -7.75 16.26
N ASP C 924 -3.71 -7.39 16.33
CA ASP C 924 -2.71 -8.17 17.07
C ASP C 924 -2.71 -7.82 18.56
N ARG C 925 -2.53 -8.85 19.40
CA ARG C 925 -2.30 -8.69 20.83
C ARG C 925 -1.43 -9.84 21.34
N TRP C 926 -0.62 -9.55 22.34
CA TRP C 926 0.33 -10.51 22.91
C TRP C 926 0.02 -10.84 24.37
N THR C 927 0.35 -12.06 24.78
CA THR C 927 0.23 -12.52 26.17
C THR C 927 1.57 -13.09 26.63
N VAL C 928 1.98 -12.75 27.85
CA VAL C 928 3.18 -13.30 28.47
C VAL C 928 2.79 -13.96 29.79
N HIS C 929 3.24 -15.18 30.00
CA HIS C 929 3.00 -15.91 31.24
C HIS C 929 4.31 -15.92 32.03
N GLY C 930 4.32 -15.21 33.15
CA GLY C 930 5.46 -15.22 34.04
C GLY C 930 5.26 -16.19 35.19
N LYS C 931 6.28 -16.29 36.03
CA LYS C 931 6.21 -17.05 37.25
C LYS C 931 6.63 -16.14 38.40
N GLU C 932 6.72 -16.69 39.60
CA GLU C 932 6.84 -15.83 40.78
C GLU C 932 8.14 -15.03 40.76
N ASP C 933 9.23 -15.62 40.25
CA ASP C 933 10.52 -14.94 40.18
C ASP C 933 10.75 -14.21 38.85
N PHE C 934 9.76 -14.16 37.95
CA PHE C 934 9.93 -13.48 36.66
C PHE C 934 10.21 -12.00 36.88
N THR C 935 11.35 -11.53 36.38
CA THR C 935 11.77 -10.15 36.57
C THR C 935 11.39 -9.25 35.39
N LEU C 936 11.59 -7.95 35.58
CA LEU C 936 11.40 -6.99 34.50
C LEU C 936 12.41 -7.22 33.38
N LEU C 937 13.64 -7.60 33.74
CA LEU C 937 14.62 -7.96 32.72
C LEU C 937 14.13 -9.15 31.90
N ASP C 938 13.54 -10.16 32.57
CA ASP C 938 12.91 -11.26 31.84
C ASP C 938 11.85 -10.75 30.87
N PHE C 939 11.05 -9.76 31.31
CA PHE C 939 9.99 -9.22 30.46
C PHE C 939 10.58 -8.48 29.25
N ILE C 940 11.59 -7.65 29.48
CA ILE C 940 12.25 -6.95 28.38
C ILE C 940 12.82 -7.95 27.38
N ASN C 941 13.42 -9.04 27.87
CA ASN C 941 13.96 -10.05 26.96
C ASN C 941 12.86 -10.71 26.16
N ALA C 942 11.71 -10.97 26.78
CA ALA C 942 10.60 -11.58 26.06
C ALA C 942 10.05 -10.62 25.01
N VAL C 943 9.97 -9.33 25.33
CA VAL C 943 9.52 -8.33 24.37
C VAL C 943 10.48 -8.28 23.18
N LYS C 944 11.79 -8.33 23.46
CA LYS C 944 12.78 -8.28 22.38
C LYS C 944 12.63 -9.47 21.44
N GLU C 945 12.39 -10.67 21.99
CA GLU C 945 12.24 -11.84 21.12
C GLU C 945 10.98 -11.73 20.27
N LYS C 946 9.88 -11.23 20.84
CA LYS C 946 8.61 -11.17 20.13
C LYS C 946 8.58 -10.07 19.08
N TYR C 947 9.10 -8.88 19.41
CA TYR C 947 8.94 -7.73 18.54
C TYR C 947 10.24 -7.29 17.88
N GLY C 948 11.37 -7.91 18.25
CA GLY C 948 12.62 -7.79 17.54
C GLY C 948 13.56 -6.75 18.10
N ILE C 949 13.06 -5.89 19.00
CA ILE C 949 13.85 -4.81 19.58
C ILE C 949 13.27 -4.51 20.96
N GLU C 950 14.09 -3.89 21.80
CA GLU C 950 13.66 -3.54 23.15
C GLU C 950 12.74 -2.31 23.10
N PRO C 951 11.69 -2.30 23.92
CA PRO C 951 10.80 -1.14 23.96
C PRO C 951 11.48 0.07 24.57
N THR C 952 10.88 1.23 24.34
CA THR C 952 11.33 2.44 25.02
C THR C 952 10.43 2.84 26.18
N MET C 953 9.27 2.20 26.34
CA MET C 953 8.32 2.56 27.39
C MET C 953 7.51 1.34 27.77
N VAL C 954 7.25 1.17 29.07
CA VAL C 954 6.32 0.16 29.57
C VAL C 954 5.41 0.84 30.58
N VAL C 955 4.11 0.82 30.32
CA VAL C 955 3.12 1.55 31.10
C VAL C 955 2.00 0.61 31.52
N GLN C 956 1.50 0.79 32.74
CA GLN C 956 0.32 0.09 33.26
C GLN C 956 -0.76 1.12 33.58
N GLY C 957 -1.76 1.24 32.72
CA GLY C 957 -2.79 2.23 32.95
C GLY C 957 -2.21 3.63 33.03
N VAL C 958 -2.15 4.18 34.25
CA VAL C 958 -1.55 5.51 34.46
C VAL C 958 -0.15 5.44 35.06
N LYS C 959 0.28 4.29 35.57
CA LYS C 959 1.62 4.17 36.13
C LYS C 959 2.66 4.00 35.04
N MET C 960 3.74 4.78 35.12
CA MET C 960 4.89 4.67 34.23
C MET C 960 5.87 3.67 34.85
N LEU C 961 5.84 2.43 34.37
CA LEU C 961 6.63 1.39 35.01
C LEU C 961 8.12 1.43 34.65
N TYR C 962 8.45 1.63 33.37
CA TYR C 962 9.86 1.49 32.97
C TYR C 962 10.12 2.28 31.69
N VAL C 963 11.04 3.25 31.79
CA VAL C 963 11.51 4.04 30.66
C VAL C 963 13.03 3.97 30.70
N PRO C 964 13.65 3.13 29.86
CA PRO C 964 15.08 2.80 30.06
C PRO C 964 16.01 4.00 30.06
N VAL C 965 15.73 5.05 29.28
CA VAL C 965 16.63 6.21 29.28
C VAL C 965 16.46 7.10 30.49
N MET C 966 15.39 6.91 31.27
CA MET C 966 15.17 7.76 32.42
C MET C 966 16.18 7.48 33.53
N PRO C 967 16.69 8.51 34.19
CA PRO C 967 17.69 8.31 35.25
C PRO C 967 17.18 7.38 36.33
N GLY C 968 18.01 6.42 36.72
CA GLY C 968 17.72 5.52 37.81
C GLY C 968 16.72 4.43 37.49
N HIS C 969 16.29 4.31 36.24
CA HIS C 969 15.34 3.26 35.87
C HIS C 969 16.02 1.93 35.60
N ALA C 970 17.33 1.92 35.31
CA ALA C 970 18.03 0.67 35.05
C ALA C 970 18.00 -0.26 36.26
N LYS C 971 17.98 0.30 37.47
CA LYS C 971 17.89 -0.55 38.66
C LYS C 971 16.59 -1.33 38.71
N ARG C 972 15.56 -0.88 38.00
CA ARG C 972 14.27 -1.56 38.03
C ARG C 972 14.32 -2.88 37.28
N LEU C 973 15.32 -3.09 36.43
CA LEU C 973 15.43 -4.35 35.69
C LEU C 973 15.59 -5.54 36.62
N LYS C 974 16.22 -5.35 37.78
CA LYS C 974 16.46 -6.44 38.71
C LYS C 974 15.22 -6.78 39.54
N LEU C 975 14.19 -5.95 39.51
CA LEU C 975 12.99 -6.19 40.31
C LEU C 975 12.10 -7.27 39.68
N THR C 976 11.42 -8.00 40.54
CA THR C 976 10.45 -8.98 40.07
C THR C 976 9.21 -8.24 39.53
N MET C 977 8.47 -8.90 38.64
CA MET C 977 7.28 -8.24 38.08
C MET C 977 6.22 -8.02 39.15
N HIS C 978 6.19 -8.87 40.19
CA HIS C 978 5.30 -8.65 41.33
C HIS C 978 5.62 -7.33 42.04
N LYS C 979 6.89 -7.12 42.39
CA LYS C 979 7.27 -5.90 43.10
C LYS C 979 7.15 -4.67 42.22
N LEU C 980 7.25 -4.83 40.89
CA LEU C 980 7.13 -3.69 39.99
C LEU C 980 5.68 -3.25 39.81
N VAL C 981 4.77 -4.21 39.66
CA VAL C 981 3.37 -3.89 39.36
C VAL C 981 2.57 -3.66 40.64
N LYS C 982 2.81 -4.47 41.67
CA LYS C 982 2.09 -4.45 42.94
C LYS C 982 0.61 -4.77 42.74
N PRO C 983 0.25 -6.04 42.54
CA PRO C 983 -1.16 -6.36 42.29
C PRO C 983 -1.91 -6.87 43.51
N THR C 984 -3.17 -6.43 43.64
CA THR C 984 -4.13 -6.95 44.60
C THR C 984 -5.51 -6.83 43.96
N THR C 985 -5.72 -5.72 43.23
CA THR C 985 -6.98 -5.51 42.53
C THR C 985 -7.14 -6.50 41.39
N GLU C 986 -6.16 -6.57 40.50
CA GLU C 986 -6.10 -7.61 39.47
C GLU C 986 -5.10 -8.65 39.95
N LYS C 987 -5.61 -9.70 40.60
CA LYS C 987 -4.73 -10.74 41.11
C LYS C 987 -4.19 -11.63 40.00
N LYS C 988 -4.91 -11.75 38.89
CA LYS C 988 -4.55 -12.76 37.89
C LYS C 988 -3.60 -12.22 36.81
N TYR C 989 -3.90 -11.05 36.24
CA TYR C 989 -3.08 -10.52 35.16
C TYR C 989 -3.06 -9.00 35.25
N VAL C 990 -2.23 -8.39 34.41
CA VAL C 990 -2.18 -6.93 34.29
C VAL C 990 -2.02 -6.59 32.82
N ASP C 991 -2.71 -5.53 32.37
CA ASP C 991 -2.65 -5.08 30.99
C ASP C 991 -1.64 -3.94 30.88
N LEU C 992 -0.68 -4.10 29.97
CA LEU C 992 0.44 -3.19 29.85
C LEU C 992 0.42 -2.57 28.45
N THR C 993 0.93 -1.34 28.35
CA THR C 993 1.10 -0.66 27.08
C THR C 993 2.59 -0.53 26.82
N VAL C 994 3.04 -1.14 25.73
CA VAL C 994 4.47 -1.21 25.42
C VAL C 994 4.68 -0.38 24.17
N SER C 995 5.63 0.55 24.22
CA SER C 995 5.88 1.45 23.12
C SER C 995 7.34 1.35 22.67
N PHE C 996 7.58 1.82 21.45
CA PHE C 996 8.85 1.62 20.77
C PHE C 996 9.33 2.94 20.18
N ALA C 997 10.62 3.01 19.91
CA ALA C 997 11.20 4.24 19.39
C ALA C 997 10.64 4.52 17.99
N PRO C 998 10.29 5.78 17.69
CA PRO C 998 9.63 6.08 16.42
C PRO C 998 10.58 6.14 15.23
N ASP C 999 9.98 6.08 14.04
CA ASP C 999 10.76 6.13 12.79
C ASP C 999 11.62 7.39 12.74
N ILE C 1000 11.06 8.53 13.14
CA ILE C 1000 11.77 9.80 13.18
C ILE C 1000 11.98 10.18 14.64
N ASP C 1001 13.24 10.36 15.03
CA ASP C 1001 13.57 10.69 16.42
C ASP C 1001 12.82 11.93 16.89
N GLY C 1002 12.33 11.89 18.12
CA GLY C 1002 11.60 13.00 18.67
C GLY C 1002 10.10 12.94 18.43
N ASP C 1003 9.64 12.06 17.56
CA ASP C 1003 8.20 11.89 17.46
C ASP C 1003 7.70 11.08 18.66
N GLU C 1004 6.39 10.96 18.74
CA GLU C 1004 5.78 10.19 19.80
C GLU C 1004 6.18 8.72 19.64
N ASP C 1005 6.51 8.07 20.75
CA ASP C 1005 6.86 6.65 20.69
C ASP C 1005 5.67 5.84 20.19
N LEU C 1006 5.97 4.81 19.42
CA LEU C 1006 4.90 4.05 18.77
C LEU C 1006 4.37 2.98 19.72
N PRO C 1007 3.08 3.00 20.05
CA PRO C 1007 2.54 1.91 20.88
C PRO C 1007 2.44 0.65 20.05
N GLY C 1008 2.79 -0.48 20.66
CA GLY C 1008 2.71 -1.74 19.98
C GLY C 1008 1.40 -2.41 20.37
N PRO C 1009 1.22 -3.66 19.95
CA PRO C 1009 -0.01 -4.35 20.30
C PRO C 1009 -0.18 -4.43 21.80
N PRO C 1010 -1.41 -4.50 22.29
CA PRO C 1010 -1.64 -4.64 23.74
C PRO C 1010 -1.00 -5.89 24.30
N VAL C 1011 -0.51 -5.78 25.54
CA VAL C 1011 0.23 -6.84 26.20
C VAL C 1011 -0.46 -7.18 27.52
N ARG C 1012 -0.81 -8.46 27.69
CA ARG C 1012 -1.33 -8.96 28.95
C ARG C 1012 -0.25 -9.82 29.62
N TYR C 1013 0.08 -9.50 30.88
CA TYR C 1013 1.08 -10.23 31.63
C TYR C 1013 0.41 -10.99 32.76
N TYR C 1014 0.58 -12.31 32.77
CA TYR C 1014 0.05 -13.18 33.82
C TYR C 1014 1.13 -13.44 34.87
N PHE C 1015 0.72 -13.43 36.14
CA PHE C 1015 1.68 -13.64 37.23
C PHE C 1015 2.01 -15.10 37.45
N SER C 1016 1.06 -16.01 37.20
CA SER C 1016 1.36 -17.44 37.28
C SER C 1016 0.95 -18.18 36.00
N HIS D 4 5.02 14.59 -17.26
CA HIS D 4 5.74 15.74 -16.72
C HIS D 4 4.91 16.42 -15.64
N HIS D 5 5.58 16.94 -14.62
CA HIS D 5 4.88 17.58 -13.50
C HIS D 5 4.32 18.94 -13.90
N HIS D 6 3.02 19.11 -13.69
CA HIS D 6 2.33 20.36 -13.98
C HIS D 6 1.50 20.78 -12.78
N HIS D 7 1.09 22.05 -12.78
CA HIS D 7 0.13 22.53 -11.80
C HIS D 7 -1.26 22.06 -12.21
N MET D 8 -2.15 21.89 -11.24
CA MET D 8 -3.40 21.20 -11.51
C MET D 8 -4.50 21.70 -10.59
N GLN D 9 -5.75 21.62 -11.07
CA GLN D 9 -6.93 21.97 -10.30
C GLN D 9 -7.78 20.73 -10.05
N ILE D 10 -8.13 20.49 -8.78
CA ILE D 10 -9.07 19.45 -8.42
C ILE D 10 -10.11 20.05 -7.48
N PHE D 11 -11.27 19.40 -7.41
CA PHE D 11 -12.41 19.86 -6.63
C PHE D 11 -12.62 18.92 -5.45
N VAL D 12 -12.70 19.49 -4.25
CA VAL D 12 -13.00 18.74 -3.04
C VAL D 12 -14.40 19.17 -2.59
N ARG D 13 -15.36 18.27 -2.71
CA ARG D 13 -16.74 18.58 -2.35
C ARG D 13 -17.05 17.97 -0.98
N THR D 14 -17.74 18.75 -0.16
CA THR D 14 -18.31 18.22 1.07
C THR D 14 -19.66 17.57 0.75
N LEU D 15 -20.31 17.06 1.79
CA LEU D 15 -21.68 16.59 1.68
C LEU D 15 -22.68 17.65 2.13
N THR D 16 -22.25 18.92 2.16
CA THR D 16 -23.08 20.06 2.54
C THR D 16 -23.18 21.06 1.40
N GLY D 17 -22.87 20.65 0.18
CA GLY D 17 -23.04 21.50 -0.98
C GLY D 17 -21.92 22.45 -1.27
N ARG D 18 -20.78 22.35 -0.58
CA ARG D 18 -19.66 23.22 -0.84
C ARG D 18 -18.65 22.54 -1.75
N THR D 19 -17.91 23.36 -2.50
CA THR D 19 -16.83 22.87 -3.35
C THR D 19 -15.59 23.70 -3.04
N ILE D 20 -14.52 23.01 -2.68
CA ILE D 20 -13.21 23.62 -2.48
C ILE D 20 -12.40 23.35 -3.73
N THR D 21 -12.00 24.40 -4.43
CA THR D 21 -11.12 24.26 -5.58
C THR D 21 -9.69 24.30 -5.07
N LEU D 22 -8.95 23.21 -5.29
CA LEU D 22 -7.60 23.06 -4.76
C LEU D 22 -6.58 23.20 -5.88
N GLU D 23 -5.54 23.97 -5.61
CA GLU D 23 -4.38 24.05 -6.49
C GLU D 23 -3.37 23.01 -5.99
N VAL D 24 -3.18 21.96 -6.77
CA VAL D 24 -2.31 20.86 -6.39
C VAL D 24 -1.31 20.66 -7.51
N GLU D 25 -0.28 19.87 -7.24
CA GLU D 25 0.62 19.44 -8.28
C GLU D 25 0.36 17.97 -8.56
N SER D 26 0.54 17.60 -9.83
CA SER D 26 0.22 16.24 -10.26
C SER D 26 1.06 15.18 -9.56
N SER D 27 2.22 15.55 -9.00
CA SER D 27 3.09 14.65 -8.28
C SER D 27 2.81 14.59 -6.77
N ASP D 28 1.86 15.38 -6.27
CA ASP D 28 1.60 15.44 -4.83
C ASP D 28 1.28 14.07 -4.25
N THR D 29 1.74 13.85 -3.02
CA THR D 29 1.26 12.74 -2.22
C THR D 29 -0.13 13.07 -1.70
N ILE D 30 -0.88 12.03 -1.31
CA ILE D 30 -2.15 12.25 -0.63
C ILE D 30 -1.92 13.00 0.69
N ASP D 31 -0.80 12.70 1.35
CA ASP D 31 -0.43 13.45 2.56
C ASP D 31 -0.35 14.95 2.28
N ASN D 32 0.29 15.32 1.17
CA ASN D 32 0.45 16.74 0.85
C ASN D 32 -0.88 17.39 0.50
N VAL D 33 -1.80 16.64 -0.14
CA VAL D 33 -3.13 17.17 -0.42
C VAL D 33 -3.88 17.50 0.86
N ARG D 34 -3.76 16.65 1.88
CA ARG D 34 -4.38 16.95 3.17
C ARG D 34 -3.80 18.23 3.76
N ALA D 35 -2.49 18.46 3.56
CA ALA D 35 -1.88 19.70 4.01
C ALA D 35 -2.47 20.89 3.28
N ARG D 36 -2.71 20.74 1.97
CA ARG D 36 -3.30 21.83 1.19
C ARG D 36 -4.72 22.11 1.65
N ILE D 37 -5.48 21.06 1.99
CA ILE D 37 -6.84 21.24 2.48
C ILE D 37 -6.84 21.93 3.84
N GLN D 38 -5.86 21.62 4.69
CA GLN D 38 -5.77 22.28 5.99
C GLN D 38 -5.61 23.78 5.84
N ASP D 39 -4.78 24.23 4.89
CA ASP D 39 -4.57 25.66 4.70
C ASP D 39 -5.85 26.38 4.29
N ARG D 40 -6.73 25.71 3.55
CA ARG D 40 -7.96 26.31 3.06
C ARG D 40 -9.10 26.20 4.04
N GLU D 41 -9.13 25.15 4.88
CA GLU D 41 -10.27 24.86 5.74
C GLU D 41 -9.97 24.89 7.22
N GLY D 42 -8.70 24.77 7.63
CA GLY D 42 -8.36 24.66 9.04
C GLY D 42 -8.58 23.29 9.66
N ILE D 43 -8.83 22.26 8.86
CA ILE D 43 -9.04 20.90 9.36
C ILE D 43 -7.70 20.17 9.37
N PRO D 44 -7.27 19.63 10.51
CA PRO D 44 -6.01 18.87 10.53
C PRO D 44 -6.10 17.66 9.64
N PRO D 45 -4.98 17.25 9.03
CA PRO D 45 -5.00 16.06 8.15
C PRO D 45 -5.59 14.81 8.79
N ASP D 46 -5.36 14.57 10.09
CA ASP D 46 -5.87 13.34 10.69
C ASP D 46 -7.38 13.38 10.94
N GLN D 47 -8.05 14.48 10.61
CA GLN D 47 -9.49 14.59 10.65
C GLN D 47 -10.15 14.59 9.27
N GLN D 48 -9.37 14.47 8.20
CA GLN D 48 -9.89 14.47 6.84
C GLN D 48 -10.02 13.03 6.34
N ARG D 49 -11.23 12.66 5.93
CA ARG D 49 -11.48 11.40 5.24
C ARG D 49 -11.88 11.71 3.79
N LEU D 50 -11.07 11.26 2.84
CA LEU D 50 -11.24 11.63 1.44
C LEU D 50 -11.61 10.39 0.61
N ILE D 51 -12.64 10.54 -0.22
CA ILE D 51 -13.16 9.48 -1.07
C ILE D 51 -12.96 9.87 -2.53
N PHE D 52 -12.42 8.95 -3.34
CA PHE D 52 -12.32 9.17 -4.77
C PHE D 52 -12.69 7.90 -5.52
N ALA D 53 -13.60 8.01 -6.47
CA ALA D 53 -14.00 6.90 -7.34
C ALA D 53 -14.34 5.65 -6.53
N GLY D 54 -15.11 5.85 -5.47
CA GLY D 54 -15.57 4.74 -4.66
C GLY D 54 -14.53 4.07 -3.80
N ARG D 55 -13.36 4.70 -3.60
CA ARG D 55 -12.35 4.20 -2.68
C ARG D 55 -11.86 5.34 -1.79
N GLN D 56 -11.37 4.96 -0.61
CA GLN D 56 -10.85 5.90 0.37
C GLN D 56 -9.35 6.13 0.14
N LEU D 57 -8.96 7.40 0.01
CA LEU D 57 -7.56 7.74 -0.26
C LEU D 57 -6.73 7.63 1.01
N GLU D 58 -5.56 7.00 0.90
CA GLU D 58 -4.72 6.73 2.04
C GLU D 58 -3.37 7.42 1.92
N ASP D 59 -2.79 7.76 3.07
CA ASP D 59 -1.45 8.31 3.11
C ASP D 59 -0.44 7.27 2.62
N GLY D 60 0.73 7.76 2.20
CA GLY D 60 1.72 6.92 1.59
C GLY D 60 1.56 6.72 0.10
N ARG D 61 0.51 7.28 -0.51
CA ARG D 61 0.21 7.16 -1.92
C ARG D 61 0.16 8.55 -2.56
N THR D 62 0.23 8.56 -3.89
CA THR D 62 0.23 9.77 -4.69
C THR D 62 -1.08 9.96 -5.44
N LEU D 63 -1.29 11.18 -5.95
CA LEU D 63 -2.41 11.43 -6.85
C LEU D 63 -2.34 10.54 -8.07
N ALA D 64 -1.13 10.31 -8.60
CA ALA D 64 -0.97 9.43 -9.75
C ALA D 64 -1.33 7.98 -9.42
N ASP D 65 -1.05 7.54 -8.18
CA ASP D 65 -1.42 6.18 -7.79
C ASP D 65 -2.91 5.93 -7.97
N TYR D 66 -3.73 6.95 -7.70
CA TYR D 66 -5.18 6.82 -7.78
C TYR D 66 -5.76 7.32 -9.09
N ASN D 67 -4.90 7.70 -10.05
CA ASN D 67 -5.35 8.22 -11.35
C ASN D 67 -6.22 9.45 -11.19
N ILE D 68 -5.89 10.28 -10.20
CA ILE D 68 -6.59 11.55 -10.02
C ILE D 68 -6.02 12.57 -11.00
N GLN D 69 -6.88 13.21 -11.78
CA GLN D 69 -6.42 14.06 -12.86
C GLN D 69 -7.02 15.45 -12.73
N ARG D 70 -6.67 16.31 -13.68
CA ARG D 70 -7.21 17.66 -13.72
C ARG D 70 -8.73 17.61 -13.69
N GLU D 71 -9.33 18.43 -12.82
CA GLU D 71 -10.77 18.59 -12.68
C GLU D 71 -11.44 17.37 -12.05
N SER D 72 -10.68 16.44 -11.48
CA SER D 72 -11.28 15.34 -10.73
C SER D 72 -12.02 15.88 -9.51
N THR D 73 -13.02 15.13 -9.06
CA THR D 73 -13.79 15.46 -7.87
C THR D 73 -13.49 14.45 -6.76
N LEU D 74 -13.09 14.96 -5.59
CA LEU D 74 -12.94 14.18 -4.37
C LEU D 74 -14.02 14.60 -3.38
N HIS D 75 -14.41 13.68 -2.50
CA HIS D 75 -15.39 14.00 -1.47
C HIS D 75 -14.74 13.95 -0.10
N LEU D 76 -14.99 14.99 0.69
CA LEU D 76 -14.56 15.08 2.08
C LEU D 76 -15.76 14.68 2.94
N VAL D 77 -15.64 13.54 3.64
CA VAL D 77 -16.77 12.93 4.32
C VAL D 77 -16.44 12.81 5.80
N LEU D 78 -17.50 12.66 6.61
CA LEU D 78 -17.34 12.53 8.05
C LEU D 78 -18.43 11.61 8.59
N ARG D 79 -18.17 11.05 9.78
CA ARG D 79 -19.14 10.23 10.50
C ARG D 79 -19.99 11.06 11.44
N LEU D 80 -21.26 10.68 11.58
CA LEU D 80 -22.19 11.32 12.48
C LEU D 80 -22.33 10.48 13.74
N ARG D 81 -22.79 11.10 14.83
CA ARG D 81 -22.79 10.44 16.13
C ARG D 81 -24.17 10.23 16.74
N GLY D 82 -25.25 10.66 16.11
CA GLY D 82 -26.57 10.48 16.68
C GLY D 82 -27.12 9.07 16.48
N GLY D 83 -28.06 8.70 17.35
CA GLY D 83 -28.69 7.36 17.28
C GLY D 83 -29.93 7.16 18.14
#